data_9E1J
#
_entry.id   9E1J
#
_cell.length_a   94.291
_cell.length_b   111.188
_cell.length_c   141.140
_cell.angle_alpha   90.00
_cell.angle_beta   90.00
_cell.angle_gamma   90.00
#
_symmetry.space_group_name_H-M   'P 21 2 21'
#
loop_
_entity.id
_entity.type
_entity.pdbx_description
1 polymer 'Sulfhydrogenase 1 subunit delta'
2 polymer 'Sulfhydrogenase 1 subunit alpha'
3 non-polymer 'IRON/SULFUR CLUSTER'
4 non-polymer 'CARBONMONOXIDE-(DICYANO) IRON'
5 non-polymer 'NICKEL (II) ION'
6 non-polymer 'CHLORIDE ION'
7 water water
#
loop_
_entity_poly.entity_id
_entity_poly.type
_entity_poly.pdbx_seq_one_letter_code
_entity_poly.pdbx_strand_id
1 'polypeptide(L)'
;GKVRIGFYALTSCYGCQLQLAMMDELLQLIPNAEIVCWFMIDRDSIEDEKVDIAFIEGSVSTEEEVELVKKIRENAKIVV
AVGACAVQGGVQSWSEKPLEELWKKVYGDAKVKFQPKKAEPVSKYIKVDYNIYGCPPEKKDFLYALGTFLIGSWPEDIDY
PVCLECRLNGHPCILLEKGEPCLGPVTRAGCNARCPGFGVACIGCRGAIGYDVAWFDSLAKVFKEAGMTKEEIIERMKMF
NGHDERVEKMVAKIFS
;
A,C
2 'polypeptide(L)'
;LPITIDHIARVEGKGGVEIIIGDDGVKEVKLNIIEGPRFFEAITIGKKLEEALAIYPRICSFCSAAHKLTALEAAEKAVG
FVPREEIQALREVLYIGDMIESHALHLYLLVLPDYRGYSSPLKMVNEYKREIEIALKLKNLGTWMMDILGSRAIHQENAV
LGGFGKLPEKSVLEKMKAELREALPLAEYTFELFAKLEQYSEVEGPITHLAVKPRGDAYGIYGDYIKASDGEEFPSEKYR
DYIKEFVVEHSFAKHSHYKGRPFMVGAISRVINNADLLYGKAKELYEANKDLLKGTNPFANNLAQALEIVYFIERAIDLL
DEALAKWPIKPRDEVEIKDGFGVSTTEAPRGILVYALKVENGRVSYADIITPTAFNLAMMEEHVRMMAEKHYNDDPERLK
ILAEMVVRAYDPCISCSVH
;
B,D
#
# COMPACT_ATOMS: atom_id res chain seq x y z
N GLY A 1 -18.40 30.75 16.68
CA GLY A 1 -17.21 29.92 16.59
C GLY A 1 -16.00 30.65 16.05
N LYS A 2 -14.88 29.95 15.99
CA LYS A 2 -13.67 30.51 15.41
C LYS A 2 -13.41 29.81 14.08
N VAL A 3 -12.71 30.49 13.18
CA VAL A 3 -12.34 29.86 11.92
C VAL A 3 -11.20 28.87 12.17
N ARG A 4 -11.47 27.60 11.91
CA ARG A 4 -10.46 26.57 12.14
C ARG A 4 -9.49 26.58 10.98
N ILE A 5 -8.23 26.85 11.30
CA ILE A 5 -7.13 26.88 10.34
C ILE A 5 -6.17 25.74 10.68
N GLY A 6 -5.73 24.99 9.67
CA GLY A 6 -4.58 24.13 9.83
C GLY A 6 -3.54 24.41 8.76
N PHE A 7 -2.30 24.04 9.08
CA PHE A 7 -1.15 24.14 8.17
C PHE A 7 -0.52 22.77 8.15
N TYR A 8 -0.31 22.20 6.98
CA TYR A 8 0.14 20.82 6.87
C TYR A 8 1.32 20.72 5.92
N ALA A 9 2.21 19.77 6.19
CA ALA A 9 3.50 19.69 5.51
C ALA A 9 3.65 18.41 4.71
N LEU A 10 3.90 18.56 3.39
CA LEU A 10 4.34 17.49 2.50
C LEU A 10 5.86 17.57 2.45
N THR A 11 6.48 17.36 1.29
CA THR A 11 7.94 17.42 1.19
C THR A 11 8.34 18.84 0.79
N SER A 12 9.15 19.50 1.61
CA SER A 12 9.38 20.93 1.45
C SER A 12 10.58 21.36 2.26
N CYS A 13 11.01 22.58 2.05
CA CYS A 13 12.05 23.15 2.88
C CYS A 13 11.45 23.84 4.10
N TYR A 14 10.13 23.79 4.27
CA TYR A 14 9.45 24.45 5.38
C TYR A 14 9.54 25.95 5.31
N GLY A 15 10.04 26.54 4.20
CA GLY A 15 10.18 27.98 4.14
C GLY A 15 8.85 28.71 4.11
N CYS A 16 7.84 28.14 3.44
CA CYS A 16 6.52 28.80 3.41
C CYS A 16 5.92 28.85 4.81
N GLN A 17 6.00 27.74 5.53
CA GLN A 17 5.65 27.75 6.96
C GLN A 17 6.46 28.80 7.70
N LEU A 18 7.77 28.82 7.50
CA LEU A 18 8.59 29.71 8.31
C LEU A 18 8.24 31.16 8.03
N GLN A 19 7.86 31.49 6.79
CA GLN A 19 7.48 32.88 6.50
C GLN A 19 6.27 33.27 7.33
N LEU A 20 5.24 32.42 7.33
CA LEU A 20 4.10 32.65 8.23
C LEU A 20 4.57 32.77 9.66
N ALA A 21 5.33 31.80 10.15
CA ALA A 21 5.70 31.85 11.57
C ALA A 21 6.49 33.09 11.92
N MET A 22 7.12 33.76 10.94
CA MET A 22 7.94 34.90 11.30
C MET A 22 7.21 36.18 11.22
N MET A 23 6.03 36.18 10.62
CA MET A 23 5.12 37.31 10.70
C MET A 23 4.79 37.60 12.17
N ASP A 24 5.18 38.78 12.63
CA ASP A 24 5.44 38.93 14.06
C ASP A 24 4.15 39.03 14.89
N GLU A 25 3.25 39.96 14.55
CA GLU A 25 1.98 40.02 15.29
C GLU A 25 0.98 39.07 14.64
N LEU A 26 1.48 37.93 14.12
CA LEU A 26 0.62 36.98 13.44
C LEU A 26 -0.62 36.64 14.25
N LEU A 27 -0.46 36.40 15.55
CA LEU A 27 -1.62 36.09 16.37
C LEU A 27 -2.68 37.19 16.29
N GLN A 28 -2.25 38.46 16.33
CA GLN A 28 -3.12 39.62 16.27
C GLN A 28 -3.66 39.91 14.87
N LEU A 29 -3.21 39.21 13.83
CA LEU A 29 -3.83 39.37 12.52
C LEU A 29 -4.67 38.18 12.07
N ILE A 30 -4.96 37.22 12.95
CA ILE A 30 -5.94 36.18 12.67
C ILE A 30 -6.93 36.07 13.84
N PRO A 31 -7.34 37.20 14.43
CA PRO A 31 -8.04 37.14 15.72
C PRO A 31 -9.34 36.36 15.68
N ASN A 32 -9.99 36.34 14.51
CA ASN A 32 -11.12 35.49 14.16
C ASN A 32 -10.80 34.00 14.15
N ALA A 33 -9.54 33.59 14.25
CA ALA A 33 -9.20 32.23 13.89
C ALA A 33 -8.46 31.53 15.02
N GLU A 34 -8.40 30.22 14.91
CA GLU A 34 -7.71 29.33 15.82
C GLU A 34 -6.91 28.35 14.99
N ILE A 35 -5.68 28.06 15.41
CA ILE A 35 -4.77 27.21 14.65
C ILE A 35 -4.78 25.82 15.26
N VAL A 36 -5.41 24.87 14.58
CA VAL A 36 -5.67 23.57 15.20
C VAL A 36 -4.71 22.48 14.78
N CYS A 37 -3.97 22.63 13.67
CA CYS A 37 -2.87 21.72 13.32
C CYS A 37 -1.73 22.52 12.70
N TRP A 38 -0.57 22.54 13.37
CA TRP A 38 0.63 23.17 12.81
C TRP A 38 1.82 22.60 13.60
N PHE A 39 2.32 21.45 13.15
CA PHE A 39 3.25 20.67 13.98
C PHE A 39 4.54 21.42 14.24
N MET A 40 4.97 22.31 13.31
CA MET A 40 6.26 22.98 13.46
C MET A 40 6.31 23.90 14.67
N ILE A 41 5.16 24.33 15.21
CA ILE A 41 5.15 25.22 16.36
C ILE A 41 4.20 24.76 17.48
N ASP A 42 3.39 23.74 17.28
CA ASP A 42 2.39 23.42 18.30
C ASP A 42 2.38 21.93 18.64
N ARG A 43 2.77 21.58 19.89
CA ARG A 43 2.84 20.17 20.28
C ARG A 43 1.46 19.54 20.38
N ASP A 44 0.39 20.30 20.31
CA ASP A 44 -0.94 19.75 20.51
C ASP A 44 -1.71 19.56 19.22
N SER A 45 -1.08 19.76 18.07
CA SER A 45 -1.82 19.66 16.83
C SER A 45 -2.40 18.25 16.67
N ILE A 46 -3.53 18.18 15.98
CA ILE A 46 -4.15 16.92 15.62
C ILE A 46 -4.42 16.95 14.12
N GLU A 47 -4.00 15.89 13.40
CA GLU A 47 -4.00 15.90 11.92
C GLU A 47 -5.37 15.56 11.34
N ASP A 48 -6.11 14.62 11.94
CA ASP A 48 -7.40 14.20 11.38
C ASP A 48 -8.57 15.04 11.90
N GLU A 49 -8.31 16.23 12.44
CA GLU A 49 -9.37 17.17 12.79
C GLU A 49 -9.84 17.95 11.56
N LYS A 50 -11.14 18.22 11.48
CA LYS A 50 -11.67 18.97 10.34
C LYS A 50 -11.46 20.47 10.53
N VAL A 51 -11.22 21.17 9.42
CA VAL A 51 -10.80 22.57 9.44
C VAL A 51 -11.58 23.39 8.42
N ASP A 52 -11.68 24.69 8.68
CA ASP A 52 -12.28 25.54 7.65
C ASP A 52 -11.28 25.84 6.53
N ILE A 53 -10.04 26.12 6.87
CA ILE A 53 -9.03 26.43 5.86
C ILE A 53 -7.81 25.55 6.10
N ALA A 54 -7.39 24.83 5.05
CA ALA A 54 -6.20 24.00 5.10
C ALA A 54 -5.12 24.63 4.23
N PHE A 55 -3.95 24.87 4.83
CA PHE A 55 -2.76 25.31 4.10
C PHE A 55 -1.81 24.14 3.94
N ILE A 56 -1.50 23.77 2.70
CA ILE A 56 -0.60 22.65 2.41
C ILE A 56 0.67 23.18 1.78
N GLU A 57 1.82 22.79 2.30
CA GLU A 57 3.12 23.26 1.84
C GLU A 57 3.93 22.07 1.36
N GLY A 58 4.36 22.08 0.11
CA GLY A 58 5.24 21.03 -0.35
C GLY A 58 4.67 20.18 -1.46
N SER A 59 5.54 19.49 -2.17
CA SER A 59 5.19 18.54 -3.22
C SER A 59 4.81 17.17 -2.63
N VAL A 60 3.96 16.44 -3.36
CA VAL A 60 3.56 15.09 -2.96
C VAL A 60 4.67 14.14 -3.44
N SER A 61 5.57 13.77 -2.53
CA SER A 61 6.74 12.96 -2.88
C SER A 61 6.83 11.65 -2.10
N THR A 62 5.79 11.26 -1.39
CA THR A 62 5.77 9.90 -0.85
C THR A 62 4.35 9.37 -0.90
N GLU A 63 4.28 8.06 -0.87
CA GLU A 63 3.00 7.35 -0.86
C GLU A 63 2.14 7.80 0.30
N GLU A 64 2.74 8.14 1.43
CA GLU A 64 1.96 8.57 2.58
C GLU A 64 1.46 9.99 2.39
N GLU A 65 2.18 10.80 1.62
CA GLU A 65 1.69 12.13 1.35
C GLU A 65 0.55 12.09 0.34
N VAL A 66 0.51 11.07 -0.52
CA VAL A 66 -0.64 10.88 -1.39
C VAL A 66 -1.90 10.66 -0.57
N GLU A 67 -1.92 9.59 0.23
CA GLU A 67 -3.09 9.32 1.06
C GLU A 67 -3.39 10.46 2.00
N LEU A 68 -2.39 11.29 2.30
CA LEU A 68 -2.58 12.41 3.21
C LEU A 68 -3.36 13.55 2.55
N VAL A 69 -3.00 13.94 1.33
CA VAL A 69 -3.73 15.05 0.74
C VAL A 69 -5.17 14.66 0.49
N LYS A 70 -5.46 13.38 0.25
CA LYS A 70 -6.85 12.96 0.18
C LYS A 70 -7.56 13.06 1.52
N LYS A 71 -6.81 13.07 2.61
CA LYS A 71 -7.44 13.23 3.92
C LYS A 71 -7.73 14.70 4.19
N ILE A 72 -6.76 15.56 3.90
CA ILE A 72 -7.00 16.99 4.07
C ILE A 72 -8.15 17.44 3.19
N ARG A 73 -8.15 17.01 1.93
CA ARG A 73 -9.26 17.40 1.05
C ARG A 73 -10.58 16.96 1.64
N GLU A 74 -10.61 15.74 2.20
CA GLU A 74 -11.82 15.23 2.82
C GLU A 74 -12.18 15.98 4.10
N ASN A 75 -11.19 16.50 4.83
CA ASN A 75 -11.45 17.10 6.13
C ASN A 75 -11.49 18.60 6.10
N ALA A 76 -11.31 19.23 4.93
CA ALA A 76 -11.18 20.66 4.86
C ALA A 76 -12.14 21.23 3.82
N LYS A 77 -12.79 22.33 4.18
CA LYS A 77 -13.71 23.02 3.29
C LYS A 77 -12.96 23.73 2.14
N ILE A 78 -11.88 24.45 2.47
CA ILE A 78 -11.02 25.11 1.49
C ILE A 78 -9.61 24.55 1.58
N VAL A 79 -9.09 24.12 0.44
CA VAL A 79 -7.71 23.65 0.33
C VAL A 79 -6.91 24.73 -0.40
N VAL A 80 -5.88 25.25 0.27
CA VAL A 80 -5.03 26.30 -0.29
C VAL A 80 -3.64 25.70 -0.49
N ALA A 81 -3.25 25.49 -1.75
CA ALA A 81 -1.88 25.07 -2.04
C ALA A 81 -0.94 26.26 -1.90
N VAL A 82 0.14 26.09 -1.13
CA VAL A 82 0.97 27.21 -0.69
C VAL A 82 2.42 26.98 -1.10
N GLY A 83 2.91 27.74 -2.07
CA GLY A 83 4.32 27.73 -2.39
C GLY A 83 4.62 26.97 -3.69
N ALA A 84 5.76 27.33 -4.29
CA ALA A 84 6.19 26.67 -5.52
C ALA A 84 6.21 25.15 -5.39
N CYS A 85 6.53 24.62 -4.20
CA CYS A 85 6.51 23.17 -3.95
C CYS A 85 5.10 22.59 -4.09
N ALA A 86 4.12 23.18 -3.44
CA ALA A 86 2.80 22.58 -3.51
C ALA A 86 1.99 23.01 -4.73
N VAL A 87 2.32 24.17 -5.32
CA VAL A 87 1.56 24.66 -6.46
C VAL A 87 2.09 24.05 -7.75
N GLN A 88 3.41 23.90 -7.88
CA GLN A 88 3.98 23.39 -9.13
C GLN A 88 4.88 22.16 -8.97
N GLY A 89 4.99 21.60 -7.77
CA GLY A 89 5.94 20.55 -7.54
C GLY A 89 7.35 21.02 -7.29
N GLY A 90 7.63 22.31 -7.41
CA GLY A 90 8.87 22.88 -6.88
C GLY A 90 10.10 22.61 -7.72
N VAL A 91 11.21 23.21 -7.28
CA VAL A 91 12.52 22.96 -7.88
C VAL A 91 12.84 21.46 -7.91
N GLN A 92 12.41 20.69 -6.89
CA GLN A 92 12.52 19.23 -6.94
C GLN A 92 11.67 18.67 -8.02
N SER A 93 11.04 19.45 -8.91
CA SER A 93 10.28 18.84 -9.99
C SER A 93 10.87 19.14 -11.35
N TRP A 94 12.14 19.53 -11.47
CA TRP A 94 12.60 19.84 -12.81
C TRP A 94 13.68 18.93 -13.35
N SER A 95 13.83 17.71 -12.84
CA SER A 95 14.34 16.65 -13.70
C SER A 95 13.14 15.84 -14.17
N GLU A 96 13.23 15.34 -15.38
CA GLU A 96 12.20 14.43 -15.82
C GLU A 96 12.60 12.98 -15.61
N LYS A 97 13.93 12.70 -15.38
CA LYS A 97 14.49 11.37 -15.07
C LYS A 97 13.57 10.60 -14.13
N PRO A 98 13.43 9.29 -14.33
CA PRO A 98 12.46 8.54 -13.54
C PRO A 98 12.99 8.27 -12.15
N LEU A 99 12.07 7.92 -11.26
CA LEU A 99 12.41 7.74 -9.85
C LEU A 99 13.61 6.79 -9.65
N GLU A 100 13.58 5.60 -10.29
CA GLU A 100 14.61 4.59 -10.06
C GLU A 100 16.01 5.14 -10.31
N GLU A 101 16.21 5.75 -11.48
CA GLU A 101 17.51 6.37 -11.80
C GLU A 101 17.96 7.34 -10.72
N LEU A 102 17.02 8.11 -10.15
CA LEU A 102 17.41 9.06 -9.11
C LEU A 102 17.68 8.34 -7.79
N TRP A 103 16.79 7.43 -7.39
CA TRP A 103 17.08 6.56 -6.26
C TRP A 103 18.46 5.94 -6.41
N LYS A 104 18.75 5.36 -7.57
CA LYS A 104 20.00 4.63 -7.75
C LYS A 104 21.19 5.57 -7.66
N LYS A 105 21.00 6.83 -8.04
CA LYS A 105 22.17 7.74 -8.10
C LYS A 105 22.56 8.29 -6.75
N VAL A 106 21.63 8.31 -5.80
CA VAL A 106 21.87 8.99 -4.54
C VAL A 106 22.01 7.98 -3.41
N TYR A 107 21.19 6.93 -3.40
CA TYR A 107 21.18 5.92 -2.34
C TYR A 107 21.96 4.65 -2.68
N GLY A 108 22.53 4.57 -3.89
CA GLY A 108 23.04 3.29 -4.36
C GLY A 108 21.88 2.31 -4.52
N ASP A 109 22.12 1.06 -4.08
CA ASP A 109 21.13 0.01 -4.17
C ASP A 109 20.37 -0.20 -2.87
N ALA A 110 20.59 0.66 -1.88
CA ALA A 110 19.96 0.49 -0.57
C ALA A 110 18.44 0.64 -0.69
N LYS A 111 17.71 0.22 0.34
CA LYS A 111 16.28 0.42 0.33
C LYS A 111 15.86 1.17 1.59
N VAL A 112 14.61 1.59 1.62
CA VAL A 112 14.03 2.38 2.70
C VAL A 112 12.57 1.98 2.87
N LYS A 113 12.16 1.80 4.12
CA LYS A 113 10.84 1.23 4.41
C LYS A 113 9.71 2.00 3.73
N PHE A 114 9.84 3.32 3.69
CA PHE A 114 8.83 4.21 3.15
C PHE A 114 8.99 4.26 1.63
N GLN A 115 7.98 4.79 0.94
CA GLN A 115 7.95 4.71 -0.53
C GLN A 115 8.03 6.07 -1.20
N PRO A 116 9.13 6.37 -1.86
CA PRO A 116 9.27 7.69 -2.48
C PRO A 116 8.68 7.73 -3.87
N LYS A 117 7.86 8.74 -4.11
CA LYS A 117 7.29 9.01 -5.42
C LYS A 117 8.10 10.10 -6.10
N LYS A 118 7.77 10.34 -7.36
CA LYS A 118 8.31 11.47 -8.12
C LYS A 118 7.60 12.75 -7.71
N ALA A 119 8.39 13.81 -7.45
CA ALA A 119 7.85 15.09 -6.99
C ALA A 119 6.62 15.48 -7.78
N GLU A 120 5.58 15.92 -7.09
CA GLU A 120 4.35 16.15 -7.81
C GLU A 120 3.50 17.10 -6.99
N PRO A 121 2.82 18.05 -7.62
CA PRO A 121 2.04 19.05 -6.88
C PRO A 121 0.76 18.45 -6.33
N VAL A 122 0.17 19.23 -5.44
CA VAL A 122 -1.09 18.89 -4.80
C VAL A 122 -2.21 18.73 -5.81
N SER A 123 -2.21 19.53 -6.88
CA SER A 123 -3.28 19.48 -7.87
C SER A 123 -3.36 18.11 -8.54
N LYS A 124 -2.27 17.34 -8.49
CA LYS A 124 -2.24 16.04 -9.14
C LYS A 124 -3.23 15.05 -8.51
N TYR A 125 -3.51 15.16 -7.19
CA TYR A 125 -4.28 14.15 -6.47
C TYR A 125 -5.59 14.64 -5.82
N ILE A 126 -5.78 15.94 -5.60
CA ILE A 126 -7.00 16.46 -5.00
C ILE A 126 -7.30 17.81 -5.63
N LYS A 127 -8.50 18.31 -5.39
CA LYS A 127 -8.90 19.61 -5.95
C LYS A 127 -8.39 20.73 -5.05
N VAL A 128 -7.64 21.65 -5.63
CA VAL A 128 -7.14 22.81 -4.90
C VAL A 128 -8.05 24.00 -5.14
N ASP A 129 -8.31 24.76 -4.09
CA ASP A 129 -9.25 25.84 -4.13
C ASP A 129 -8.61 27.22 -4.27
N TYR A 130 -7.33 27.34 -3.94
CA TYR A 130 -6.61 28.59 -4.10
C TYR A 130 -5.12 28.27 -4.05
N ASN A 131 -4.33 29.12 -4.68
CA ASN A 131 -2.88 28.98 -4.68
C ASN A 131 -2.28 30.31 -4.21
N ILE A 132 -1.31 30.21 -3.31
CA ILE A 132 -0.48 31.33 -2.91
C ILE A 132 0.88 31.04 -3.52
N TYR A 133 1.44 32.01 -4.24
CA TYR A 133 2.57 31.75 -5.13
C TYR A 133 3.89 32.21 -4.52
N GLY A 134 4.98 31.58 -4.96
CA GLY A 134 6.31 32.03 -4.59
C GLY A 134 7.14 31.05 -3.80
N CYS A 135 8.45 31.29 -3.75
CA CYS A 135 9.38 30.34 -3.17
C CYS A 135 10.49 31.13 -2.45
N PRO A 136 10.17 31.67 -1.29
CA PRO A 136 8.89 31.51 -0.60
C PRO A 136 7.92 32.64 -1.02
N PRO A 137 6.63 32.53 -0.68
CA PRO A 137 5.70 33.64 -0.96
C PRO A 137 5.97 34.80 0.00
N GLU A 138 5.51 35.98 -0.36
CA GLU A 138 5.81 37.13 0.48
C GLU A 138 4.95 37.11 1.74
N LYS A 139 5.32 37.97 2.70
CA LYS A 139 4.43 38.17 3.83
C LYS A 139 3.08 38.72 3.38
N LYS A 140 3.09 39.63 2.40
CA LYS A 140 1.83 40.24 1.98
CA LYS A 140 1.83 40.24 1.98
C LYS A 140 0.95 39.27 1.21
N ASP A 141 1.53 38.23 0.59
CA ASP A 141 0.73 37.18 -0.06
C ASP A 141 -0.10 36.39 0.97
N PHE A 142 0.39 36.29 2.22
CA PHE A 142 -0.31 35.63 3.33
C PHE A 142 -1.28 36.57 4.02
N LEU A 143 -0.86 37.84 4.19
CA LEU A 143 -1.75 38.83 4.79
C LEU A 143 -2.99 38.97 3.95
N TYR A 144 -2.78 39.12 2.63
CA TYR A 144 -3.89 39.26 1.71
C TYR A 144 -4.83 38.07 1.80
N ALA A 145 -4.28 36.86 1.76
CA ALA A 145 -5.11 35.66 1.67
C ALA A 145 -5.84 35.44 2.98
N LEU A 146 -5.08 35.26 4.06
CA LEU A 146 -5.70 35.17 5.38
C LEU A 146 -6.69 36.32 5.59
N GLY A 147 -6.31 37.53 5.18
CA GLY A 147 -7.23 38.66 5.32
C GLY A 147 -8.53 38.51 4.56
N THR A 148 -8.45 38.24 3.26
CA THR A 148 -9.67 38.11 2.47
C THR A 148 -10.54 36.94 2.94
N PHE A 149 -9.94 35.84 3.40
CA PHE A 149 -10.73 34.67 3.83
C PHE A 149 -11.50 34.97 5.12
N LEU A 150 -10.82 35.55 6.11
CA LEU A 150 -11.41 35.73 7.45
C LEU A 150 -12.51 36.76 7.51
N ILE A 151 -12.85 37.39 6.39
CA ILE A 151 -13.99 38.28 6.32
C ILE A 151 -15.13 37.69 5.50
N GLY A 152 -14.92 36.54 4.84
CA GLY A 152 -15.94 35.89 4.04
C GLY A 152 -15.76 36.06 2.54
N SER A 153 -14.83 36.92 2.12
CA SER A 153 -14.54 37.18 0.72
C SER A 153 -13.67 36.04 0.17
N TRP A 154 -13.32 36.13 -1.12
CA TRP A 154 -12.47 35.13 -1.76
C TRP A 154 -11.31 35.80 -2.47
N PRO A 155 -10.07 35.36 -2.24
CA PRO A 155 -8.91 36.06 -2.80
C PRO A 155 -8.71 35.74 -4.27
N GLU A 156 -7.92 36.60 -4.93
CA GLU A 156 -7.63 36.47 -6.35
C GLU A 156 -6.16 36.75 -6.59
N ASP A 157 -5.63 36.17 -7.66
CA ASP A 157 -4.19 36.09 -7.90
C ASP A 157 -3.74 37.05 -9.01
N ILE A 158 -2.56 37.66 -8.81
CA ILE A 158 -2.00 38.57 -9.81
C ILE A 158 -1.58 37.78 -11.05
N ASP A 159 -1.94 38.28 -12.23
CA ASP A 159 -1.73 37.55 -13.47
C ASP A 159 -0.92 38.35 -14.49
N TYR A 160 -0.10 39.30 -14.05
CA TYR A 160 0.71 40.10 -14.95
C TYR A 160 2.18 39.93 -14.58
N PRO A 161 3.11 40.13 -15.51
CA PRO A 161 4.47 39.72 -15.25
C PRO A 161 5.16 40.63 -14.25
N VAL A 162 6.31 40.17 -13.81
CA VAL A 162 7.17 40.89 -12.89
C VAL A 162 7.56 42.23 -13.50
N CYS A 163 7.58 42.27 -14.84
CA CYS A 163 8.11 43.43 -15.56
C CYS A 163 7.34 44.70 -15.24
N LEU A 164 6.01 44.60 -15.09
CA LEU A 164 5.25 45.77 -14.65
C LEU A 164 5.77 46.27 -13.33
N GLU A 165 6.11 45.36 -12.43
CA GLU A 165 6.54 45.76 -11.11
C GLU A 165 7.99 46.26 -11.18
N CYS A 166 8.74 45.78 -12.16
CA CYS A 166 10.13 46.18 -12.30
C CYS A 166 10.23 47.59 -12.91
N ARG A 167 9.39 47.89 -13.88
CA ARG A 167 9.44 49.20 -14.47
C ARG A 167 8.94 50.25 -13.47
N LEU A 168 7.90 49.89 -12.70
CA LEU A 168 7.35 50.86 -11.75
C LEU A 168 8.39 51.29 -10.72
N ASN A 169 9.27 50.38 -10.32
CA ASN A 169 10.33 50.77 -9.41
C ASN A 169 11.53 51.34 -10.14
N GLY A 170 11.51 51.33 -11.46
CA GLY A 170 12.60 52.00 -12.15
C GLY A 170 13.85 51.18 -12.32
N HIS A 171 13.82 49.91 -11.93
CA HIS A 171 15.00 49.08 -12.11
C HIS A 171 15.45 49.08 -13.57
N PRO A 172 16.73 49.30 -13.85
CA PRO A 172 17.26 48.93 -15.17
C PRO A 172 16.94 47.49 -15.49
N CYS A 173 16.54 47.26 -16.73
CA CYS A 173 16.20 45.94 -17.25
C CYS A 173 17.48 45.17 -17.50
N ILE A 174 17.84 44.26 -16.60
CA ILE A 174 19.09 43.54 -16.81
C ILE A 174 19.00 42.56 -17.96
N LEU A 175 17.77 42.21 -18.40
CA LEU A 175 17.63 41.45 -19.65
C LEU A 175 18.19 42.21 -20.85
N LEU A 176 18.00 43.53 -20.89
CA LEU A 176 18.43 44.36 -22.02
C LEU A 176 19.85 44.89 -21.87
N GLU A 177 20.09 45.71 -20.85
CA GLU A 177 21.42 46.28 -20.67
C GLU A 177 22.50 45.24 -20.36
N LYS A 178 22.11 44.05 -19.87
CA LYS A 178 23.07 43.07 -19.35
C LYS A 178 22.94 41.71 -20.00
N GLY A 179 21.85 41.45 -20.71
CA GLY A 179 21.71 40.17 -21.36
C GLY A 179 21.67 39.01 -20.40
N GLU A 180 21.17 39.21 -19.12
CA GLU A 180 20.93 38.05 -18.28
C GLU A 180 19.54 37.48 -18.58
N PRO A 181 19.36 36.18 -18.51
CA PRO A 181 18.14 35.61 -19.12
C PRO A 181 16.95 35.65 -18.16
N CYS A 182 16.55 36.86 -17.80
CA CYS A 182 15.51 37.10 -16.81
C CYS A 182 14.17 36.49 -17.18
N LEU A 183 13.55 35.79 -16.23
CA LEU A 183 12.27 35.14 -16.50
C LEU A 183 11.08 36.03 -16.13
N GLY A 184 11.33 37.27 -15.78
CA GLY A 184 10.29 38.23 -15.50
C GLY A 184 9.14 38.30 -16.50
N PRO A 185 9.43 38.43 -17.81
CA PRO A 185 8.34 38.48 -18.80
C PRO A 185 7.31 37.38 -18.67
N VAL A 186 7.68 36.25 -18.06
CA VAL A 186 6.79 35.10 -17.99
C VAL A 186 6.49 34.66 -16.57
N THR A 187 6.95 35.39 -15.56
CA THR A 187 6.67 35.08 -14.17
C THR A 187 5.70 36.09 -13.58
N ARG A 188 4.65 35.60 -12.94
CA ARG A 188 3.69 36.51 -12.35
C ARG A 188 4.33 37.38 -11.29
N ALA A 189 3.71 38.55 -11.10
CA ALA A 189 4.19 39.62 -10.24
C ALA A 189 3.82 39.37 -8.77
N GLY A 190 4.36 40.20 -7.88
CA GLY A 190 4.00 40.10 -6.50
C GLY A 190 5.15 40.39 -5.58
N CYS A 191 6.36 40.16 -6.08
CA CYS A 191 7.54 40.22 -5.23
C CYS A 191 8.14 41.59 -5.20
N ASN A 192 7.54 42.53 -5.91
CA ASN A 192 8.09 43.87 -6.07
C ASN A 192 9.39 43.85 -6.86
N ALA A 193 9.49 42.93 -7.80
CA ALA A 193 10.69 42.75 -8.64
C ALA A 193 11.98 42.73 -7.83
N ARG A 194 11.96 41.94 -6.74
CA ARG A 194 13.12 41.80 -5.86
C ARG A 194 14.39 41.50 -6.63
N CYS A 195 14.37 40.46 -7.43
CA CYS A 195 15.63 40.00 -8.02
C CYS A 195 16.18 41.03 -8.99
N PRO A 196 15.46 41.47 -10.02
CA PRO A 196 16.02 42.57 -10.84
C PRO A 196 16.42 43.76 -9.99
N GLY A 197 15.75 43.98 -8.84
CA GLY A 197 16.12 45.10 -7.96
C GLY A 197 17.50 44.93 -7.33
N PHE A 198 18.07 43.73 -7.41
CA PHE A 198 19.42 43.54 -6.93
C PHE A 198 20.39 43.31 -8.08
N GLY A 199 19.95 43.51 -9.32
CA GLY A 199 20.80 43.24 -10.46
C GLY A 199 20.95 41.77 -10.80
N VAL A 200 19.94 40.94 -10.51
CA VAL A 200 19.98 39.54 -10.89
C VAL A 200 18.66 39.17 -11.57
N ALA A 201 18.75 38.48 -12.69
CA ALA A 201 17.57 37.99 -13.39
C ALA A 201 16.65 37.19 -12.48
N CYS A 202 15.36 37.17 -12.82
CA CYS A 202 14.39 36.40 -12.06
C CYS A 202 14.38 34.95 -12.55
N ILE A 203 14.33 33.99 -11.64
CA ILE A 203 14.35 32.57 -12.04
C ILE A 203 12.94 31.97 -12.04
N GLY A 204 11.90 32.81 -12.01
CA GLY A 204 10.54 32.28 -12.11
C GLY A 204 9.95 31.70 -10.85
N CYS A 205 10.43 32.10 -9.67
CA CYS A 205 10.00 31.39 -8.47
C CYS A 205 8.50 31.49 -8.21
N ARG A 206 7.73 32.37 -8.88
CA ARG A 206 6.30 32.44 -8.58
C ARG A 206 5.43 31.83 -9.67
N GLY A 207 6.01 31.06 -10.58
CA GLY A 207 5.24 30.26 -11.52
C GLY A 207 4.94 30.95 -12.83
N ALA A 208 5.02 30.20 -13.92
CA ALA A 208 4.90 30.74 -15.26
C ALA A 208 3.54 31.36 -15.52
N ILE A 209 3.55 32.48 -16.26
CA ILE A 209 2.33 33.14 -16.70
C ILE A 209 2.41 33.23 -18.23
N GLY A 210 1.26 33.48 -18.85
CA GLY A 210 1.21 33.49 -20.30
C GLY A 210 1.64 34.85 -20.86
N TYR A 211 2.47 34.81 -21.90
CA TYR A 211 2.94 36.03 -22.56
C TYR A 211 1.99 36.43 -23.69
N ASP A 212 0.82 36.95 -23.29
CA ASP A 212 -0.23 37.34 -24.22
C ASP A 212 -0.31 38.85 -24.44
N VAL A 213 0.68 39.61 -23.99
CA VAL A 213 0.70 41.06 -24.21
C VAL A 213 2.13 41.46 -24.52
N ALA A 214 2.31 42.29 -25.54
CA ALA A 214 3.66 42.62 -26.00
C ALA A 214 4.29 43.64 -25.06
N TRP A 215 4.72 43.17 -23.88
CA TRP A 215 5.41 44.05 -22.93
C TRP A 215 6.79 44.46 -23.45
N PHE A 216 7.38 43.69 -24.33
CA PHE A 216 8.55 44.19 -25.05
C PHE A 216 8.15 44.62 -26.46
N ASP A 217 8.94 45.51 -27.04
CA ASP A 217 8.73 45.81 -28.46
C ASP A 217 8.92 44.53 -29.29
N SER A 218 9.90 43.71 -28.88
CA SER A 218 10.12 42.39 -29.49
C SER A 218 11.01 41.58 -28.55
N LEU A 219 10.38 40.93 -27.58
CA LEU A 219 11.07 39.95 -26.75
C LEU A 219 11.83 38.95 -27.61
N ALA A 220 11.24 38.52 -28.74
CA ALA A 220 11.92 37.65 -29.69
C ALA A 220 13.24 38.27 -30.12
N LYS A 221 13.19 39.56 -30.49
CA LYS A 221 14.35 40.31 -30.91
C LYS A 221 15.43 40.32 -29.83
N VAL A 222 15.09 40.76 -28.62
CA VAL A 222 16.09 40.79 -27.54
C VAL A 222 16.57 39.40 -27.20
N PHE A 223 15.65 38.44 -27.11
CA PHE A 223 16.05 37.06 -26.81
C PHE A 223 17.09 36.57 -27.80
N LYS A 224 16.87 36.80 -29.10
CA LYS A 224 17.87 36.41 -30.09
C LYS A 224 19.12 37.28 -30.03
N GLU A 225 18.99 38.56 -29.70
CA GLU A 225 20.18 39.41 -29.77
C GLU A 225 21.16 39.01 -28.69
N ALA A 226 20.65 38.69 -27.51
CA ALA A 226 21.47 38.37 -26.36
C ALA A 226 21.77 36.87 -26.30
N GLY A 227 21.33 36.12 -27.32
CA GLY A 227 21.77 34.76 -27.54
C GLY A 227 21.18 33.76 -26.57
N MET A 228 19.87 33.57 -26.64
CA MET A 228 19.16 32.67 -25.73
C MET A 228 18.15 31.86 -26.53
N THR A 229 18.43 30.58 -26.69
CA THR A 229 17.62 29.81 -27.62
C THR A 229 16.31 29.44 -26.97
N LYS A 230 15.37 29.00 -27.80
CA LYS A 230 14.09 28.54 -27.28
C LYS A 230 14.31 27.40 -26.29
N GLU A 231 15.25 26.50 -26.60
CA GLU A 231 15.58 25.44 -25.67
C GLU A 231 16.18 25.97 -24.38
N GLU A 232 16.88 27.11 -24.46
CA GLU A 232 17.48 27.64 -23.25
C GLU A 232 16.43 28.27 -22.36
N ILE A 233 15.38 28.85 -22.95
CA ILE A 233 14.38 29.50 -22.11
C ILE A 233 13.50 28.44 -21.47
N ILE A 234 13.15 27.41 -22.24
CA ILE A 234 12.27 26.36 -21.74
C ILE A 234 12.89 25.64 -20.54
N GLU A 235 14.22 25.46 -20.57
CA GLU A 235 14.82 24.73 -19.47
C GLU A 235 14.91 25.59 -18.21
N ARG A 236 15.23 26.88 -18.36
CA ARG A 236 15.25 27.78 -17.21
C ARG A 236 13.86 27.88 -16.60
N MET A 237 12.83 27.88 -17.44
CA MET A 237 11.48 27.87 -16.90
C MET A 237 11.13 26.56 -16.24
N LYS A 238 11.78 25.46 -16.61
CA LYS A 238 11.47 24.19 -15.94
C LYS A 238 11.83 24.23 -14.46
N MET A 239 12.80 25.07 -14.09
CA MET A 239 13.32 25.14 -12.73
C MET A 239 12.20 25.24 -11.72
N PHE A 240 11.11 25.91 -12.09
CA PHE A 240 9.94 26.01 -11.24
C PHE A 240 8.66 25.58 -11.91
N ASN A 241 8.70 25.07 -13.14
CA ASN A 241 7.45 24.63 -13.80
C ASN A 241 7.62 23.27 -14.45
N GLY A 242 8.30 22.35 -13.77
CA GLY A 242 8.64 21.04 -14.31
C GLY A 242 7.45 20.23 -14.77
N HIS A 243 6.25 20.53 -14.30
CA HIS A 243 5.05 19.85 -14.78
C HIS A 243 4.15 20.73 -15.65
N ASP A 244 4.52 21.98 -15.93
CA ASP A 244 3.64 22.84 -16.73
C ASP A 244 3.76 22.49 -18.20
N GLU A 245 2.71 21.91 -18.71
CA GLU A 245 2.60 21.39 -20.06
C GLU A 245 2.33 22.49 -21.09
N ARG A 246 2.05 23.71 -20.65
CA ARG A 246 1.98 24.83 -21.56
C ARG A 246 3.32 25.52 -21.75
N VAL A 247 4.26 25.35 -20.81
CA VAL A 247 5.50 26.11 -20.84
C VAL A 247 6.16 26.03 -22.20
N GLU A 248 6.12 24.85 -22.80
CA GLU A 248 6.75 24.67 -24.10
C GLU A 248 6.09 25.51 -25.17
N LYS A 249 4.77 25.70 -25.09
CA LYS A 249 4.05 26.42 -26.13
C LYS A 249 4.20 27.92 -25.97
N MET A 250 4.22 28.42 -24.72
CA MET A 250 4.40 29.85 -24.49
C MET A 250 5.74 30.36 -25.00
N VAL A 251 6.78 29.54 -24.91
CA VAL A 251 8.07 30.00 -25.38
C VAL A 251 8.08 30.03 -26.90
N ALA A 252 7.61 28.95 -27.53
CA ALA A 252 7.62 28.89 -28.99
C ALA A 252 6.78 30.02 -29.57
N LYS A 253 5.66 30.34 -28.92
CA LYS A 253 4.86 31.48 -29.35
C LYS A 253 5.64 32.78 -29.22
N ILE A 254 6.43 32.93 -28.15
CA ILE A 254 7.26 34.13 -28.03
C ILE A 254 8.22 34.20 -29.20
N PHE A 255 8.89 33.08 -29.49
CA PHE A 255 9.86 33.12 -30.58
C PHE A 255 9.22 33.11 -31.97
N SER A 256 7.89 32.98 -32.04
CA SER A 256 7.15 33.23 -33.25
C SER A 256 7.20 34.72 -33.47
N LEU B 1 4.75 -4.06 22.14
CA LEU B 1 4.28 -2.70 22.43
C LEU B 1 5.35 -1.59 22.25
N PRO B 2 5.66 -1.25 21.01
CA PRO B 2 6.48 -0.07 20.75
C PRO B 2 5.75 1.22 21.06
N ILE B 3 6.51 2.22 21.53
CA ILE B 3 6.01 3.55 21.86
C ILE B 3 6.44 4.52 20.76
N THR B 4 5.47 5.02 20.00
CA THR B 4 5.69 5.84 18.82
C THR B 4 5.30 7.29 19.05
N ILE B 5 6.11 8.19 18.53
CA ILE B 5 5.76 9.60 18.40
C ILE B 5 5.65 9.87 16.91
N ASP B 6 4.42 9.91 16.38
CA ASP B 6 4.24 9.90 14.92
C ASP B 6 4.88 11.09 14.24
N HIS B 7 4.59 12.30 14.71
CA HIS B 7 5.09 13.54 14.13
CA HIS B 7 5.10 13.54 14.12
C HIS B 7 5.71 14.37 15.24
N ILE B 8 7.02 14.57 15.18
CA ILE B 8 7.66 15.35 16.23
C ILE B 8 7.41 16.81 15.95
N ALA B 9 6.95 17.52 16.97
CA ALA B 9 6.53 18.90 16.86
C ALA B 9 7.69 19.81 17.20
N ARG B 10 7.67 21.02 16.65
CA ARG B 10 8.68 22.02 17.00
C ARG B 10 10.07 21.56 16.57
N VAL B 11 10.13 20.88 15.42
CA VAL B 11 11.35 20.73 14.67
C VAL B 11 11.02 21.08 13.21
N GLU B 12 12.07 21.30 12.43
CA GLU B 12 11.91 21.46 11.00
C GLU B 12 11.81 20.09 10.33
N GLY B 13 10.85 19.93 9.41
CA GLY B 13 10.74 18.69 8.67
C GLY B 13 9.94 17.62 9.40
N LYS B 14 9.68 16.51 8.68
CA LYS B 14 8.77 15.45 9.09
C LYS B 14 9.58 14.29 9.67
N GLY B 15 9.26 13.91 10.89
CA GLY B 15 10.01 12.86 11.55
C GLY B 15 9.22 12.27 12.71
N GLY B 16 9.59 11.04 13.07
CA GLY B 16 8.95 10.35 14.16
C GLY B 16 9.95 9.61 15.05
N VAL B 17 9.49 9.25 16.23
CA VAL B 17 10.28 8.44 17.13
C VAL B 17 9.50 7.18 17.44
N GLU B 18 10.20 6.05 17.42
CA GLU B 18 9.55 4.80 17.79
C GLU B 18 10.52 4.02 18.64
N ILE B 19 10.07 3.65 19.83
CA ILE B 19 10.86 2.91 20.82
C ILE B 19 10.36 1.47 20.88
N ILE B 20 11.27 0.53 20.65
CA ILE B 20 10.96 -0.90 20.75
C ILE B 20 11.38 -1.35 22.15
N ILE B 21 10.43 -1.86 22.94
CA ILE B 21 10.70 -2.28 24.31
C ILE B 21 10.39 -3.75 24.50
N GLY B 22 11.11 -4.38 25.42
CA GLY B 22 11.02 -5.82 25.63
C GLY B 22 11.31 -6.20 27.06
N ASP B 23 11.68 -7.48 27.26
CA ASP B 23 11.85 -8.01 28.61
C ASP B 23 13.04 -7.37 29.31
N ASP B 24 14.16 -7.24 28.60
CA ASP B 24 15.40 -6.62 29.07
C ASP B 24 15.33 -5.09 29.10
N GLY B 25 14.15 -4.50 28.91
CA GLY B 25 13.97 -3.06 28.96
C GLY B 25 13.76 -2.44 27.60
N VAL B 26 14.54 -1.41 27.29
CA VAL B 26 14.49 -0.75 26.00
C VAL B 26 15.59 -1.34 25.15
N LYS B 27 15.23 -1.83 23.97
CA LYS B 27 16.15 -2.44 23.02
C LYS B 27 16.53 -1.51 21.86
N GLU B 28 15.58 -0.74 21.33
CA GLU B 28 15.86 0.03 20.13
C GLU B 28 15.06 1.33 20.07
N VAL B 29 15.72 2.39 19.59
CA VAL B 29 15.08 3.66 19.31
C VAL B 29 15.27 3.96 17.82
N LYS B 30 14.16 4.11 17.09
CA LYS B 30 14.22 4.39 15.66
C LYS B 30 13.65 5.78 15.40
N LEU B 31 14.47 6.64 14.79
CA LEU B 31 14.03 7.95 14.34
C LEU B 31 13.57 7.82 12.90
N ASN B 32 12.27 7.73 12.70
CA ASN B 32 11.72 7.51 11.36
C ASN B 32 11.71 8.83 10.61
N ILE B 33 12.60 9.00 9.64
CA ILE B 33 12.72 10.27 8.90
C ILE B 33 11.91 10.10 7.62
N ILE B 34 10.64 10.48 7.65
CA ILE B 34 9.83 10.26 6.47
C ILE B 34 9.90 11.40 5.44
N GLU B 35 10.53 12.54 5.76
CA GLU B 35 10.63 13.66 4.81
C GLU B 35 11.13 13.10 3.49
N GLY B 36 10.28 13.16 2.46
CA GLY B 36 10.55 12.57 1.18
C GLY B 36 11.86 13.06 0.66
N PRO B 37 12.51 12.29 -0.21
CA PRO B 37 13.76 12.77 -0.81
C PRO B 37 13.43 13.66 -1.99
N ARG B 38 14.34 14.57 -2.28
CA ARG B 38 14.20 15.52 -3.36
C ARG B 38 15.38 15.45 -4.31
N PHE B 39 16.36 14.62 -3.98
CA PHE B 39 17.34 14.17 -4.97
C PHE B 39 18.16 15.34 -5.48
N PHE B 40 18.37 16.33 -4.62
CA PHE B 40 19.15 17.50 -5.02
C PHE B 40 20.46 17.07 -5.66
N GLU B 41 21.12 16.10 -5.06
CA GLU B 41 22.45 15.70 -5.51
C GLU B 41 22.44 15.19 -6.94
N ALA B 42 21.32 14.59 -7.36
CA ALA B 42 21.22 13.96 -8.65
C ALA B 42 20.73 14.91 -9.74
N ILE B 43 19.68 15.70 -9.47
CA ILE B 43 19.02 16.46 -10.52
C ILE B 43 19.82 17.68 -10.96
N THR B 44 20.70 18.18 -10.11
CA THR B 44 21.63 19.22 -10.54
C THR B 44 22.83 18.68 -11.29
N ILE B 45 22.89 17.37 -11.55
CA ILE B 45 23.95 16.81 -12.38
C ILE B 45 23.58 17.06 -13.83
N GLY B 46 24.47 17.72 -14.57
CA GLY B 46 24.16 18.07 -15.94
C GLY B 46 23.26 19.27 -16.12
N LYS B 47 23.13 20.13 -15.12
CA LYS B 47 22.56 21.47 -15.27
C LYS B 47 23.69 22.48 -15.10
N LYS B 48 23.47 23.69 -15.65
CA LYS B 48 24.51 24.71 -15.66
C LYS B 48 24.81 25.17 -14.23
N LEU B 49 26.07 25.51 -14.01
CA LEU B 49 26.54 25.73 -12.64
C LEU B 49 25.69 26.78 -11.90
N GLU B 50 25.35 27.90 -12.57
CA GLU B 50 24.54 28.90 -11.88
C GLU B 50 23.11 28.43 -11.68
N GLU B 51 22.56 27.68 -12.61
CA GLU B 51 21.19 27.21 -12.41
C GLU B 51 21.10 26.30 -11.18
N ALA B 52 22.09 25.45 -10.98
CA ALA B 52 22.09 24.57 -9.81
C ALA B 52 22.50 25.35 -8.55
N LEU B 53 23.34 26.36 -8.71
CA LEU B 53 23.78 27.16 -7.56
C LEU B 53 22.61 27.93 -6.98
N ALA B 54 21.59 28.18 -7.79
CA ALA B 54 20.42 28.93 -7.37
C ALA B 54 19.39 28.04 -6.71
N ILE B 55 19.58 26.74 -6.77
CA ILE B 55 18.57 25.83 -6.29
C ILE B 55 18.99 25.08 -5.04
N TYR B 56 20.28 24.98 -4.74
CA TYR B 56 20.77 24.35 -3.52
C TYR B 56 20.22 24.97 -2.22
N PRO B 57 19.82 26.24 -2.14
CA PRO B 57 19.22 26.72 -0.88
C PRO B 57 17.81 26.24 -0.59
N ARG B 58 17.05 25.73 -1.56
CA ARG B 58 15.71 25.18 -1.28
C ARG B 58 15.76 23.84 -0.51
N ILE B 59 16.98 23.44 -0.13
CA ILE B 59 17.11 22.29 0.74
C ILE B 59 16.54 22.61 2.11
N CYS B 60 16.63 23.86 2.55
CA CYS B 60 16.29 24.15 3.93
C CYS B 60 16.10 25.63 4.13
N SER B 61 15.05 25.99 4.89
CA SER B 61 14.76 27.41 5.08
C SER B 61 15.47 28.01 6.29
N PHE B 62 15.66 27.24 7.33
CA PHE B 62 16.38 27.73 8.50
C PHE B 62 17.84 27.99 8.21
N CYS B 63 18.45 27.19 7.32
CA CYS B 63 19.88 27.30 7.00
C CYS B 63 20.12 27.70 5.55
N SER B 64 19.08 28.11 4.85
CA SER B 64 19.11 28.60 3.48
C SER B 64 20.42 29.28 3.09
N ALA B 65 20.81 30.29 3.85
CA ALA B 65 21.97 31.05 3.44
C ALA B 65 23.24 30.26 3.61
N ALA B 66 23.30 29.38 4.61
CA ALA B 66 24.44 28.48 4.74
C ALA B 66 24.60 27.61 3.50
N HIS B 67 23.48 27.11 2.96
CA HIS B 67 23.59 26.28 1.77
C HIS B 67 24.19 27.09 0.62
N LYS B 68 23.50 28.16 0.21
CA LYS B 68 23.93 29.00 -0.90
C LYS B 68 25.38 29.47 -0.75
N LEU B 69 25.80 29.83 0.47
CA LEU B 69 27.15 30.37 0.69
C LEU B 69 28.24 29.29 0.70
N THR B 70 27.90 28.05 1.08
CA THR B 70 28.85 26.95 1.09
C THR B 70 29.01 26.36 -0.32
N ALA B 71 27.90 26.08 -0.99
CA ALA B 71 27.95 25.75 -2.40
C ALA B 71 28.69 26.80 -3.22
N LEU B 72 28.57 28.08 -2.88
CA LEU B 72 29.34 29.08 -3.63
C LEU B 72 30.83 28.89 -3.43
N GLU B 73 31.25 28.60 -2.20
CA GLU B 73 32.68 28.46 -1.94
C GLU B 73 33.24 27.29 -2.72
N ALA B 74 32.46 26.23 -2.81
CA ALA B 74 32.90 25.02 -3.46
C ALA B 74 33.03 25.25 -4.97
N ALA B 75 31.98 25.78 -5.59
CA ALA B 75 32.08 26.16 -6.99
C ALA B 75 33.20 27.17 -7.21
N GLU B 76 33.32 28.17 -6.34
CA GLU B 76 34.42 29.11 -6.50
C GLU B 76 35.79 28.48 -6.23
N LYS B 77 35.87 27.28 -5.62
CA LYS B 77 37.12 26.53 -5.50
C LYS B 77 37.36 25.65 -6.72
N ALA B 78 36.31 25.01 -7.23
CA ALA B 78 36.41 24.25 -8.46
C ALA B 78 36.96 25.12 -9.59
N VAL B 79 36.18 26.08 -10.07
CA VAL B 79 36.60 26.97 -11.16
C VAL B 79 37.82 27.81 -10.76
N GLY B 80 38.32 27.64 -9.54
CA GLY B 80 39.53 28.35 -9.17
C GLY B 80 39.39 29.86 -9.10
N PHE B 81 38.28 30.36 -8.53
CA PHE B 81 37.99 31.79 -8.56
C PHE B 81 38.69 32.59 -7.45
N VAL B 82 38.57 32.16 -6.21
CA VAL B 82 38.94 32.97 -5.03
C VAL B 82 38.12 34.26 -4.95
N PRO B 83 37.42 34.51 -3.82
CA PRO B 83 36.79 35.81 -3.57
C PRO B 83 37.84 36.83 -3.15
N ARG B 84 37.41 38.07 -2.99
CA ARG B 84 38.19 39.17 -2.45
C ARG B 84 37.93 39.32 -0.96
N GLU B 85 38.91 39.90 -0.26
CA GLU B 85 38.85 40.04 1.20
C GLU B 85 37.48 40.55 1.70
N GLU B 86 36.99 41.64 1.11
CA GLU B 86 35.79 42.27 1.66
C GLU B 86 34.54 41.55 1.21
N ILE B 87 34.58 40.94 0.02
CA ILE B 87 33.44 40.15 -0.41
C ILE B 87 33.29 38.93 0.49
N GLN B 88 34.41 38.35 0.92
CA GLN B 88 34.36 37.24 1.86
C GLN B 88 33.91 37.69 3.24
N ALA B 89 34.34 38.88 3.69
CA ALA B 89 33.81 39.43 4.94
C ALA B 89 32.29 39.51 4.92
N LEU B 90 31.75 40.30 3.97
CA LEU B 90 30.31 40.43 3.90
C LEU B 90 29.63 39.07 3.69
N ARG B 91 30.32 38.12 3.10
CA ARG B 91 29.80 36.76 3.06
C ARG B 91 29.65 36.20 4.47
N GLU B 92 30.73 36.26 5.25
CA GLU B 92 30.66 35.74 6.62
C GLU B 92 29.55 36.44 7.39
N VAL B 93 29.23 37.67 7.05
CA VAL B 93 28.25 38.45 7.81
C VAL B 93 26.82 38.10 7.39
N LEU B 94 26.58 37.87 6.10
CA LEU B 94 25.30 37.29 5.73
C LEU B 94 25.11 35.94 6.40
N TYR B 95 26.18 35.16 6.53
CA TYR B 95 26.09 33.88 7.22
C TYR B 95 25.71 34.09 8.68
N ILE B 96 26.50 34.89 9.38
CA ILE B 96 26.17 35.29 10.74
C ILE B 96 24.70 35.70 10.84
N GLY B 97 24.20 36.45 9.85
CA GLY B 97 22.79 36.82 9.87
C GLY B 97 21.89 35.62 10.02
N ASP B 98 22.29 34.50 9.41
CA ASP B 98 21.56 33.25 9.49
C ASP B 98 21.80 32.52 10.79
N MET B 99 22.99 32.68 11.38
CA MET B 99 23.24 32.20 12.72
C MET B 99 22.27 32.81 13.71
N ILE B 100 22.14 34.14 13.70
CA ILE B 100 21.34 34.78 14.74
C ILE B 100 19.87 34.40 14.57
N GLU B 101 19.37 34.51 13.37
CA GLU B 101 17.95 34.20 13.16
C GLU B 101 17.63 32.75 13.48
N SER B 102 18.53 31.82 13.12
CA SER B 102 18.26 30.40 13.37
C SER B 102 18.34 30.07 14.87
N HIS B 103 19.46 30.43 15.49
CA HIS B 103 19.59 30.22 16.92
C HIS B 103 18.40 30.79 17.68
N ALA B 104 18.08 32.07 17.47
CA ALA B 104 16.96 32.68 18.19
C ALA B 104 15.67 31.92 17.93
N LEU B 105 15.40 31.59 16.69
CA LEU B 105 14.24 30.76 16.38
C LEU B 105 14.21 29.49 17.24
N HIS B 106 15.37 28.88 17.43
CA HIS B 106 15.37 27.56 17.98
C HIS B 106 15.32 27.60 19.49
N LEU B 107 16.22 28.37 20.12
CA LEU B 107 16.16 28.63 21.56
C LEU B 107 14.77 29.09 22.01
N TYR B 108 14.20 30.12 21.35
CA TYR B 108 12.97 30.71 21.90
C TYR B 108 11.70 30.06 21.40
N LEU B 109 11.56 29.77 20.11
CA LEU B 109 10.27 29.23 19.68
C LEU B 109 10.18 27.71 19.72
N LEU B 110 11.30 26.99 19.75
CA LEU B 110 11.25 25.55 19.61
C LEU B 110 11.59 24.81 20.90
N VAL B 111 12.63 25.25 21.59
CA VAL B 111 13.06 24.62 22.83
C VAL B 111 12.31 25.15 24.05
N LEU B 112 12.33 26.46 24.30
CA LEU B 112 11.81 27.04 25.55
C LEU B 112 10.40 26.61 25.97
N PRO B 113 9.43 26.41 25.08
CA PRO B 113 8.12 25.89 25.56
C PRO B 113 8.20 24.64 26.43
N ASP B 114 9.20 23.78 26.25
CA ASP B 114 9.27 22.56 27.05
C ASP B 114 9.54 22.87 28.51
N TYR B 115 10.52 23.70 28.76
CA TYR B 115 10.85 24.08 30.12
C TYR B 115 9.77 24.96 30.77
N ARG B 116 8.82 25.52 30.00
CA ARG B 116 7.82 26.44 30.52
C ARG B 116 6.42 25.86 30.65
N GLY B 117 6.18 24.65 30.17
CA GLY B 117 4.87 24.06 30.26
C GLY B 117 4.01 24.25 29.04
N TYR B 118 4.50 24.93 28.00
CA TYR B 118 3.65 25.30 26.88
C TYR B 118 3.90 24.38 25.69
N SER B 119 2.84 24.07 24.97
CA SER B 119 3.00 23.26 23.80
C SER B 119 3.49 24.08 22.62
N SER B 120 3.52 25.38 22.75
CA SER B 120 3.57 26.28 21.62
C SER B 120 4.07 27.64 22.03
N PRO B 121 5.04 28.23 21.32
CA PRO B 121 5.53 29.55 21.74
C PRO B 121 4.48 30.60 21.53
N LEU B 122 3.65 30.40 20.51
CA LEU B 122 2.53 31.29 20.32
C LEU B 122 1.72 31.47 21.59
N LYS B 123 1.62 30.42 22.41
CA LYS B 123 0.73 30.49 23.56
C LYS B 123 1.32 31.32 24.68
N MET B 124 2.64 31.33 24.85
CA MET B 124 3.19 31.97 26.04
C MET B 124 3.41 33.45 25.86
N VAL B 125 2.67 34.08 24.93
CA VAL B 125 2.94 35.46 24.53
C VAL B 125 2.66 36.41 25.68
N ASN B 126 1.58 36.17 26.42
CA ASN B 126 1.05 37.02 27.47
C ASN B 126 1.57 36.68 28.86
N GLU B 127 2.26 35.54 29.02
CA GLU B 127 2.90 35.20 30.28
C GLU B 127 4.39 35.48 30.26
N TYR B 128 4.98 35.72 29.09
CA TYR B 128 6.40 35.93 29.01
C TYR B 128 6.68 37.05 28.00
N LYS B 129 6.05 38.20 28.26
CA LYS B 129 6.16 39.36 27.38
C LYS B 129 7.61 39.76 27.13
N ARG B 130 8.39 39.91 28.20
CA ARG B 130 9.77 40.37 28.05
C ARG B 130 10.61 39.39 27.23
N GLU B 131 10.48 38.10 27.53
CA GLU B 131 11.26 37.08 26.84
C GLU B 131 10.95 37.06 25.35
N ILE B 132 9.66 37.06 25.00
CA ILE B 132 9.32 37.01 23.57
C ILE B 132 9.73 38.30 22.85
N GLU B 133 9.42 39.46 23.43
CA GLU B 133 9.96 40.71 22.92
C GLU B 133 11.44 40.59 22.56
N ILE B 134 12.23 39.93 23.40
CA ILE B 134 13.64 39.76 23.12
C ILE B 134 13.87 38.75 22.00
N ALA B 135 13.09 37.67 21.99
CA ALA B 135 13.15 36.72 20.90
C ALA B 135 12.98 37.43 19.56
N LEU B 136 11.89 38.19 19.44
CA LEU B 136 11.58 38.83 18.17
C LEU B 136 12.59 39.89 17.78
N LYS B 137 13.31 40.47 18.72
CA LYS B 137 14.28 41.47 18.32
C LYS B 137 15.52 40.79 17.79
N LEU B 138 15.92 39.69 18.41
CA LEU B 138 17.10 38.99 17.95
C LEU B 138 16.83 38.28 16.63
N LYS B 139 15.73 37.53 16.57
CA LYS B 139 15.38 36.95 15.29
C LYS B 139 15.34 38.02 14.19
N ASN B 140 14.74 39.17 14.48
CA ASN B 140 14.49 40.15 13.43
C ASN B 140 15.74 40.95 13.06
N LEU B 141 16.73 40.98 13.94
CA LEU B 141 18.03 41.47 13.49
C LEU B 141 18.58 40.54 12.42
N GLY B 142 18.63 39.24 12.71
CA GLY B 142 19.17 38.30 11.75
C GLY B 142 18.40 38.28 10.46
N THR B 143 17.09 38.51 10.54
CA THR B 143 16.27 38.51 9.35
C THR B 143 16.53 39.77 8.54
N TRP B 144 16.85 40.86 9.21
CA TRP B 144 17.12 42.09 8.49
C TRP B 144 18.45 41.99 7.75
N MET B 145 19.46 41.42 8.42
CA MET B 145 20.76 41.19 7.78
C MET B 145 20.65 40.43 6.47
N MET B 146 19.76 39.44 6.41
CA MET B 146 19.73 38.57 5.26
C MET B 146 18.93 39.23 4.14
N ASP B 147 18.00 40.13 4.51
CA ASP B 147 17.28 40.96 3.53
C ASP B 147 18.23 41.92 2.84
N ILE B 148 18.92 42.73 3.64
CA ILE B 148 19.89 43.70 3.13
C ILE B 148 20.93 43.02 2.24
N LEU B 149 21.64 42.02 2.77
CA LEU B 149 22.75 41.43 2.01
C LEU B 149 22.35 40.27 1.11
N GLY B 150 21.36 39.45 1.48
CA GLY B 150 21.01 38.31 0.65
C GLY B 150 19.78 38.47 -0.22
N SER B 151 18.94 39.46 0.13
CA SER B 151 17.79 39.97 -0.61
C SER B 151 16.49 39.47 -0.02
N ARG B 152 16.57 38.68 1.05
CA ARG B 152 15.52 37.78 1.49
C ARG B 152 16.04 36.93 2.66
N ALA B 153 15.21 36.62 3.65
CA ALA B 153 15.71 35.77 4.72
C ALA B 153 15.65 34.30 4.36
N ILE B 154 14.89 33.94 3.32
CA ILE B 154 14.77 32.56 2.86
C ILE B 154 15.07 32.58 1.37
N HIS B 155 16.17 31.92 0.97
CA HIS B 155 16.58 31.74 -0.42
C HIS B 155 17.20 33.02 -0.99
N GLN B 156 18.52 33.21 -0.81
CA GLN B 156 19.20 34.49 -0.93
C GLN B 156 19.76 34.71 -2.34
N GLU B 157 18.92 35.19 -3.25
CA GLU B 157 19.31 35.38 -4.64
C GLU B 157 20.33 36.49 -4.86
N ASN B 158 20.74 37.22 -3.81
CA ASN B 158 21.72 38.29 -3.99
C ASN B 158 23.14 37.80 -3.86
N ALA B 159 23.33 36.61 -3.26
CA ALA B 159 24.64 35.98 -3.16
C ALA B 159 24.87 35.17 -4.44
N VAL B 160 25.83 35.58 -5.25
CA VAL B 160 26.01 34.97 -6.57
C VAL B 160 27.47 34.60 -6.74
N LEU B 161 27.76 33.93 -7.86
CA LEU B 161 29.15 33.63 -8.20
C LEU B 161 29.92 34.93 -8.35
N GLY B 162 31.04 35.04 -7.64
CA GLY B 162 31.86 36.22 -7.81
C GLY B 162 31.64 37.34 -6.82
N GLY B 163 30.57 37.25 -6.03
CA GLY B 163 30.29 38.21 -4.97
C GLY B 163 28.80 38.43 -4.86
N PHE B 164 28.33 39.67 -4.86
CA PHE B 164 26.91 39.94 -4.73
C PHE B 164 26.36 40.71 -5.93
N GLY B 165 25.09 40.48 -6.22
CA GLY B 165 24.44 41.26 -7.28
C GLY B 165 24.40 42.76 -7.01
N LYS B 166 24.27 43.16 -5.74
CA LYS B 166 24.19 44.58 -5.39
C LYS B 166 24.42 44.70 -3.90
N LEU B 167 25.29 45.67 -3.52
CA LEU B 167 25.66 45.92 -2.15
C LEU B 167 25.02 47.19 -1.64
N PRO B 168 24.58 47.24 -0.39
CA PRO B 168 23.82 48.40 0.08
C PRO B 168 24.70 49.64 0.19
N GLU B 169 24.03 50.77 0.37
CA GLU B 169 24.75 52.00 0.64
C GLU B 169 25.50 51.87 1.96
N LYS B 170 26.61 52.60 2.06
CA LYS B 170 27.41 52.54 3.27
C LYS B 170 26.60 52.87 4.52
N SER B 171 25.68 53.83 4.42
CA SER B 171 24.89 54.18 5.59
C SER B 171 24.16 52.98 6.16
N VAL B 172 23.75 52.04 5.31
CA VAL B 172 23.02 50.89 5.81
C VAL B 172 23.92 49.98 6.65
N LEU B 173 25.12 49.66 6.15
CA LEU B 173 26.05 48.87 6.98
C LEU B 173 26.30 49.54 8.32
N GLU B 174 26.51 50.86 8.33
CA GLU B 174 26.70 51.55 9.62
C GLU B 174 25.48 51.43 10.52
N LYS B 175 24.27 51.37 9.94
CA LYS B 175 23.10 51.17 10.79
C LYS B 175 23.05 49.75 11.31
N MET B 176 23.62 48.82 10.54
CA MET B 176 23.71 47.43 10.97
C MET B 176 24.60 47.32 12.21
N LYS B 177 25.83 47.84 12.13
CA LYS B 177 26.66 47.97 13.32
C LYS B 177 25.94 48.62 14.50
N ALA B 178 25.01 49.53 14.24
CA ALA B 178 24.24 50.07 15.35
C ALA B 178 23.28 49.02 15.87
N GLU B 179 22.53 48.40 14.97
CA GLU B 179 21.51 47.46 15.39
C GLU B 179 22.15 46.23 16.03
N LEU B 180 23.37 45.89 15.59
CA LEU B 180 24.12 44.79 16.17
C LEU B 180 24.45 45.09 17.62
N ARG B 181 25.27 46.12 17.86
CA ARG B 181 25.71 46.35 19.23
C ARG B 181 24.57 46.71 20.16
N GLU B 182 23.41 47.10 19.64
CA GLU B 182 22.25 47.23 20.51
C GLU B 182 21.70 45.86 20.92
N ALA B 183 21.91 44.85 20.08
CA ALA B 183 21.42 43.52 20.37
C ALA B 183 22.27 42.78 21.39
N LEU B 184 23.52 43.21 21.56
CA LEU B 184 24.43 42.49 22.45
C LEU B 184 23.84 42.24 23.83
N PRO B 185 23.35 43.23 24.55
CA PRO B 185 22.68 42.95 25.83
C PRO B 185 21.52 41.98 25.70
N LEU B 186 20.85 41.91 24.55
CA LEU B 186 19.77 40.93 24.42
C LEU B 186 20.33 39.53 24.25
N ALA B 187 21.49 39.45 23.59
CA ALA B 187 22.15 38.17 23.44
C ALA B 187 22.63 37.66 24.79
N GLU B 188 23.12 38.55 25.66
CA GLU B 188 23.57 38.16 26.99
C GLU B 188 22.42 37.69 27.85
N TYR B 189 21.37 38.50 27.94
CA TYR B 189 20.15 38.06 28.59
C TYR B 189 19.81 36.62 28.25
N THR B 190 19.89 36.27 26.97
CA THR B 190 19.51 34.95 26.50
C THR B 190 20.46 33.88 27.03
N PHE B 191 21.77 34.14 26.92
CA PHE B 191 22.73 33.27 27.57
C PHE B 191 22.32 32.97 29.00
N GLU B 192 22.04 34.03 29.77
CA GLU B 192 21.74 33.84 31.19
C GLU B 192 20.46 33.04 31.39
N LEU B 193 19.42 33.35 30.63
CA LEU B 193 18.17 32.59 30.75
C LEU B 193 18.43 31.11 30.55
N PHE B 194 19.23 30.78 29.54
CA PHE B 194 19.48 29.39 29.18
C PHE B 194 20.53 28.73 30.05
N ALA B 195 21.43 29.50 30.66
CA ALA B 195 22.39 28.93 31.60
C ALA B 195 21.72 28.25 32.79
N LYS B 196 20.48 28.62 33.10
CA LYS B 196 19.75 28.14 34.27
C LYS B 196 18.79 27.01 33.94
N LEU B 197 18.89 26.42 32.76
CA LEU B 197 18.00 25.33 32.37
C LEU B 197 18.68 23.99 32.58
N GLU B 198 17.87 22.96 32.89
CA GLU B 198 18.38 21.67 33.34
C GLU B 198 19.04 20.92 32.18
N GLN B 199 20.29 20.50 32.37
CA GLN B 199 20.92 19.49 31.51
C GLN B 199 20.67 18.12 32.13
N TYR B 200 19.59 17.47 31.69
CA TYR B 200 19.15 16.20 32.27
C TYR B 200 20.26 15.18 32.29
N SER B 201 20.53 14.66 33.49
CA SER B 201 21.65 13.74 33.70
C SER B 201 21.45 12.40 32.98
N GLU B 202 20.21 11.98 32.75
CA GLU B 202 20.00 10.71 32.06
C GLU B 202 20.77 10.61 30.74
N VAL B 203 21.05 11.73 30.06
CA VAL B 203 21.80 11.65 28.81
C VAL B 203 23.27 11.99 28.98
N GLU B 204 23.76 12.10 30.21
CA GLU B 204 25.15 12.47 30.47
C GLU B 204 26.06 11.25 30.22
N GLY B 205 26.97 11.39 29.25
CA GLY B 205 27.97 10.39 28.97
C GLY B 205 28.94 10.90 27.90
N PRO B 206 29.80 10.03 27.38
CA PRO B 206 30.81 10.46 26.39
C PRO B 206 30.27 10.70 24.98
N ILE B 207 30.76 11.77 24.35
CA ILE B 207 30.37 12.15 22.99
C ILE B 207 31.63 12.51 22.21
N THR B 208 31.71 12.08 20.95
CA THR B 208 32.72 12.62 20.03
C THR B 208 32.19 13.83 19.24
N HIS B 209 32.94 14.94 19.27
CA HIS B 209 32.52 16.25 18.77
C HIS B 209 33.40 16.72 17.61
N LEU B 210 32.85 16.79 16.39
CA LEU B 210 33.60 17.28 15.23
C LEU B 210 33.15 18.68 14.82
N ALA B 211 34.12 19.56 14.63
CA ALA B 211 33.91 20.94 14.23
C ALA B 211 34.90 21.28 13.13
N VAL B 212 34.52 22.22 12.25
CA VAL B 212 35.45 22.81 11.28
C VAL B 212 36.46 23.68 12.01
N LYS B 213 37.72 23.47 11.75
CA LYS B 213 38.70 24.38 12.33
C LYS B 213 38.67 25.69 11.55
N PRO B 214 38.60 26.83 12.21
CA PRO B 214 38.54 28.08 11.46
C PRO B 214 39.94 28.42 10.97
N ARG B 215 40.01 28.83 9.69
CA ARG B 215 41.18 29.56 9.23
C ARG B 215 41.17 30.96 9.84
N GLY B 216 42.25 31.69 9.65
CA GLY B 216 42.41 32.92 10.41
C GLY B 216 42.45 32.57 11.88
N ASP B 217 42.24 33.58 12.73
CA ASP B 217 42.58 33.41 14.13
C ASP B 217 41.40 33.53 15.08
N ALA B 218 40.17 33.35 14.59
CA ALA B 218 39.00 33.56 15.45
C ALA B 218 37.98 32.44 15.30
N TYR B 219 37.04 32.42 16.24
CA TYR B 219 35.93 31.48 16.19
C TYR B 219 35.11 31.84 14.97
N GLY B 220 34.91 30.86 14.10
CA GLY B 220 34.40 31.21 12.79
C GLY B 220 33.63 30.11 12.10
N ILE B 221 33.38 30.33 10.81
CA ILE B 221 32.47 29.51 10.02
C ILE B 221 33.18 28.85 8.86
N TYR B 222 34.31 29.40 8.43
CA TYR B 222 35.05 28.93 7.29
C TYR B 222 36.36 28.30 7.75
N GLY B 223 36.75 27.23 7.06
CA GLY B 223 38.04 26.63 7.33
C GLY B 223 38.17 25.35 6.56
N ASP B 224 39.39 24.80 6.58
CA ASP B 224 39.75 23.68 5.70
C ASP B 224 40.12 22.43 6.46
N TYR B 225 40.12 22.48 7.79
CA TYR B 225 40.46 21.34 8.61
C TYR B 225 39.29 21.03 9.55
N ILE B 226 38.93 19.76 9.62
CA ILE B 226 37.90 19.28 10.54
C ILE B 226 38.58 18.62 11.74
N LYS B 227 38.49 19.28 12.90
CA LYS B 227 38.95 18.70 14.14
C LYS B 227 37.94 17.70 14.67
N ALA B 228 38.43 16.64 15.30
CA ALA B 228 37.60 15.81 16.18
C ALA B 228 38.09 16.03 17.60
N SER B 229 37.17 15.90 18.57
CA SER B 229 37.47 16.13 19.99
C SER B 229 38.36 15.05 20.60
N ASP B 230 38.57 13.91 19.91
CA ASP B 230 39.57 12.99 20.39
C ASP B 230 40.98 13.55 20.29
N GLY B 231 41.20 14.65 19.56
CA GLY B 231 42.53 15.17 19.30
C GLY B 231 42.97 15.02 17.86
N GLU B 232 42.14 14.47 17.00
CA GLU B 232 42.45 14.41 15.58
C GLU B 232 42.14 15.73 14.87
N GLU B 233 42.46 15.75 13.57
CA GLU B 233 42.34 16.91 12.69
C GLU B 233 42.65 16.41 11.29
N PHE B 234 41.72 16.53 10.36
CA PHE B 234 41.94 15.96 9.04
C PHE B 234 41.46 16.97 8.01
N PRO B 235 41.97 16.90 6.77
CA PRO B 235 41.62 17.93 5.79
C PRO B 235 40.19 17.75 5.27
N SER B 236 39.58 18.87 4.92
CA SER B 236 38.18 18.88 4.56
C SER B 236 37.89 18.12 3.27
N GLU B 237 38.81 18.13 2.31
CA GLU B 237 38.63 17.37 1.08
C GLU B 237 38.69 15.86 1.33
N LYS B 238 39.30 15.44 2.42
CA LYS B 238 39.33 14.03 2.73
C LYS B 238 38.16 13.62 3.59
N TYR B 239 37.16 14.50 3.77
CA TYR B 239 36.01 14.15 4.59
C TYR B 239 35.49 12.74 4.26
N ARG B 240 35.61 12.31 3.00
CA ARG B 240 35.10 10.98 2.64
C ARG B 240 35.96 9.84 3.19
N ASP B 241 37.20 10.14 3.60
CA ASP B 241 38.09 9.13 4.14
C ASP B 241 37.75 8.83 5.61
N TYR B 242 37.50 9.86 6.41
CA TYR B 242 37.29 9.76 7.85
C TYR B 242 35.83 9.72 8.31
N ILE B 243 34.86 9.74 7.40
CA ILE B 243 33.45 9.86 7.77
C ILE B 243 32.64 9.02 6.77
N LYS B 244 32.00 7.96 7.26
CA LYS B 244 31.34 7.00 6.38
C LYS B 244 29.83 7.07 6.56
N GLU B 245 29.10 7.26 5.45
CA GLU B 245 27.64 7.31 5.49
C GLU B 245 27.07 5.93 5.17
N PHE B 246 25.78 5.76 5.42
CA PHE B 246 25.10 4.53 5.08
C PHE B 246 23.61 4.72 5.25
N VAL B 247 22.84 4.08 4.38
CA VAL B 247 21.41 4.02 4.49
C VAL B 247 21.03 3.09 5.61
N VAL B 248 19.80 3.29 6.15
CA VAL B 248 19.15 2.43 7.13
C VAL B 248 17.68 2.39 6.77
N GLU B 249 17.03 1.28 7.11
CA GLU B 249 15.70 1.03 6.55
C GLU B 249 14.63 1.99 7.05
N HIS B 250 14.88 2.74 8.13
CA HIS B 250 13.82 3.53 8.77
C HIS B 250 14.05 5.03 8.64
N SER B 251 14.69 5.47 7.57
CA SER B 251 15.07 6.85 7.41
C SER B 251 15.37 7.16 5.95
N PHE B 252 14.94 8.33 5.49
CA PHE B 252 15.38 8.80 4.18
C PHE B 252 16.71 9.52 4.28
N ALA B 253 17.24 9.71 5.47
CA ALA B 253 18.52 10.36 5.65
C ALA B 253 19.60 9.32 5.93
N LYS B 254 20.83 9.69 5.65
CA LYS B 254 21.94 8.75 5.71
C LYS B 254 22.71 9.05 6.98
N HIS B 255 22.96 8.02 7.78
CA HIS B 255 23.71 8.13 9.01
C HIS B 255 25.20 8.20 8.70
N SER B 256 25.99 8.60 9.68
CA SER B 256 27.41 8.80 9.49
C SER B 256 28.14 8.31 10.73
N HIS B 257 29.29 7.65 10.51
CA HIS B 257 30.18 7.29 11.61
C HIS B 257 31.50 8.02 11.38
N TYR B 258 32.17 8.31 12.49
CA TYR B 258 33.58 8.65 12.54
C TYR B 258 34.26 7.58 13.37
N LYS B 259 35.35 7.01 12.85
CA LYS B 259 35.91 5.77 13.36
C LYS B 259 34.81 4.81 13.82
N GLY B 260 33.82 4.60 12.94
CA GLY B 260 32.80 3.57 13.16
C GLY B 260 31.86 3.82 14.33
N ARG B 261 31.72 5.06 14.78
CA ARG B 261 30.94 5.37 15.96
C ARG B 261 30.13 6.64 15.72
N PRO B 262 28.98 6.78 16.38
CA PRO B 262 28.19 8.00 16.27
C PRO B 262 28.91 9.15 16.96
N PHE B 263 28.81 10.34 16.35
CA PHE B 263 29.36 11.58 16.91
C PHE B 263 28.33 12.69 16.70
N MET B 264 28.62 13.87 17.21
CA MET B 264 27.65 14.94 17.10
C MET B 264 28.36 16.19 16.64
N VAL B 265 27.66 16.98 15.84
CA VAL B 265 28.12 18.27 15.35
C VAL B 265 27.11 19.32 15.77
N GLY B 266 27.59 20.58 15.88
CA GLY B 266 26.76 21.73 16.20
C GLY B 266 27.48 22.73 17.11
N ALA B 267 26.70 23.56 17.78
CA ALA B 267 27.26 24.64 18.57
C ALA B 267 28.13 24.15 19.72
N ILE B 268 27.71 23.07 20.41
CA ILE B 268 28.54 22.51 21.50
C ILE B 268 29.80 21.87 20.93
N SER B 269 29.67 21.06 19.87
CA SER B 269 30.86 20.51 19.22
C SER B 269 31.85 21.60 18.82
N ARG B 270 31.35 22.76 18.39
CA ARG B 270 32.26 23.85 18.05
C ARG B 270 32.89 24.44 19.30
N VAL B 271 32.12 24.53 20.38
CA VAL B 271 32.67 25.07 21.63
C VAL B 271 33.72 24.12 22.21
N ILE B 272 33.51 22.80 22.08
CA ILE B 272 34.49 21.83 22.57
C ILE B 272 35.82 21.99 21.81
N ASN B 273 35.76 21.93 20.47
CA ASN B 273 36.99 21.94 19.71
C ASN B 273 37.61 23.34 19.61
N ASN B 274 36.83 24.40 19.79
CA ASN B 274 37.31 25.69 19.31
C ASN B 274 37.14 26.84 20.28
N ALA B 275 36.90 26.57 21.56
CA ALA B 275 36.52 27.66 22.46
C ALA B 275 37.68 28.59 22.76
N ASP B 276 38.93 28.15 22.62
CA ASP B 276 40.04 29.04 22.92
C ASP B 276 40.03 30.24 21.98
N LEU B 277 39.54 30.02 20.75
CA LEU B 277 39.39 30.95 19.63
C LEU B 277 38.28 31.98 19.83
N LEU B 278 37.59 32.01 20.97
CA LEU B 278 36.59 33.03 21.18
C LEU B 278 37.30 34.33 21.52
N TYR B 279 36.50 35.39 21.76
CA TYR B 279 36.94 36.68 22.30
C TYR B 279 35.75 37.55 22.62
N GLY B 280 35.99 38.73 23.17
CA GLY B 280 34.83 39.52 23.53
C GLY B 280 34.12 38.90 24.72
N LYS B 281 32.88 39.31 24.93
CA LYS B 281 32.14 38.81 26.07
C LYS B 281 31.94 37.30 26.02
N ALA B 282 31.97 36.71 24.82
CA ALA B 282 31.85 35.27 24.70
C ALA B 282 32.96 34.55 25.46
N LYS B 283 34.22 34.98 25.27
CA LYS B 283 35.33 34.44 26.05
C LYS B 283 34.99 34.34 27.52
N GLU B 284 34.66 35.47 28.17
CA GLU B 284 34.39 35.42 29.61
C GLU B 284 33.19 34.55 29.92
N LEU B 285 32.15 34.63 29.10
CA LEU B 285 30.97 33.84 29.42
C LEU B 285 31.30 32.36 29.32
N TYR B 286 32.23 32.01 28.44
CA TYR B 286 32.78 30.66 28.41
C TYR B 286 33.62 30.39 29.65
N GLU B 287 34.59 31.27 29.94
CA GLU B 287 35.51 31.01 31.04
C GLU B 287 34.80 30.98 32.39
N ALA B 288 33.68 31.68 32.52
CA ALA B 288 32.90 31.69 33.74
C ALA B 288 31.86 30.58 33.76
N ASN B 289 31.81 29.72 32.75
CA ASN B 289 30.78 28.71 32.72
C ASN B 289 31.29 27.41 32.13
N LYS B 290 32.60 27.16 32.23
CA LYS B 290 33.18 25.96 31.62
C LYS B 290 32.45 24.71 32.06
N ASP B 291 31.95 24.68 33.30
CA ASP B 291 31.25 23.50 33.81
C ASP B 291 29.85 23.35 33.25
N LEU B 292 29.31 24.38 32.59
CA LEU B 292 28.04 24.26 31.87
C LEU B 292 28.22 23.93 30.39
N LEU B 293 29.44 23.98 29.87
CA LEU B 293 29.68 23.71 28.46
C LEU B 293 30.64 22.54 28.26
N LYS B 294 30.29 21.42 28.86
CA LYS B 294 31.02 20.16 28.82
C LYS B 294 30.64 19.35 27.57
N GLY B 295 31.55 18.50 27.15
CA GLY B 295 31.22 17.70 25.99
C GLY B 295 30.30 16.53 26.24
N THR B 296 29.84 16.35 27.49
CA THR B 296 29.24 15.07 27.89
C THR B 296 27.74 15.12 28.00
N ASN B 297 27.09 16.01 27.25
CA ASN B 297 25.66 16.24 27.40
C ASN B 297 25.05 17.05 26.26
N PRO B 298 24.15 16.44 25.49
CA PRO B 298 23.56 17.15 24.35
C PRO B 298 22.80 18.43 24.72
N PHE B 299 22.24 18.53 25.92
CA PHE B 299 21.50 19.74 26.31
C PHE B 299 22.44 20.93 26.47
N ALA B 300 23.72 20.67 26.67
CA ALA B 300 24.69 21.73 26.55
C ALA B 300 24.62 22.41 25.17
N ASN B 301 23.99 21.78 24.15
CA ASN B 301 23.90 22.42 22.84
C ASN B 301 23.15 23.73 22.92
N ASN B 302 22.04 23.75 23.69
CA ASN B 302 21.16 24.91 23.75
C ASN B 302 21.90 26.12 24.30
N LEU B 303 22.66 25.92 25.37
CA LEU B 303 23.33 27.06 25.95
C LEU B 303 24.45 27.53 25.05
N ALA B 304 25.05 26.64 24.26
CA ALA B 304 26.15 27.06 23.40
C ALA B 304 25.67 27.97 22.29
N GLN B 305 24.51 27.64 21.70
CA GLN B 305 23.90 28.54 20.73
C GLN B 305 23.72 29.93 21.31
N ALA B 306 23.28 30.00 22.56
CA ALA B 306 23.16 31.29 23.21
C ALA B 306 24.53 31.95 23.31
N LEU B 307 25.55 31.17 23.67
CA LEU B 307 26.89 31.73 23.70
C LEU B 307 27.34 32.17 22.31
N GLU B 308 26.87 31.49 21.27
CA GLU B 308 27.33 31.87 19.95
C GLU B 308 26.69 33.17 19.50
N ILE B 309 25.40 33.34 19.78
CA ILE B 309 24.69 34.59 19.50
C ILE B 309 25.50 35.77 20.02
N VAL B 310 25.99 35.65 21.26
CA VAL B 310 26.77 36.75 21.79
C VAL B 310 28.00 36.99 20.94
N TYR B 311 28.70 35.92 20.58
CA TYR B 311 29.97 36.11 19.91
C TYR B 311 29.77 36.73 18.53
N PHE B 312 28.94 36.10 17.72
CA PHE B 312 28.77 36.55 16.34
C PHE B 312 28.23 37.98 16.26
N ILE B 313 27.40 38.39 17.23
CA ILE B 313 27.02 39.79 17.33
C ILE B 313 28.27 40.66 17.45
N GLU B 314 29.26 40.23 18.22
CA GLU B 314 30.48 41.03 18.21
C GLU B 314 31.30 40.74 16.96
N ARG B 315 31.45 39.47 16.63
CA ARG B 315 32.28 39.11 15.49
C ARG B 315 31.82 39.85 14.23
N ALA B 316 30.55 40.23 14.14
CA ALA B 316 30.10 40.88 12.92
C ALA B 316 30.34 42.37 12.95
N ILE B 317 30.32 42.99 14.13
CA ILE B 317 30.72 44.39 14.21
C ILE B 317 32.15 44.56 13.71
N ASP B 318 33.00 43.57 13.92
CA ASP B 318 34.39 43.65 13.48
C ASP B 318 34.53 43.33 11.98
N LEU B 319 33.68 42.46 11.44
CA LEU B 319 33.77 42.07 10.03
C LEU B 319 33.27 43.19 9.11
N LEU B 320 32.21 43.87 9.53
CA LEU B 320 31.75 45.05 8.82
C LEU B 320 32.84 46.10 8.80
N ASP B 321 33.52 46.31 9.94
CA ASP B 321 34.63 47.24 9.99
C ASP B 321 35.71 46.91 8.95
N GLU B 322 35.95 45.62 8.71
CA GLU B 322 36.89 45.26 7.65
C GLU B 322 36.35 45.66 6.30
N ALA B 323 35.16 45.17 5.94
CA ALA B 323 34.55 45.55 4.66
C ALA B 323 34.46 47.06 4.51
N LEU B 324 33.94 47.74 5.53
CA LEU B 324 33.78 49.19 5.47
C LEU B 324 35.09 49.92 5.17
N ALA B 325 36.24 49.24 5.30
CA ALA B 325 37.55 49.83 5.07
C ALA B 325 38.17 49.39 3.74
N LYS B 326 37.41 48.70 2.90
CA LYS B 326 37.73 48.58 1.49
C LYS B 326 36.77 49.42 0.66
N TRP B 327 36.14 50.39 1.31
CA TRP B 327 35.09 51.17 0.67
C TRP B 327 35.68 52.08 -0.40
N PRO B 328 35.00 52.23 -1.57
CA PRO B 328 33.77 51.55 -2.00
C PRO B 328 34.01 50.12 -2.47
N ILE B 329 33.00 49.26 -2.55
CA ILE B 329 33.17 47.85 -2.90
C ILE B 329 32.37 47.56 -4.16
N LYS B 330 33.07 47.39 -5.27
CA LYS B 330 32.48 46.75 -6.43
C LYS B 330 31.81 45.44 -6.00
N PRO B 331 30.53 45.24 -6.30
CA PRO B 331 29.79 44.16 -5.62
C PRO B 331 30.16 42.73 -6.05
N ARG B 332 30.63 42.51 -7.28
CA ARG B 332 31.01 41.17 -7.71
C ARG B 332 32.04 41.21 -8.82
N ASP B 333 32.73 40.09 -9.04
CA ASP B 333 33.83 40.05 -9.99
C ASP B 333 33.51 38.99 -11.04
N GLU B 334 34.12 39.14 -12.23
CA GLU B 334 34.07 38.07 -13.24
C GLU B 334 34.65 36.77 -12.69
N VAL B 335 34.04 35.65 -13.09
CA VAL B 335 34.45 34.32 -12.68
C VAL B 335 34.51 33.47 -13.94
N GLU B 336 35.70 32.96 -14.25
CA GLU B 336 35.88 32.05 -15.38
C GLU B 336 35.48 30.64 -14.96
N ILE B 337 34.46 30.07 -15.60
CA ILE B 337 34.04 28.68 -15.42
C ILE B 337 35.02 27.66 -16.03
N LYS B 338 36.31 27.86 -15.79
CA LYS B 338 37.28 26.82 -16.04
C LYS B 338 36.99 25.65 -15.13
N ASP B 339 37.06 24.44 -15.68
CA ASP B 339 36.73 23.23 -14.93
C ASP B 339 37.67 23.03 -13.73
N GLY B 340 37.21 22.18 -12.81
CA GLY B 340 37.83 22.04 -11.51
C GLY B 340 36.97 21.25 -10.57
N PHE B 341 37.50 21.04 -9.38
CA PHE B 341 36.81 20.32 -8.32
C PHE B 341 36.96 21.10 -7.03
N GLY B 342 35.88 21.14 -6.26
CA GLY B 342 35.88 22.01 -5.13
C GLY B 342 35.10 21.41 -4.00
N VAL B 343 35.72 21.45 -2.84
CA VAL B 343 35.12 20.96 -1.63
C VAL B 343 35.15 22.09 -0.63
N SER B 344 34.01 22.28 0.04
CA SER B 344 33.91 23.31 1.07
C SER B 344 33.20 22.75 2.28
N THR B 345 33.72 23.09 3.46
CA THR B 345 33.11 22.73 4.73
C THR B 345 32.89 23.98 5.54
N THR B 346 31.65 24.31 5.83
CA THR B 346 31.38 25.42 6.74
C THR B 346 30.61 24.88 7.92
N GLU B 347 30.53 25.70 8.97
CA GLU B 347 29.62 25.45 10.08
C GLU B 347 28.27 26.09 9.79
N ALA B 348 27.29 25.28 9.39
CA ALA B 348 25.91 25.73 9.44
C ALA B 348 25.48 25.81 10.91
N PRO B 349 24.39 26.52 11.24
CA PRO B 349 24.06 26.68 12.67
C PRO B 349 24.01 25.36 13.42
N ARG B 350 23.69 24.25 12.73
CA ARG B 350 23.49 22.95 13.32
C ARG B 350 24.74 22.08 13.35
N GLY B 351 25.82 22.52 12.71
CA GLY B 351 27.08 21.83 12.63
C GLY B 351 27.63 21.89 11.23
N ILE B 352 28.56 20.95 10.93
CA ILE B 352 29.36 21.00 9.73
C ILE B 352 28.50 20.78 8.50
N LEU B 353 28.80 21.54 7.44
CA LEU B 353 28.14 21.46 6.14
C LEU B 353 29.20 21.29 5.08
N VAL B 354 29.03 20.28 4.25
CA VAL B 354 30.05 19.86 3.30
C VAL B 354 29.41 19.84 1.93
N TYR B 355 29.94 20.65 1.03
CA TYR B 355 29.52 20.70 -0.35
C TYR B 355 30.74 20.28 -1.15
N ALA B 356 30.55 19.31 -2.03
CA ALA B 356 31.57 18.87 -2.98
C ALA B 356 31.03 18.99 -4.39
N LEU B 357 31.61 19.89 -5.19
CA LEU B 357 31.14 20.17 -6.54
C LEU B 357 32.24 19.97 -7.59
N LYS B 358 31.87 19.30 -8.69
CA LYS B 358 32.76 19.08 -9.84
C LYS B 358 32.11 19.64 -11.11
N VAL B 359 32.87 20.44 -11.84
CA VAL B 359 32.39 21.12 -13.04
C VAL B 359 33.12 20.56 -14.26
N GLU B 360 32.36 19.99 -15.20
CA GLU B 360 32.82 19.69 -16.55
C GLU B 360 31.92 20.42 -17.56
N ASN B 361 32.53 21.35 -18.32
CA ASN B 361 31.86 22.06 -19.45
C ASN B 361 30.88 23.09 -18.86
N GLY B 362 31.38 23.83 -17.86
CA GLY B 362 30.58 24.76 -17.10
C GLY B 362 29.29 24.14 -16.60
N ARG B 363 29.25 22.81 -16.55
CA ARG B 363 28.08 22.09 -16.06
C ARG B 363 28.50 21.35 -14.80
N VAL B 364 27.53 20.89 -14.01
CA VAL B 364 27.85 20.14 -12.81
C VAL B 364 27.84 18.66 -13.17
N SER B 365 28.99 18.03 -13.05
CA SER B 365 29.07 16.61 -13.32
C SER B 365 28.89 15.79 -12.07
N TYR B 366 29.44 16.26 -10.94
CA TYR B 366 29.34 15.55 -9.67
C TYR B 366 28.95 16.52 -8.56
N ALA B 367 28.09 16.06 -7.64
CA ALA B 367 27.67 16.84 -6.47
C ALA B 367 27.49 15.89 -5.29
N ASP B 368 28.01 16.30 -4.11
CA ASP B 368 27.90 15.54 -2.86
C ASP B 368 27.60 16.53 -1.74
N ILE B 369 26.53 16.27 -0.97
CA ILE B 369 26.09 17.13 0.12
C ILE B 369 25.88 16.27 1.39
N ILE B 370 26.39 16.75 2.51
CA ILE B 370 26.04 16.18 3.82
C ILE B 370 25.85 17.33 4.80
N THR B 371 24.63 17.39 5.41
CA THR B 371 24.07 18.36 6.34
C THR B 371 24.31 17.94 7.78
N PRO B 372 24.43 18.92 8.69
CA PRO B 372 24.87 18.56 10.05
C PRO B 372 23.88 17.69 10.77
N THR B 373 22.59 17.84 10.47
CA THR B 373 21.63 16.97 11.09
C THR B 373 21.80 15.55 10.59
N ALA B 374 22.27 15.37 9.35
CA ALA B 374 22.52 14.02 8.82
C ALA B 374 23.67 13.36 9.55
N PHE B 375 24.78 14.09 9.75
CA PHE B 375 25.79 13.68 10.72
C PHE B 375 25.15 13.23 12.03
N ASN B 376 24.36 14.12 12.66
CA ASN B 376 23.95 13.98 14.06
C ASN B 376 22.95 12.85 14.27
N LEU B 377 22.17 12.48 13.25
CA LEU B 377 21.07 11.53 13.45
C LEU B 377 21.48 10.27 14.21
N ALA B 378 22.75 9.91 14.17
CA ALA B 378 23.05 8.63 14.82
C ALA B 378 23.20 8.86 16.32
N MET B 379 23.98 9.89 16.69
CA MET B 379 24.09 10.24 18.09
C MET B 379 22.72 10.50 18.70
N MET B 380 21.88 11.27 18.01
CA MET B 380 20.54 11.50 18.52
C MET B 380 19.88 10.19 18.87
N GLU B 381 19.98 9.19 18.02
CA GLU B 381 19.29 7.95 18.31
C GLU B 381 19.83 7.33 19.60
N GLU B 382 21.12 7.46 19.86
CA GLU B 382 21.69 6.88 21.06
C GLU B 382 21.29 7.66 22.31
N HIS B 383 21.29 8.99 22.25
CA HIS B 383 20.90 9.75 23.43
C HIS B 383 19.43 9.51 23.77
N VAL B 384 18.55 9.45 22.77
CA VAL B 384 17.17 9.09 23.10
C VAL B 384 17.13 7.75 23.77
N ARG B 385 18.03 6.82 23.37
CA ARG B 385 18.04 5.52 24.01
C ARG B 385 18.30 5.66 25.51
N MET B 386 19.34 6.41 25.88
CA MET B 386 19.63 6.62 27.30
C MET B 386 18.46 7.27 28.04
N MET B 387 17.79 8.25 27.43
CA MET B 387 16.58 8.78 28.07
C MET B 387 15.55 7.69 28.22
N ALA B 388 15.15 7.11 27.10
CA ALA B 388 14.07 6.12 27.11
C ALA B 388 14.39 4.91 27.98
N GLU B 389 15.65 4.68 28.35
CA GLU B 389 15.94 3.56 29.24
C GLU B 389 15.62 3.89 30.70
N LYS B 390 15.95 5.11 31.15
CA LYS B 390 15.57 5.54 32.48
C LYS B 390 14.10 5.93 32.60
N HIS B 391 13.26 5.64 31.60
CA HIS B 391 11.88 6.06 31.75
C HIS B 391 10.88 5.20 30.99
N TYR B 392 11.29 4.06 30.41
CA TYR B 392 10.33 3.25 29.67
C TYR B 392 9.19 2.71 30.55
N ASN B 393 9.31 2.78 31.87
CA ASN B 393 8.25 2.30 32.74
C ASN B 393 7.46 3.44 33.36
N ASP B 394 7.98 4.67 33.29
CA ASP B 394 7.21 5.87 33.59
C ASP B 394 5.95 5.97 32.75
N ASP B 395 5.18 7.02 33.00
CA ASP B 395 4.03 7.37 32.18
C ASP B 395 4.47 7.65 30.74
N PRO B 396 3.85 6.99 29.71
CA PRO B 396 4.22 7.26 28.31
C PRO B 396 4.30 8.72 27.91
N GLU B 397 3.21 9.48 28.04
CA GLU B 397 3.23 10.89 27.68
C GLU B 397 4.41 11.62 28.34
N ARG B 398 4.88 11.13 29.49
CA ARG B 398 6.06 11.67 30.14
C ARG B 398 7.34 11.21 29.46
N LEU B 399 7.43 9.91 29.20
CA LEU B 399 8.52 9.43 28.36
C LEU B 399 8.57 10.22 27.08
N LYS B 400 7.40 10.49 26.50
CA LYS B 400 7.36 11.19 25.22
C LYS B 400 8.01 12.55 25.35
N ILE B 401 7.63 13.28 26.37
CA ILE B 401 8.09 14.66 26.50
C ILE B 401 9.61 14.71 26.58
N LEU B 402 10.21 13.78 27.32
CA LEU B 402 11.65 13.86 27.52
C LEU B 402 12.44 13.31 26.30
N ALA B 403 11.89 12.32 25.61
CA ALA B 403 12.53 11.86 24.39
C ALA B 403 12.64 13.00 23.39
N GLU B 404 11.52 13.73 23.19
CA GLU B 404 11.47 14.88 22.27
C GLU B 404 12.29 16.04 22.78
N MET B 405 12.38 16.22 24.09
CA MET B 405 13.28 17.26 24.59
C MET B 405 14.71 16.97 24.14
N VAL B 406 15.17 15.72 24.31
CA VAL B 406 16.47 15.28 23.76
C VAL B 406 16.56 15.58 22.26
N VAL B 407 15.55 15.17 21.50
CA VAL B 407 15.66 15.41 20.06
C VAL B 407 15.79 16.89 19.76
N ARG B 408 15.03 17.73 20.46
CA ARG B 408 15.09 19.16 20.14
C ARG B 408 16.42 19.79 20.54
N ALA B 409 17.24 19.13 21.33
CA ALA B 409 18.48 19.80 21.69
C ALA B 409 19.49 19.78 20.56
N TYR B 410 19.34 18.85 19.62
CA TYR B 410 20.22 18.84 18.48
C TYR B 410 19.89 19.95 17.49
N ASP B 411 18.74 20.56 17.62
CA ASP B 411 18.19 21.49 16.67
C ASP B 411 18.18 20.78 15.32
N PRO B 412 17.36 19.75 15.18
CA PRO B 412 17.30 19.03 13.91
C PRO B 412 16.59 19.83 12.83
N CYS B 413 17.24 19.99 11.71
CA CYS B 413 16.52 20.36 10.51
C CYS B 413 16.55 19.12 9.62
N ILE B 414 15.42 18.43 9.60
CA ILE B 414 15.32 17.15 8.92
C ILE B 414 15.41 17.36 7.41
N SER B 415 14.75 18.41 6.90
CA SER B 415 14.86 18.79 5.49
C SER B 415 16.31 18.87 5.05
N CYS B 416 17.20 19.43 5.88
CA CYS B 416 18.61 19.38 5.54
C CYS B 416 19.09 17.93 5.44
N SER B 417 18.55 17.06 6.30
CA SER B 417 19.09 15.71 6.40
C SER B 417 18.78 14.90 5.15
N VAL B 418 17.54 14.91 4.66
CA VAL B 418 17.22 14.39 3.32
C VAL B 418 17.36 15.54 2.32
N HIS B 419 18.48 15.66 1.65
CA HIS B 419 18.45 16.68 0.60
C HIS B 419 17.67 16.18 -0.62
N GLY C 1 -16.41 3.47 16.29
CA GLY C 1 -15.21 2.79 15.80
C GLY C 1 -15.42 1.30 15.62
N LYS C 2 -15.11 0.79 14.43
CA LYS C 2 -15.35 -0.60 14.10
C LYS C 2 -14.05 -1.30 13.78
N VAL C 3 -14.00 -2.57 14.13
CA VAL C 3 -12.86 -3.44 13.81
C VAL C 3 -12.93 -3.75 12.31
N ARG C 4 -11.91 -3.30 11.58
CA ARG C 4 -11.88 -3.49 10.13
C ARG C 4 -11.40 -4.90 9.81
N ILE C 5 -12.32 -5.74 9.34
CA ILE C 5 -12.05 -7.14 9.05
C ILE C 5 -11.94 -7.34 7.55
N GLY C 6 -10.95 -8.12 7.12
CA GLY C 6 -10.84 -8.47 5.72
C GLY C 6 -10.85 -9.97 5.49
N PHE C 7 -11.22 -10.39 4.29
CA PHE C 7 -11.05 -11.77 3.83
C PHE C 7 -10.37 -11.74 2.46
N TYR C 8 -9.25 -12.45 2.34
CA TYR C 8 -8.39 -12.40 1.18
C TYR C 8 -8.19 -13.81 0.63
N ALA C 9 -8.28 -13.94 -0.70
CA ALA C 9 -8.22 -15.25 -1.33
C ALA C 9 -6.85 -15.49 -1.93
N LEU C 10 -6.35 -16.70 -1.74
CA LEU C 10 -5.10 -17.16 -2.34
C LEU C 10 -5.45 -18.25 -3.36
N THR C 11 -4.80 -19.41 -3.34
CA THR C 11 -5.25 -20.55 -4.13
C THR C 11 -6.10 -21.43 -3.21
N SER C 12 -7.37 -21.59 -3.56
CA SER C 12 -8.32 -22.28 -2.69
C SER C 12 -9.53 -22.69 -3.53
N CYS C 13 -10.54 -23.23 -2.87
CA CYS C 13 -11.80 -23.58 -3.52
C CYS C 13 -12.96 -22.70 -3.03
N TYR C 14 -12.63 -21.61 -2.33
CA TYR C 14 -13.64 -20.67 -1.84
C TYR C 14 -14.69 -21.42 -1.01
N GLY C 15 -14.20 -22.27 -0.12
CA GLY C 15 -15.04 -23.07 0.75
C GLY C 15 -15.10 -22.52 2.16
N CYS C 16 -13.95 -22.11 2.71
CA CYS C 16 -13.97 -21.43 4.00
C CYS C 16 -14.51 -20.01 3.88
N GLN C 17 -14.28 -19.36 2.74
CA GLN C 17 -15.07 -18.18 2.37
C GLN C 17 -16.55 -18.54 2.32
N LEU C 18 -16.89 -19.58 1.55
CA LEU C 18 -18.29 -20.00 1.44
C LEU C 18 -18.85 -20.36 2.80
N GLN C 19 -18.04 -21.04 3.62
CA GLN C 19 -18.49 -21.41 4.95
C GLN C 19 -18.78 -20.18 5.79
N LEU C 20 -17.91 -19.17 5.75
CA LEU C 20 -18.24 -17.87 6.35
C LEU C 20 -19.54 -17.32 5.79
N ALA C 21 -19.59 -17.12 4.47
CA ALA C 21 -20.76 -16.48 3.87
C ALA C 21 -22.06 -17.24 4.09
N MET C 22 -22.00 -18.50 4.54
CA MET C 22 -23.20 -19.31 4.63
C MET C 22 -23.86 -19.27 6.01
N MET C 23 -23.22 -18.64 7.01
CA MET C 23 -23.93 -18.30 8.24
C MET C 23 -24.86 -17.12 7.96
N ASP C 24 -26.13 -17.28 8.33
CA ASP C 24 -27.18 -16.52 7.67
C ASP C 24 -27.35 -15.10 8.22
N GLU C 25 -27.14 -14.91 9.52
CA GLU C 25 -27.31 -13.59 10.11
C GLU C 25 -25.96 -12.97 10.45
N LEU C 26 -24.88 -13.52 9.88
CA LEU C 26 -23.55 -12.93 9.91
C LEU C 26 -23.65 -11.42 9.79
N LEU C 27 -24.52 -11.01 8.87
CA LEU C 27 -24.89 -9.63 8.60
C LEU C 27 -25.14 -8.85 9.89
N GLN C 28 -25.32 -9.57 10.99
CA GLN C 28 -25.61 -9.00 12.30
C GLN C 28 -24.54 -9.31 13.34
N LEU C 29 -24.02 -10.53 13.36
CA LEU C 29 -22.94 -10.91 14.29
C LEU C 29 -21.58 -10.44 13.78
N ASN C 32 -20.53 -4.37 15.15
CA ASN C 32 -19.52 -4.82 16.09
C ASN C 32 -18.13 -4.73 15.47
N ALA C 33 -18.09 -4.67 14.14
CA ALA C 33 -16.86 -4.53 13.37
C ALA C 33 -17.24 -4.10 11.94
N GLU C 34 -16.24 -4.14 11.06
CA GLU C 34 -16.36 -3.75 9.65
C GLU C 34 -15.86 -4.89 8.76
N ILE C 35 -16.52 -5.06 7.61
CA ILE C 35 -16.09 -6.00 6.57
C ILE C 35 -15.55 -5.12 5.45
N VAL C 36 -14.24 -4.84 5.50
CA VAL C 36 -13.65 -3.88 4.57
C VAL C 36 -13.17 -4.52 3.27
N CYS C 37 -12.77 -5.79 3.31
CA CYS C 37 -12.28 -6.49 2.14
C CYS C 37 -12.88 -7.89 2.13
N TRP C 38 -13.46 -8.26 1.00
CA TRP C 38 -14.04 -9.58 0.77
C TRP C 38 -14.59 -9.61 -0.65
N PHE C 39 -13.69 -9.80 -1.61
CA PHE C 39 -14.02 -9.70 -3.04
C PHE C 39 -15.10 -10.69 -3.45
N MET C 40 -15.25 -11.81 -2.74
CA MET C 40 -16.31 -12.76 -3.07
C MET C 40 -17.70 -12.17 -2.82
N ILE C 41 -17.82 -11.18 -1.95
CA ILE C 41 -19.14 -10.64 -1.62
C ILE C 41 -19.30 -9.17 -1.91
N ASP C 42 -18.22 -8.38 -1.96
CA ASP C 42 -18.37 -6.93 -2.06
C ASP C 42 -17.54 -6.40 -3.20
N ARG C 43 -18.20 -5.74 -4.15
CA ARG C 43 -17.51 -5.13 -5.27
C ARG C 43 -16.81 -3.83 -4.89
N ASP C 44 -16.83 -3.46 -3.60
CA ASP C 44 -16.09 -2.30 -3.11
C ASP C 44 -14.88 -2.72 -2.28
N SER C 45 -14.40 -3.95 -2.43
CA SER C 45 -13.27 -4.43 -1.65
C SER C 45 -12.02 -3.62 -1.96
N ILE C 46 -11.34 -3.17 -0.91
CA ILE C 46 -10.06 -2.47 -1.01
C ILE C 46 -8.98 -3.42 -0.51
N GLU C 47 -7.99 -3.71 -1.37
CA GLU C 47 -7.02 -4.76 -1.07
C GLU C 47 -5.89 -4.28 -0.17
N ASP C 48 -5.53 -3.00 -0.22
CA ASP C 48 -4.42 -2.54 0.61
C ASP C 48 -4.86 -1.46 1.58
N GLU C 49 -5.79 -1.80 2.47
CA GLU C 49 -6.22 -0.95 3.55
C GLU C 49 -5.86 -1.62 4.88
N LYS C 50 -5.61 -0.80 5.91
CA LYS C 50 -5.08 -1.29 7.18
C LYS C 50 -6.19 -1.93 8.01
N VAL C 51 -6.28 -3.26 7.97
CA VAL C 51 -7.28 -3.99 8.74
C VAL C 51 -6.73 -4.40 10.10
N ASP C 52 -7.64 -4.64 11.04
CA ASP C 52 -7.26 -5.15 12.36
C ASP C 52 -7.19 -6.67 12.40
N ILE C 53 -8.12 -7.35 11.73
CA ILE C 53 -8.15 -8.79 11.62
C ILE C 53 -8.11 -9.16 10.14
N ALA C 54 -7.15 -10.00 9.76
CA ALA C 54 -6.95 -10.40 8.37
C ALA C 54 -7.17 -11.91 8.25
N PHE C 55 -8.30 -12.31 7.69
CA PHE C 55 -8.56 -13.70 7.37
C PHE C 55 -7.98 -14.01 5.99
N ILE C 56 -7.03 -14.93 5.95
CA ILE C 56 -6.42 -15.36 4.70
C ILE C 56 -6.87 -16.78 4.41
N GLU C 57 -7.36 -16.99 3.19
CA GLU C 57 -7.84 -18.30 2.75
C GLU C 57 -6.96 -18.77 1.61
N GLY C 58 -6.39 -19.97 1.75
CA GLY C 58 -5.68 -20.59 0.64
C GLY C 58 -4.18 -20.78 0.84
N SER C 59 -3.59 -21.61 -0.02
CA SER C 59 -2.15 -21.83 -0.01
C SER C 59 -1.49 -20.94 -1.06
N VAL C 60 -0.20 -20.68 -0.86
CA VAL C 60 0.56 -19.83 -1.77
C VAL C 60 1.06 -20.68 -2.93
N SER C 61 0.67 -20.32 -4.16
CA SER C 61 0.96 -21.13 -5.34
C SER C 61 1.50 -20.34 -6.53
N THR C 62 1.58 -19.01 -6.43
CA THR C 62 2.18 -18.18 -7.46
C THR C 62 3.09 -17.18 -6.78
N GLU C 63 3.92 -16.48 -7.57
CA GLU C 63 4.67 -15.36 -7.01
C GLU C 63 3.72 -14.29 -6.49
N GLU C 64 2.66 -14.00 -7.24
CA GLU C 64 1.77 -12.88 -6.91
C GLU C 64 1.12 -13.05 -5.55
N GLU C 65 0.97 -14.30 -5.09
CA GLU C 65 0.51 -14.54 -3.74
C GLU C 65 1.63 -14.44 -2.71
N VAL C 66 2.86 -14.79 -3.08
CA VAL C 66 3.97 -14.63 -2.14
C VAL C 66 4.13 -13.17 -1.76
N GLU C 67 4.13 -12.31 -2.77
CA GLU C 67 4.10 -10.87 -2.51
C GLU C 67 2.82 -10.47 -1.80
N LEU C 68 1.71 -11.18 -2.07
CA LEU C 68 0.45 -10.82 -1.41
C LEU C 68 0.56 -11.04 0.10
N VAL C 69 1.06 -12.20 0.52
CA VAL C 69 1.13 -12.49 1.96
C VAL C 69 2.13 -11.59 2.66
N LYS C 70 3.12 -11.04 1.95
CA LYS C 70 3.97 -10.02 2.54
C LYS C 70 3.23 -8.69 2.68
N LYS C 71 2.36 -8.36 1.71
CA LYS C 71 1.64 -7.08 1.72
C LYS C 71 0.56 -7.05 2.80
N ILE C 72 -0.01 -8.20 3.14
CA ILE C 72 -1.09 -8.21 4.14
C ILE C 72 -0.56 -8.31 5.56
N ARG C 73 0.56 -9.00 5.77
CA ARG C 73 1.21 -9.00 7.08
C ARG C 73 1.69 -7.61 7.47
N GLU C 74 1.79 -6.68 6.52
CA GLU C 74 2.14 -5.31 6.84
C GLU C 74 0.93 -4.45 7.15
N ASN C 75 -0.22 -4.70 6.53
CA ASN C 75 -1.42 -3.90 6.76
C ASN C 75 -2.38 -4.53 7.75
N ALA C 76 -1.94 -5.55 8.48
CA ALA C 76 -2.85 -6.30 9.35
C ALA C 76 -2.21 -6.48 10.71
N LYS C 77 -2.95 -6.13 11.76
CA LYS C 77 -2.51 -6.45 13.12
C LYS C 77 -2.53 -7.96 13.33
N ILE C 78 -3.71 -8.57 13.20
CA ILE C 78 -3.88 -10.01 13.39
C ILE C 78 -4.04 -10.66 12.02
N VAL C 79 -3.22 -11.68 11.76
CA VAL C 79 -3.29 -12.46 10.53
C VAL C 79 -3.69 -13.88 10.93
N VAL C 80 -4.89 -14.29 10.53
CA VAL C 80 -5.47 -15.55 10.96
C VAL C 80 -5.59 -16.46 9.75
N ALA C 81 -4.70 -17.45 9.65
CA ALA C 81 -4.80 -18.44 8.58
C ALA C 81 -6.11 -19.23 8.71
N VAL C 82 -6.80 -19.40 7.58
CA VAL C 82 -8.10 -20.07 7.55
C VAL C 82 -8.04 -21.23 6.58
N GLY C 83 -8.20 -22.45 7.11
CA GLY C 83 -8.29 -23.66 6.31
C GLY C 83 -6.98 -24.44 6.28
N ALA C 84 -7.06 -25.64 5.69
CA ALA C 84 -5.88 -26.47 5.54
C ALA C 84 -5.01 -26.01 4.37
N CYS C 85 -5.59 -25.33 3.39
CA CYS C 85 -4.78 -24.66 2.36
C CYS C 85 -3.88 -23.60 2.99
N ALA C 86 -4.41 -22.82 3.93
CA ALA C 86 -3.62 -21.75 4.51
C ALA C 86 -2.72 -22.24 5.64
N VAL C 87 -3.21 -23.16 6.47
CA VAL C 87 -2.42 -23.63 7.61
C VAL C 87 -1.27 -24.52 7.14
N GLN C 88 -1.55 -25.43 6.22
CA GLN C 88 -0.59 -26.43 5.75
C GLN C 88 -0.37 -26.39 4.25
N GLY C 89 -1.32 -25.90 3.49
CA GLY C 89 -1.24 -26.02 2.04
C GLY C 89 -2.27 -26.95 1.49
N GLY C 90 -2.90 -27.75 2.34
CA GLY C 90 -4.01 -28.54 1.89
C GLY C 90 -3.61 -29.67 0.96
N VAL C 91 -4.63 -30.21 0.30
CA VAL C 91 -4.55 -31.44 -0.46
C VAL C 91 -3.85 -31.23 -1.80
N GLN C 92 -3.20 -30.08 -1.96
CA GLN C 92 -2.41 -29.76 -3.14
C GLN C 92 -0.95 -29.53 -2.81
N SER C 93 -0.59 -29.58 -1.52
CA SER C 93 0.72 -29.23 -1.01
C SER C 93 1.38 -30.43 -0.36
N TRP C 94 1.39 -31.55 -1.07
CA TRP C 94 1.62 -32.80 -0.35
C TRP C 94 1.95 -33.92 -1.33
N SER C 95 2.23 -33.55 -2.57
CA SER C 95 3.06 -34.36 -3.44
C SER C 95 4.47 -33.78 -3.39
N GLU C 96 5.47 -34.65 -3.60
CA GLU C 96 6.84 -34.19 -3.68
C GLU C 96 7.32 -34.05 -5.12
N LYS C 97 6.50 -34.45 -6.09
CA LYS C 97 6.84 -34.29 -7.49
C LYS C 97 7.27 -32.84 -7.73
N PRO C 98 8.32 -32.62 -8.53
CA PRO C 98 8.77 -31.25 -8.78
C PRO C 98 7.69 -30.45 -9.50
N LEU C 99 7.68 -29.15 -9.22
CA LEU C 99 6.78 -28.25 -9.93
C LEU C 99 6.92 -28.43 -11.43
N GLU C 100 8.15 -28.60 -11.92
CA GLU C 100 8.36 -28.81 -13.35
C GLU C 100 7.77 -30.11 -13.83
N GLU C 101 7.58 -31.09 -12.94
CA GLU C 101 6.97 -32.36 -13.32
C GLU C 101 5.48 -32.39 -13.06
N LEU C 102 4.97 -31.50 -12.21
CA LEU C 102 3.55 -31.23 -12.13
C LEU C 102 3.14 -30.11 -13.07
N TRP C 103 4.05 -29.20 -13.44
CA TRP C 103 3.72 -28.24 -14.48
C TRP C 103 3.65 -28.88 -15.86
N LYS C 104 4.37 -29.98 -16.07
CA LYS C 104 4.47 -30.56 -17.40
C LYS C 104 3.61 -31.79 -17.59
N LYS C 105 3.33 -32.54 -16.52
CA LYS C 105 2.31 -33.57 -16.61
C LYS C 105 0.99 -32.97 -17.07
N VAL C 106 0.64 -31.79 -16.56
CA VAL C 106 -0.66 -31.16 -16.79
C VAL C 106 -0.60 -30.28 -18.04
N TYR C 107 0.23 -29.25 -18.00
CA TYR C 107 0.25 -28.22 -19.03
C TYR C 107 1.18 -28.52 -20.18
N GLY C 108 1.76 -29.72 -20.24
CA GLY C 108 2.81 -29.97 -21.21
C GLY C 108 3.87 -28.89 -21.07
N ASP C 109 4.20 -28.22 -22.17
CA ASP C 109 5.03 -27.03 -22.08
C ASP C 109 4.28 -25.74 -22.38
N ALA C 110 3.07 -25.65 -21.87
CA ALA C 110 2.36 -24.38 -21.88
C ALA C 110 3.16 -23.36 -21.09
N LYS C 111 3.41 -22.21 -21.71
CA LYS C 111 3.96 -21.08 -20.97
C LYS C 111 2.82 -20.15 -20.58
N VAL C 112 2.70 -19.90 -19.28
CA VAL C 112 1.72 -18.97 -18.73
C VAL C 112 2.48 -17.77 -18.17
N LYS C 113 1.97 -16.57 -18.44
CA LYS C 113 2.67 -15.34 -18.07
C LYS C 113 3.00 -15.33 -16.58
N PHE C 114 2.05 -15.72 -15.72
CA PHE C 114 2.23 -15.70 -14.29
C PHE C 114 2.88 -17.00 -13.83
N GLN C 115 3.87 -16.87 -12.95
CA GLN C 115 4.73 -18.00 -12.61
C GLN C 115 4.14 -18.78 -11.43
N PRO C 116 3.97 -20.10 -11.55
CA PRO C 116 3.36 -20.87 -10.47
C PRO C 116 4.37 -21.59 -9.58
N LYS C 117 3.90 -22.10 -8.43
CA LYS C 117 4.76 -22.58 -7.36
C LYS C 117 4.10 -23.75 -6.66
N LYS C 118 4.92 -24.69 -6.18
CA LYS C 118 4.49 -25.74 -5.27
C LYS C 118 3.66 -25.13 -4.15
N ALA C 119 2.50 -25.74 -3.88
CA ALA C 119 1.62 -25.21 -2.86
C ALA C 119 2.30 -25.24 -1.50
N GLU C 120 2.16 -24.15 -0.73
CA GLU C 120 2.77 -24.03 0.58
C GLU C 120 1.85 -23.22 1.49
N PRO C 121 1.90 -23.44 2.81
CA PRO C 121 1.06 -22.63 3.71
C PRO C 121 1.43 -21.16 3.65
N VAL C 122 0.52 -20.33 4.17
CA VAL C 122 0.79 -18.91 4.32
C VAL C 122 1.83 -18.66 5.40
N SER C 123 2.08 -19.67 6.24
CA SER C 123 3.01 -19.51 7.36
C SER C 123 4.46 -19.43 6.91
N LYS C 124 4.78 -19.94 5.71
CA LYS C 124 6.18 -20.02 5.28
C LYS C 124 6.79 -18.66 4.98
N TYR C 125 6.00 -17.70 4.53
CA TYR C 125 6.56 -16.42 4.11
C TYR C 125 6.39 -15.32 5.16
N ILE C 126 5.34 -15.40 5.97
CA ILE C 126 5.02 -14.40 7.00
C ILE C 126 4.46 -15.12 8.23
N LYS C 127 4.43 -14.41 9.35
CA LYS C 127 4.02 -14.95 10.64
C LYS C 127 2.50 -15.00 10.79
N VAL C 128 2.00 -16.08 11.39
CA VAL C 128 0.57 -16.31 11.58
C VAL C 128 0.26 -16.16 13.07
N ASP C 129 -0.76 -15.36 13.38
CA ASP C 129 -1.14 -15.14 14.78
C ASP C 129 -2.09 -16.21 15.30
N TYR C 130 -2.97 -16.74 14.45
CA TYR C 130 -3.91 -17.79 14.84
C TYR C 130 -4.31 -18.59 13.61
N ASN C 131 -4.84 -19.79 13.85
CA ASN C 131 -5.25 -20.69 12.78
C ASN C 131 -6.64 -21.25 13.05
N ILE C 132 -7.52 -21.18 12.05
CA ILE C 132 -8.78 -21.89 12.08
C ILE C 132 -8.62 -23.16 11.24
N TYR C 133 -8.97 -24.31 11.83
CA TYR C 133 -8.70 -25.63 11.26
C TYR C 133 -9.96 -26.24 10.65
N GLY C 134 -9.76 -27.32 9.90
CA GLY C 134 -10.81 -27.99 9.16
C GLY C 134 -10.58 -27.89 7.67
N CYS C 135 -11.45 -28.58 6.92
CA CYS C 135 -11.48 -28.47 5.47
C CYS C 135 -12.87 -28.83 4.97
N PRO C 136 -13.80 -27.89 5.04
CA PRO C 136 -13.62 -26.54 5.58
C PRO C 136 -13.75 -26.56 7.11
N PRO C 137 -13.38 -25.46 7.78
CA PRO C 137 -13.67 -25.34 9.22
C PRO C 137 -15.16 -25.46 9.47
N GLU C 138 -15.50 -25.66 10.74
CA GLU C 138 -16.90 -25.76 11.14
C GLU C 138 -17.52 -24.36 11.33
N LYS C 139 -18.85 -24.33 11.35
CA LYS C 139 -19.53 -23.06 11.59
C LYS C 139 -19.20 -22.53 12.98
N LYS C 140 -19.04 -23.44 13.96
CA LYS C 140 -18.65 -23.04 15.30
C LYS C 140 -17.18 -22.61 15.38
N ASP C 141 -16.36 -22.97 14.38
CA ASP C 141 -14.98 -22.48 14.32
C ASP C 141 -14.95 -20.97 14.06
N PHE C 142 -15.71 -20.51 13.06
CA PHE C 142 -15.67 -19.10 12.67
C PHE C 142 -16.30 -18.20 13.74
N LEU C 143 -17.37 -18.66 14.38
CA LEU C 143 -17.96 -17.88 15.47
C LEU C 143 -16.97 -17.71 16.61
N TYR C 144 -16.25 -18.79 16.96
CA TYR C 144 -15.31 -18.74 18.06
C TYR C 144 -14.24 -17.67 17.83
N ALA C 145 -13.50 -17.76 16.73
CA ALA C 145 -12.50 -16.74 16.42
C ALA C 145 -13.10 -15.35 16.44
N LEU C 146 -14.31 -15.20 15.88
CA LEU C 146 -14.91 -13.88 15.72
C LEU C 146 -15.43 -13.32 17.05
N GLY C 147 -16.37 -14.02 17.69
CA GLY C 147 -16.84 -13.56 18.99
C GLY C 147 -15.76 -13.38 20.03
N THR C 148 -14.61 -14.04 19.85
CA THR C 148 -13.49 -13.86 20.77
C THR C 148 -12.66 -12.63 20.43
N PHE C 149 -12.34 -12.45 19.15
CA PHE C 149 -11.56 -11.30 18.72
C PHE C 149 -12.33 -10.00 18.92
N LEU C 150 -13.65 -10.04 18.75
CA LEU C 150 -14.48 -8.84 18.75
C LEU C 150 -14.96 -8.46 20.15
N ILE C 151 -14.45 -9.12 21.19
CA ILE C 151 -14.72 -8.71 22.57
C ILE C 151 -13.45 -8.29 23.31
N GLY C 152 -12.27 -8.59 22.77
CA GLY C 152 -11.04 -8.15 23.39
C GLY C 152 -10.28 -9.34 23.95
N SER C 153 -10.40 -10.47 23.29
CA SER C 153 -9.80 -11.71 23.74
C SER C 153 -8.96 -12.31 22.61
N TRP C 154 -8.47 -13.52 22.84
CA TRP C 154 -7.62 -14.24 21.89
C TRP C 154 -8.07 -15.70 21.85
N PRO C 155 -8.11 -16.31 20.67
CA PRO C 155 -8.59 -17.69 20.56
C PRO C 155 -7.51 -18.74 20.81
N GLU C 156 -7.94 -19.88 21.32
CA GLU C 156 -7.11 -21.07 21.52
C GLU C 156 -7.70 -22.26 20.77
N ASP C 157 -6.91 -23.32 20.64
CA ASP C 157 -7.28 -24.47 19.83
C ASP C 157 -7.39 -25.74 20.65
N ILE C 158 -8.42 -26.53 20.36
CA ILE C 158 -8.61 -27.86 20.95
C ILE C 158 -7.45 -28.77 20.57
N ASP C 159 -6.74 -29.29 21.57
CA ASP C 159 -5.53 -30.04 21.29
C ASP C 159 -5.73 -31.54 21.40
N TYR C 160 -6.96 -32.02 21.33
CA TYR C 160 -7.26 -33.44 21.53
C TYR C 160 -7.90 -34.03 20.28
N PRO C 161 -7.79 -35.36 20.08
CA PRO C 161 -8.13 -35.93 18.77
C PRO C 161 -9.65 -36.06 18.56
N VAL C 162 -9.99 -36.44 17.33
CA VAL C 162 -11.37 -36.71 16.92
C VAL C 162 -11.98 -37.89 17.67
N CYS C 163 -11.19 -38.65 18.43
CA CYS C 163 -11.73 -39.80 19.16
C CYS C 163 -12.45 -39.39 20.43
N LEU C 164 -12.10 -38.24 21.01
CA LEU C 164 -12.78 -37.80 22.20
C LEU C 164 -14.22 -37.40 21.92
N GLU C 165 -14.47 -36.71 20.80
CA GLU C 165 -15.84 -36.43 20.40
C GLU C 165 -16.54 -37.64 19.81
N CYS C 166 -15.81 -38.65 19.34
CA CYS C 166 -16.46 -39.80 18.73
C CYS C 166 -17.05 -40.70 19.79
N ARG C 167 -16.26 -41.02 20.82
CA ARG C 167 -16.78 -41.70 21.99
C ARG C 167 -17.98 -40.96 22.55
N LEU C 168 -17.85 -39.64 22.73
CA LEU C 168 -18.91 -38.87 23.37
C LEU C 168 -20.27 -39.11 22.72
N ASN C 169 -20.29 -39.26 21.40
CA ASN C 169 -21.54 -39.45 20.67
C ASN C 169 -21.96 -40.92 20.60
N GLY C 170 -21.19 -41.82 21.20
CA GLY C 170 -21.52 -43.22 21.17
C GLY C 170 -21.16 -43.92 19.89
N HIS C 171 -20.49 -43.24 18.96
CA HIS C 171 -20.14 -43.84 17.69
C HIS C 171 -19.27 -45.07 17.91
N PRO C 172 -19.67 -46.24 17.41
CA PRO C 172 -18.73 -47.36 17.33
C PRO C 172 -17.49 -46.95 16.54
N CYS C 173 -16.39 -47.66 16.78
CA CYS C 173 -15.14 -47.36 16.10
C CYS C 173 -15.16 -48.07 14.77
N ILE C 174 -15.57 -47.35 13.72
CA ILE C 174 -15.49 -47.85 12.36
C ILE C 174 -14.08 -48.35 12.09
N LEU C 175 -13.10 -47.71 12.69
CA LEU C 175 -11.73 -48.20 12.72
C LEU C 175 -11.71 -49.62 13.26
N LEU C 176 -12.14 -49.78 14.51
CA LEU C 176 -12.07 -51.07 15.16
C LEU C 176 -12.92 -52.11 14.43
N GLU C 177 -14.24 -51.87 14.37
CA GLU C 177 -15.17 -52.92 13.98
C GLU C 177 -15.15 -53.25 12.48
N LYS C 178 -14.42 -52.50 11.64
CA LYS C 178 -14.72 -52.57 10.22
C LYS C 178 -13.52 -52.74 9.27
N GLY C 179 -12.27 -52.69 9.76
CA GLY C 179 -11.14 -52.69 8.85
C GLY C 179 -11.02 -51.44 8.00
N GLU C 180 -12.04 -50.57 8.00
CA GLU C 180 -11.81 -49.16 7.79
C GLU C 180 -10.95 -48.66 8.94
N PRO C 181 -10.32 -47.53 8.79
CA PRO C 181 -9.37 -47.13 9.83
C PRO C 181 -9.26 -45.65 10.15
N CYS C 182 -10.38 -44.93 10.25
CA CYS C 182 -10.49 -43.49 10.53
C CYS C 182 -9.26 -42.78 11.09
N LEU C 183 -8.94 -41.60 10.55
CA LEU C 183 -7.75 -40.85 10.95
C LEU C 183 -7.91 -40.13 12.29
N GLY C 184 -8.72 -40.70 13.18
CA GLY C 184 -9.14 -40.05 14.40
C GLY C 184 -8.05 -39.67 15.39
N PRO C 185 -7.33 -40.66 15.94
CA PRO C 185 -6.40 -40.35 17.05
C PRO C 185 -5.20 -39.47 16.68
N VAL C 186 -5.19 -38.89 15.47
CA VAL C 186 -4.11 -37.99 15.05
C VAL C 186 -4.61 -36.65 14.58
N THR C 187 -5.90 -36.49 14.32
CA THR C 187 -6.45 -35.23 13.85
C THR C 187 -7.09 -34.51 15.00
N ARG C 188 -6.77 -33.22 15.14
CA ARG C 188 -7.42 -32.40 16.15
C ARG C 188 -8.93 -32.38 15.95
N ALA C 189 -9.66 -32.52 17.06
CA ALA C 189 -11.12 -32.63 17.03
C ALA C 189 -11.75 -31.27 16.71
N GLY C 190 -13.08 -31.27 16.65
CA GLY C 190 -13.84 -30.06 16.40
C GLY C 190 -14.90 -30.23 15.33
N CYS C 191 -14.99 -31.45 14.79
CA CYS C 191 -15.94 -31.82 13.75
C CYS C 191 -17.10 -32.64 14.29
N ASN C 192 -17.17 -32.80 15.61
CA ASN C 192 -18.11 -33.69 16.28
C ASN C 192 -18.04 -35.11 15.75
N ALA C 193 -16.86 -35.53 15.28
CA ALA C 193 -16.66 -36.86 14.71
C ALA C 193 -17.63 -37.10 13.56
N ARG C 194 -17.67 -36.14 12.63
CA ARG C 194 -18.60 -36.19 11.51
C ARG C 194 -18.35 -37.40 10.62
N CYS C 195 -17.07 -37.73 10.34
CA CYS C 195 -16.79 -38.86 9.46
C CYS C 195 -17.15 -40.20 10.10
N PRO C 196 -16.71 -40.52 11.33
CA PRO C 196 -17.27 -41.71 11.98
C PRO C 196 -18.77 -41.60 12.20
N GLY C 197 -19.29 -40.39 12.39
CA GLY C 197 -20.72 -40.17 12.54
C GLY C 197 -21.55 -40.59 11.35
N PHE C 198 -20.92 -40.82 10.19
CA PHE C 198 -21.55 -41.45 9.05
C PHE C 198 -20.96 -42.81 8.70
N GLY C 199 -19.87 -43.22 9.36
CA GLY C 199 -19.29 -44.53 9.15
C GLY C 199 -18.07 -44.54 8.27
N VAL C 200 -17.70 -43.41 7.68
CA VAL C 200 -16.53 -43.34 6.80
C VAL C 200 -15.33 -42.93 7.63
N ALA C 201 -14.16 -43.39 7.20
CA ALA C 201 -12.94 -43.14 7.96
C ALA C 201 -12.63 -41.65 7.99
N CYS C 202 -12.23 -41.17 9.18
CA CYS C 202 -11.68 -39.83 9.29
C CYS C 202 -10.49 -39.70 8.34
N ILE C 203 -10.43 -38.60 7.61
CA ILE C 203 -9.32 -38.33 6.70
C ILE C 203 -8.44 -37.19 7.18
N GLY C 204 -8.71 -36.64 8.36
CA GLY C 204 -7.79 -35.74 9.00
C GLY C 204 -7.87 -34.29 8.61
N CYS C 205 -8.92 -33.87 7.90
CA CYS C 205 -8.96 -32.56 7.28
C CYS C 205 -8.75 -31.42 8.26
N ARG C 206 -8.85 -31.70 9.57
CA ARG C 206 -8.52 -30.72 10.59
C ARG C 206 -7.04 -30.72 10.98
N GLY C 207 -6.23 -31.62 10.44
CA GLY C 207 -4.79 -31.52 10.61
C GLY C 207 -4.26 -32.36 11.76
N ALA C 208 -2.96 -32.63 11.71
CA ALA C 208 -2.34 -33.59 12.62
C ALA C 208 -2.18 -33.00 14.02
N ILE C 209 -1.96 -33.90 14.99
CA ILE C 209 -1.70 -33.52 16.38
C ILE C 209 -0.96 -34.68 17.03
N GLY C 210 -0.37 -34.44 18.19
CA GLY C 210 0.48 -35.43 18.83
C GLY C 210 -0.30 -36.51 19.55
N TYR C 211 0.07 -37.77 19.28
CA TYR C 211 -0.42 -38.89 20.08
C TYR C 211 0.61 -39.20 21.15
N ASP C 212 0.58 -38.39 22.21
CA ASP C 212 1.40 -38.61 23.39
C ASP C 212 0.58 -39.10 24.58
N VAL C 213 -0.74 -39.11 24.47
CA VAL C 213 -1.63 -39.83 25.38
C VAL C 213 -2.13 -41.06 24.66
N ALA C 214 -2.34 -42.15 25.42
CA ALA C 214 -2.66 -43.44 24.83
C ALA C 214 -4.17 -43.69 24.90
N TRP C 215 -4.91 -42.94 24.08
CA TRP C 215 -6.37 -43.02 24.07
C TRP C 215 -6.87 -44.43 23.81
N PHE C 216 -6.06 -45.25 23.15
CA PHE C 216 -6.38 -46.67 22.98
C PHE C 216 -5.38 -47.44 23.84
N ASP C 217 -5.90 -48.10 24.88
CA ASP C 217 -5.14 -48.85 25.88
C ASP C 217 -3.75 -49.24 25.39
N SER C 218 -3.70 -49.95 24.28
CA SER C 218 -2.50 -50.06 23.47
C SER C 218 -2.84 -49.58 22.08
N LEU C 219 -2.23 -48.49 21.66
CA LEU C 219 -2.07 -48.26 20.24
C LEU C 219 -0.84 -48.97 19.72
N ALA C 220 -0.63 -50.20 20.18
CA ALA C 220 0.45 -51.06 19.71
C ALA C 220 -0.01 -52.50 19.46
N LYS C 221 -1.31 -52.79 19.57
CA LYS C 221 -1.87 -54.06 19.09
C LYS C 221 -3.26 -53.89 18.47
N VAL C 222 -4.10 -53.01 19.04
CA VAL C 222 -5.51 -52.91 18.63
C VAL C 222 -5.63 -52.57 17.14
N PHE C 223 -4.54 -52.13 16.52
CA PHE C 223 -4.51 -51.65 15.14
C PHE C 223 -3.61 -52.48 14.27
N LYS C 224 -3.64 -53.80 14.39
CA LYS C 224 -2.52 -54.60 13.90
C LYS C 224 -2.79 -55.70 12.87
N GLU C 225 -4.02 -56.20 12.68
CA GLU C 225 -4.21 -57.24 11.68
C GLU C 225 -5.10 -56.84 10.51
N ALA C 226 -5.74 -55.67 10.54
CA ALA C 226 -6.36 -55.18 9.32
C ALA C 226 -5.38 -55.31 8.16
N GLY C 227 -4.15 -54.82 8.34
CA GLY C 227 -3.04 -55.30 7.52
C GLY C 227 -1.97 -54.33 7.07
N MET C 228 -2.07 -53.06 7.44
CA MET C 228 -1.35 -51.97 6.80
C MET C 228 0.14 -51.88 7.21
N THR C 229 0.97 -51.29 6.33
CA THR C 229 2.41 -51.04 6.52
C THR C 229 2.69 -49.64 7.03
N LYS C 230 3.91 -49.43 7.53
CA LYS C 230 4.21 -48.14 8.16
C LYS C 230 4.11 -47.00 7.17
N GLU C 231 4.41 -47.26 5.89
CA GLU C 231 4.23 -46.22 4.89
C GLU C 231 2.77 -46.00 4.54
N GLU C 232 1.87 -46.69 5.23
CA GLU C 232 0.42 -46.55 5.02
C GLU C 232 -0.08 -45.20 5.48
N ILE C 233 0.48 -44.68 6.56
CA ILE C 233 -0.04 -43.47 7.14
C ILE C 233 0.88 -42.33 6.81
N ILE C 234 2.11 -42.62 6.45
CA ILE C 234 3.04 -41.83 5.67
C ILE C 234 2.27 -41.07 4.60
N GLU C 235 0.97 -41.31 4.54
CA GLU C 235 0.14 -41.12 3.37
C GLU C 235 -1.19 -40.47 3.72
N ARG C 236 -1.86 -41.00 4.74
CA ARG C 236 -3.22 -40.59 5.04
C ARG C 236 -3.26 -39.17 5.61
N MET C 237 -2.43 -38.87 6.63
CA MET C 237 -2.39 -37.46 7.01
C MET C 237 -1.51 -36.65 6.09
N LYS C 238 -0.91 -37.27 5.08
CA LYS C 238 -0.25 -36.50 4.03
C LYS C 238 -1.26 -35.66 3.27
N MET C 239 -2.45 -36.19 3.05
CA MET C 239 -3.62 -35.42 2.64
C MET C 239 -3.56 -33.97 3.06
N PHE C 240 -3.46 -33.74 4.36
CA PHE C 240 -3.51 -32.41 4.93
C PHE C 240 -2.27 -32.08 5.76
N ASN C 241 -1.19 -32.85 5.63
CA ASN C 241 0.04 -32.55 6.35
C ASN C 241 1.25 -33.01 5.54
N GLY C 242 1.28 -32.65 4.25
CA GLY C 242 2.40 -33.02 3.39
C GLY C 242 3.63 -32.17 3.55
N HIS C 243 3.54 -31.10 4.34
CA HIS C 243 4.68 -30.29 4.71
C HIS C 243 5.07 -30.45 6.17
N ASP C 244 4.30 -31.21 6.94
CA ASP C 244 4.58 -31.34 8.37
C ASP C 244 5.87 -32.14 8.58
N GLU C 245 6.88 -31.47 9.14
CA GLU C 245 8.19 -32.04 9.37
C GLU C 245 8.28 -32.80 10.69
N ARG C 246 7.20 -32.83 11.47
CA ARG C 246 7.15 -33.61 12.70
C ARG C 246 6.23 -34.82 12.57
N VAL C 247 5.29 -34.78 11.63
CA VAL C 247 4.41 -35.90 11.29
C VAL C 247 5.24 -37.15 10.98
N GLU C 248 6.55 -36.97 10.77
CA GLU C 248 7.45 -38.11 10.67
C GLU C 248 7.72 -38.69 12.05
N LYS C 249 8.65 -38.05 12.76
CA LYS C 249 8.97 -38.43 14.13
C LYS C 249 7.72 -38.60 14.99
N MET C 250 6.63 -37.89 14.66
CA MET C 250 5.35 -38.06 15.34
C MET C 250 4.96 -39.53 15.42
N VAL C 251 5.04 -40.23 14.31
CA VAL C 251 4.65 -41.63 14.20
C VAL C 251 5.60 -42.51 14.99
N ALA C 252 6.87 -42.52 14.58
CA ALA C 252 7.96 -43.18 15.26
C ALA C 252 7.65 -43.53 16.72
N LYS C 253 7.67 -42.52 17.58
CA LYS C 253 7.45 -42.61 19.02
C LYS C 253 6.70 -43.86 19.50
N ILE C 254 5.41 -43.97 19.17
CA ILE C 254 4.61 -45.07 19.71
C ILE C 254 4.94 -46.41 19.07
N PHE C 255 5.73 -46.45 17.99
CA PHE C 255 6.22 -47.72 17.45
C PHE C 255 7.13 -48.42 18.46
N SER C 256 7.19 -47.87 19.67
CA SER C 256 7.88 -48.43 20.82
C SER C 256 6.86 -48.93 21.84
N LEU D 1 -3.27 2.37 -23.19
CA LEU D 1 -4.21 2.66 -22.11
C LEU D 1 -5.27 1.56 -21.89
N PRO D 2 -4.83 0.33 -21.59
CA PRO D 2 -5.79 -0.75 -21.37
C PRO D 2 -6.64 -0.51 -20.13
N ILE D 3 -7.87 -1.02 -20.17
CA ILE D 3 -8.78 -0.96 -19.03
C ILE D 3 -8.76 -2.31 -18.33
N THR D 4 -8.52 -2.28 -17.01
CA THR D 4 -8.23 -3.48 -16.25
C THR D 4 -9.14 -3.57 -15.03
N ILE D 5 -9.69 -4.76 -14.82
CA ILE D 5 -10.36 -5.12 -13.57
C ILE D 5 -9.43 -6.07 -12.82
N ASP D 6 -8.62 -5.52 -11.91
CA ASP D 6 -7.54 -6.31 -11.31
C ASP D 6 -8.06 -7.59 -10.65
N HIS D 7 -9.18 -7.50 -9.96
CA HIS D 7 -9.83 -8.66 -9.35
C HIS D 7 -11.33 -8.49 -9.54
N ILE D 8 -12.01 -9.53 -10.02
CA ILE D 8 -13.45 -9.48 -10.22
C ILE D 8 -14.14 -9.89 -8.92
N ALA D 9 -15.28 -9.25 -8.63
CA ALA D 9 -15.95 -9.43 -7.36
C ALA D 9 -17.31 -10.08 -7.57
N ARG D 10 -17.69 -10.95 -6.62
CA ARG D 10 -18.96 -11.70 -6.62
C ARG D 10 -19.04 -12.67 -7.81
N VAL D 11 -17.94 -13.39 -8.04
CA VAL D 11 -17.94 -14.67 -8.71
C VAL D 11 -17.13 -15.58 -7.79
N GLU D 12 -16.73 -16.75 -8.26
CA GLU D 12 -15.82 -17.53 -7.44
C GLU D 12 -14.51 -17.71 -8.19
N GLY D 13 -13.41 -17.58 -7.47
CA GLY D 13 -12.12 -17.80 -8.10
C GLY D 13 -11.44 -16.50 -8.51
N LYS D 14 -10.12 -16.49 -8.41
CA LYS D 14 -9.29 -15.29 -8.62
C LYS D 14 -8.96 -15.17 -10.10
N GLY D 15 -9.59 -14.19 -10.76
CA GLY D 15 -9.44 -13.91 -12.18
C GLY D 15 -9.39 -12.43 -12.45
N GLY D 16 -9.50 -12.03 -13.71
CA GLY D 16 -9.35 -10.63 -14.05
C GLY D 16 -9.53 -10.38 -15.53
N VAL D 17 -9.88 -9.13 -15.85
CA VAL D 17 -10.16 -8.65 -17.19
C VAL D 17 -9.06 -7.66 -17.59
N GLU D 18 -8.62 -7.76 -18.84
CA GLU D 18 -7.73 -6.77 -19.46
C GLU D 18 -8.27 -6.50 -20.86
N ILE D 19 -8.90 -5.35 -21.03
CA ILE D 19 -9.57 -4.96 -22.27
C ILE D 19 -8.68 -3.94 -22.95
N ILE D 20 -8.08 -4.31 -24.08
CA ILE D 20 -7.12 -3.44 -24.76
C ILE D 20 -7.83 -2.80 -25.95
N ILE D 21 -8.00 -1.50 -25.87
CA ILE D 21 -8.59 -0.72 -26.95
C ILE D 21 -7.50 -0.30 -27.91
N GLY D 22 -7.89 -0.11 -29.18
CA GLY D 22 -6.97 0.40 -30.18
C GLY D 22 -7.37 1.73 -30.76
N ASP D 23 -7.16 1.88 -32.06
CA ASP D 23 -7.66 3.03 -32.81
C ASP D 23 -8.95 2.72 -33.55
N ASP D 24 -9.27 1.44 -33.75
CA ASP D 24 -10.54 1.04 -34.35
C ASP D 24 -11.61 0.70 -33.32
N GLY D 25 -11.26 0.69 -32.03
CA GLY D 25 -12.15 0.21 -30.99
C GLY D 25 -11.35 -0.66 -30.03
N VAL D 26 -11.93 -1.73 -29.53
CA VAL D 26 -11.19 -2.67 -28.70
C VAL D 26 -10.54 -3.71 -29.61
N LYS D 27 -9.21 -3.80 -29.52
CA LYS D 27 -8.47 -4.79 -30.30
C LYS D 27 -8.63 -6.18 -29.72
N GLU D 28 -8.55 -6.30 -28.40
CA GLU D 28 -8.53 -7.61 -27.77
C GLU D 28 -9.07 -7.47 -26.36
N VAL D 29 -9.56 -8.59 -25.84
CA VAL D 29 -10.10 -8.64 -24.50
C VAL D 29 -9.56 -9.91 -23.85
N LYS D 30 -8.59 -9.75 -22.92
CA LYS D 30 -8.03 -10.86 -22.15
C LYS D 30 -8.84 -11.04 -20.88
N LEU D 31 -9.01 -12.31 -20.46
CA LEU D 31 -9.57 -12.65 -19.15
C LEU D 31 -8.47 -13.33 -18.36
N ASN D 32 -7.92 -12.63 -17.37
CA ASN D 32 -6.72 -13.06 -16.69
C ASN D 32 -7.09 -13.95 -15.52
N ILE D 33 -6.77 -15.24 -15.63
CA ILE D 33 -7.04 -16.22 -14.57
C ILE D 33 -5.74 -16.37 -13.80
N ILE D 34 -5.62 -15.64 -12.69
CA ILE D 34 -4.40 -15.69 -11.87
C ILE D 34 -4.57 -16.53 -10.59
N GLU D 35 -5.73 -17.14 -10.38
CA GLU D 35 -5.83 -18.25 -9.44
C GLU D 35 -4.85 -19.37 -9.83
N GLY D 36 -4.01 -19.78 -8.89
CA GLY D 36 -2.93 -20.70 -9.18
C GLY D 36 -3.34 -22.11 -9.56
N PRO D 37 -2.50 -22.76 -10.36
CA PRO D 37 -2.71 -24.19 -10.62
C PRO D 37 -2.61 -24.99 -9.33
N ARG D 38 -3.42 -26.06 -9.26
CA ARG D 38 -3.34 -27.00 -8.14
C ARG D 38 -3.01 -28.42 -8.58
N PHE D 39 -2.93 -28.68 -9.89
CA PHE D 39 -2.32 -29.90 -10.43
C PHE D 39 -3.09 -31.16 -10.04
N PHE D 40 -4.42 -31.04 -9.92
CA PHE D 40 -5.22 -32.10 -9.31
C PHE D 40 -5.18 -33.38 -10.12
N GLU D 41 -5.04 -33.28 -11.45
CA GLU D 41 -4.82 -34.47 -12.25
C GLU D 41 -3.48 -35.10 -11.89
N ALA D 42 -2.42 -34.30 -11.85
CA ALA D 42 -1.09 -34.87 -11.78
C ALA D 42 -0.73 -35.32 -10.36
N ILE D 43 -1.25 -34.64 -9.34
CA ILE D 43 -0.93 -35.05 -7.97
C ILE D 43 -1.67 -36.30 -7.54
N THR D 44 -2.63 -36.78 -8.34
CA THR D 44 -3.30 -38.05 -8.09
C THR D 44 -2.86 -39.14 -9.05
N ILE D 45 -1.68 -39.01 -9.62
CA ILE D 45 -1.16 -40.06 -10.49
C ILE D 45 -0.36 -41.06 -9.66
N GLY D 46 -0.67 -42.34 -9.85
CA GLY D 46 0.09 -43.41 -9.24
C GLY D 46 -0.36 -43.77 -7.84
N LYS D 47 -1.66 -43.60 -7.58
CA LYS D 47 -2.16 -43.63 -6.21
C LYS D 47 -3.52 -44.31 -6.22
N LYS D 48 -3.90 -44.95 -5.09
CA LYS D 48 -5.12 -45.77 -4.98
C LYS D 48 -6.37 -45.13 -5.55
N LEU D 49 -7.44 -45.91 -5.70
CA LEU D 49 -8.65 -45.36 -6.29
C LEU D 49 -9.39 -44.44 -5.32
N GLU D 50 -9.73 -44.94 -4.13
CA GLU D 50 -10.43 -44.13 -3.12
C GLU D 50 -9.65 -42.89 -2.74
N GLU D 51 -8.41 -42.76 -3.22
CA GLU D 51 -7.61 -41.57 -2.98
C GLU D 51 -8.22 -40.33 -3.59
N ALA D 52 -7.58 -39.86 -4.66
CA ALA D 52 -8.12 -38.96 -5.66
C ALA D 52 -9.59 -38.60 -5.40
N LEU D 53 -10.41 -39.64 -5.17
CA LEU D 53 -11.85 -39.46 -5.15
C LEU D 53 -12.30 -38.49 -4.06
N ALA D 54 -11.57 -38.42 -2.96
CA ALA D 54 -11.95 -37.57 -1.84
C ALA D 54 -11.05 -36.34 -1.70
N ILE D 55 -10.16 -36.13 -2.66
CA ILE D 55 -9.51 -34.84 -2.86
C ILE D 55 -10.14 -34.11 -4.03
N TYR D 56 -10.89 -34.81 -4.88
CA TYR D 56 -11.56 -34.17 -6.00
C TYR D 56 -12.62 -33.17 -5.56
N PRO D 57 -13.42 -33.40 -4.50
CA PRO D 57 -14.39 -32.38 -4.04
C PRO D 57 -13.77 -31.02 -3.72
N ARG D 58 -12.47 -30.94 -3.44
CA ARG D 58 -11.83 -29.68 -3.05
C ARG D 58 -11.50 -28.80 -4.25
N ILE D 59 -11.95 -29.20 -5.45
CA ILE D 59 -11.70 -28.43 -6.67
C ILE D 59 -12.62 -27.23 -6.74
N CYS D 60 -13.89 -27.41 -6.40
CA CYS D 60 -14.89 -26.35 -6.35
C CYS D 60 -15.67 -26.48 -5.06
N SER D 61 -15.95 -25.35 -4.42
CA SER D 61 -16.97 -25.40 -3.38
C SER D 61 -18.36 -25.41 -3.99
N PHE D 62 -18.62 -24.55 -4.97
CA PHE D 62 -19.96 -24.48 -5.57
C PHE D 62 -20.28 -25.77 -6.33
N CYS D 63 -19.39 -26.18 -7.24
CA CYS D 63 -19.47 -27.49 -7.91
C CYS D 63 -18.86 -28.63 -7.07
N SER D 64 -19.15 -28.71 -5.76
CA SER D 64 -18.45 -29.63 -4.87
C SER D 64 -19.07 -31.03 -4.84
N ALA D 65 -20.40 -31.13 -4.80
CA ALA D 65 -21.11 -32.38 -5.05
C ALA D 65 -21.31 -32.65 -6.53
N ALA D 66 -20.70 -31.84 -7.39
CA ALA D 66 -20.62 -32.18 -8.80
C ALA D 66 -19.29 -32.84 -9.12
N HIS D 67 -18.22 -32.38 -8.46
CA HIS D 67 -16.93 -33.01 -8.62
C HIS D 67 -16.90 -34.41 -7.98
N LYS D 68 -17.49 -34.57 -6.80
CA LYS D 68 -17.46 -35.86 -6.10
C LYS D 68 -18.22 -36.92 -6.87
N LEU D 69 -19.52 -36.71 -7.11
CA LEU D 69 -20.33 -37.72 -7.77
C LEU D 69 -19.99 -37.92 -9.25
N THR D 70 -19.19 -37.05 -9.85
CA THR D 70 -18.70 -37.32 -11.19
C THR D 70 -17.43 -38.16 -11.16
N ALA D 71 -16.61 -38.00 -10.12
CA ALA D 71 -15.43 -38.85 -9.98
C ALA D 71 -15.82 -40.30 -9.67
N LEU D 72 -16.90 -40.50 -8.89
CA LEU D 72 -17.33 -41.86 -8.56
C LEU D 72 -17.86 -42.57 -9.78
N GLU D 73 -18.53 -41.83 -10.69
CA GLU D 73 -19.08 -42.48 -11.88
C GLU D 73 -17.99 -42.79 -12.90
N ALA D 74 -16.95 -41.97 -12.98
CA ALA D 74 -15.79 -42.36 -13.79
C ALA D 74 -14.99 -43.46 -13.12
N ALA D 75 -14.92 -43.45 -11.78
CA ALA D 75 -14.21 -44.51 -11.10
C ALA D 75 -15.00 -45.82 -11.14
N GLU D 76 -16.33 -45.74 -11.14
CA GLU D 76 -17.13 -46.96 -11.10
C GLU D 76 -17.32 -47.58 -12.48
N LYS D 77 -17.28 -46.77 -13.54
CA LYS D 77 -17.19 -47.38 -14.87
C LYS D 77 -15.85 -48.09 -15.04
N ALA D 78 -14.78 -47.54 -14.45
CA ALA D 78 -13.44 -48.10 -14.65
C ALA D 78 -13.24 -49.41 -13.91
N VAL D 79 -13.89 -49.61 -12.76
CA VAL D 79 -13.78 -50.85 -12.01
C VAL D 79 -14.90 -51.83 -12.33
N GLY D 80 -15.85 -51.45 -13.17
CA GLY D 80 -16.91 -52.36 -13.54
C GLY D 80 -17.91 -52.63 -12.43
N PHE D 81 -18.27 -51.60 -11.67
CA PHE D 81 -19.32 -51.68 -10.67
C PHE D 81 -20.46 -50.75 -11.07
N VAL D 82 -21.68 -51.25 -10.95
CA VAL D 82 -22.89 -50.48 -11.26
C VAL D 82 -23.59 -50.15 -9.94
N PRO D 83 -24.13 -48.94 -9.77
CA PRO D 83 -24.91 -48.65 -8.57
C PRO D 83 -26.34 -49.17 -8.69
N ARG D 84 -26.92 -49.49 -7.55
CA ARG D 84 -28.32 -49.88 -7.53
C ARG D 84 -29.21 -48.72 -7.98
N GLU D 85 -30.50 -49.02 -8.14
CA GLU D 85 -31.43 -48.02 -8.69
C GLU D 85 -31.73 -46.92 -7.67
N GLU D 86 -32.05 -47.30 -6.43
CA GLU D 86 -32.33 -46.31 -5.39
C GLU D 86 -31.06 -45.65 -4.87
N ILE D 87 -29.89 -46.22 -5.16
CA ILE D 87 -28.63 -45.57 -4.83
C ILE D 87 -28.33 -44.45 -5.82
N GLN D 88 -28.33 -44.76 -7.12
CA GLN D 88 -28.15 -43.73 -8.13
C GLN D 88 -29.21 -42.65 -7.99
N ALA D 89 -30.43 -43.02 -7.63
CA ALA D 89 -31.48 -42.03 -7.47
C ALA D 89 -31.13 -41.03 -6.37
N LEU D 90 -30.59 -41.53 -5.25
CA LEU D 90 -30.16 -40.62 -4.18
C LEU D 90 -28.93 -39.82 -4.59
N ARG D 91 -28.07 -40.38 -5.45
CA ARG D 91 -26.93 -39.64 -5.96
C ARG D 91 -27.38 -38.44 -6.79
N GLU D 92 -28.46 -38.59 -7.56
CA GLU D 92 -29.02 -37.45 -8.28
C GLU D 92 -29.69 -36.48 -7.33
N VAL D 93 -30.30 -36.98 -6.25
CA VAL D 93 -30.91 -36.12 -5.26
C VAL D 93 -29.85 -35.29 -4.54
N LEU D 94 -28.74 -35.93 -4.15
CA LEU D 94 -27.60 -35.20 -3.60
C LEU D 94 -27.01 -34.23 -4.63
N TYR D 95 -27.08 -34.58 -5.92
CA TYR D 95 -26.69 -33.65 -6.97
C TYR D 95 -27.63 -32.46 -7.06
N ILE D 96 -28.91 -32.68 -6.76
CA ILE D 96 -29.92 -31.62 -6.85
C ILE D 96 -29.79 -30.62 -5.70
N GLY D 97 -29.40 -31.05 -4.50
CA GLY D 97 -29.11 -30.09 -3.45
C GLY D 97 -27.94 -29.19 -3.80
N ASP D 98 -27.03 -29.68 -4.65
CA ASP D 98 -25.98 -28.82 -5.17
C ASP D 98 -26.50 -27.94 -6.29
N MET D 99 -27.49 -28.41 -7.04
CA MET D 99 -28.11 -27.61 -8.08
C MET D 99 -28.96 -26.48 -7.49
N ILE D 100 -29.76 -26.78 -6.47
CA ILE D 100 -30.57 -25.73 -5.83
C ILE D 100 -29.66 -24.66 -5.23
N GLU D 101 -28.77 -25.10 -4.34
CA GLU D 101 -28.00 -24.16 -3.53
C GLU D 101 -27.11 -23.27 -4.39
N SER D 102 -26.32 -23.87 -5.28
CA SER D 102 -25.40 -23.07 -6.08
C SER D 102 -26.16 -21.95 -6.80
N HIS D 103 -27.26 -22.30 -7.49
CA HIS D 103 -28.02 -21.29 -8.23
C HIS D 103 -28.55 -20.20 -7.30
N ALA D 104 -29.01 -20.56 -6.11
CA ALA D 104 -29.53 -19.56 -5.19
C ALA D 104 -28.39 -18.70 -4.63
N LEU D 105 -27.28 -19.32 -4.24
CA LEU D 105 -26.11 -18.55 -3.85
C LEU D 105 -25.60 -17.72 -5.02
N HIS D 106 -25.91 -18.12 -6.26
CA HIS D 106 -25.49 -17.38 -7.44
C HIS D 106 -26.49 -16.29 -7.80
N LEU D 107 -27.72 -16.69 -8.14
CA LEU D 107 -28.70 -15.74 -8.64
C LEU D 107 -28.88 -14.58 -7.68
N TYR D 108 -28.99 -14.88 -6.38
CA TYR D 108 -29.36 -13.93 -5.35
C TYR D 108 -28.15 -13.17 -4.77
N LEU D 109 -27.09 -13.89 -4.41
CA LEU D 109 -25.93 -13.23 -3.83
C LEU D 109 -25.01 -12.67 -4.91
N LEU D 110 -24.85 -13.38 -6.02
CA LEU D 110 -23.85 -12.96 -7.00
C LEU D 110 -24.45 -12.05 -8.08
N VAL D 111 -25.55 -12.45 -8.72
CA VAL D 111 -26.08 -11.73 -9.87
C VAL D 111 -26.90 -10.51 -9.46
N LEU D 112 -27.86 -10.69 -8.55
CA LEU D 112 -28.86 -9.66 -8.31
C LEU D 112 -28.31 -8.32 -7.82
N PRO D 113 -27.28 -8.27 -6.94
CA PRO D 113 -26.83 -6.95 -6.43
C PRO D 113 -26.54 -5.88 -7.47
N ASP D 114 -26.20 -6.27 -8.71
CA ASP D 114 -25.76 -5.29 -9.70
C ASP D 114 -26.93 -4.59 -10.38
N TYR D 115 -27.98 -5.34 -10.70
CA TYR D 115 -29.21 -4.78 -11.26
C TYR D 115 -30.06 -4.08 -10.21
N ARG D 116 -29.47 -3.78 -9.05
CA ARG D 116 -30.15 -3.09 -7.96
C ARG D 116 -29.31 -1.97 -7.34
N GLY D 117 -28.10 -1.74 -7.82
CA GLY D 117 -27.28 -0.65 -7.35
C GLY D 117 -26.34 -0.96 -6.22
N TYR D 118 -26.22 -2.23 -5.83
CA TYR D 118 -25.40 -2.61 -4.68
C TYR D 118 -24.14 -3.34 -5.13
N SER D 119 -23.09 -3.21 -4.32
CA SER D 119 -21.87 -3.99 -4.52
C SER D 119 -21.88 -5.28 -3.74
N SER D 120 -22.61 -5.35 -2.63
CA SER D 120 -22.67 -6.51 -1.77
C SER D 120 -24.11 -6.92 -1.52
N PRO D 121 -24.39 -8.23 -1.45
CA PRO D 121 -25.71 -8.67 -0.95
C PRO D 121 -25.87 -8.48 0.55
N LEU D 122 -24.78 -8.49 1.32
CA LEU D 122 -24.91 -8.18 2.74
C LEU D 122 -25.52 -6.79 2.95
N LYS D 123 -25.40 -5.92 1.94
CA LYS D 123 -26.10 -4.64 1.94
C LYS D 123 -27.55 -4.79 1.49
N MET D 124 -27.77 -5.49 0.37
CA MET D 124 -29.02 -5.53 -0.41
C MET D 124 -30.23 -5.90 0.41
N VAL D 125 -29.98 -6.34 1.65
CA VAL D 125 -30.96 -7.11 2.41
C VAL D 125 -32.10 -6.24 2.91
N ASN D 126 -31.83 -4.99 3.27
CA ASN D 126 -32.83 -4.15 3.93
C ASN D 126 -34.03 -3.87 3.04
N GLU D 127 -33.79 -3.31 1.87
CA GLU D 127 -34.87 -2.84 1.00
C GLU D 127 -35.58 -3.98 0.27
N TYR D 128 -34.98 -5.17 0.24
CA TYR D 128 -35.57 -6.38 -0.35
C TYR D 128 -35.34 -7.50 0.66
N LYS D 129 -36.20 -7.58 1.67
CA LYS D 129 -35.93 -8.58 2.70
C LYS D 129 -36.54 -9.94 2.40
N ARG D 130 -37.73 -9.99 1.82
CA ARG D 130 -38.23 -11.30 1.45
C ARG D 130 -37.36 -11.92 0.36
N GLU D 131 -36.95 -11.10 -0.62
CA GLU D 131 -35.99 -11.56 -1.61
C GLU D 131 -34.83 -12.29 -0.95
N ILE D 132 -34.27 -11.72 0.12
CA ILE D 132 -33.23 -12.45 0.81
C ILE D 132 -33.83 -13.57 1.65
N GLU D 133 -34.99 -13.32 2.28
CA GLU D 133 -35.63 -14.37 3.07
C GLU D 133 -35.90 -15.58 2.20
N ILE D 134 -36.28 -15.32 0.95
CA ILE D 134 -36.44 -16.40 -0.03
C ILE D 134 -35.09 -16.91 -0.47
N ALA D 135 -34.11 -16.01 -0.64
CA ALA D 135 -32.77 -16.42 -1.06
C ALA D 135 -32.12 -17.34 -0.04
N LEU D 136 -32.33 -17.07 1.25
CA LEU D 136 -31.68 -17.89 2.25
C LEU D 136 -32.34 -19.26 2.37
N LYS D 137 -33.65 -19.35 2.14
CA LYS D 137 -34.33 -20.64 2.28
C LYS D 137 -33.97 -21.59 1.13
N LEU D 138 -34.13 -21.14 -0.12
CA LEU D 138 -33.74 -21.97 -1.26
C LEU D 138 -32.29 -22.44 -1.12
N LYS D 139 -31.40 -21.56 -0.63
CA LYS D 139 -30.05 -22.01 -0.28
C LYS D 139 -30.08 -23.02 0.85
N ASN D 140 -30.86 -22.75 1.90
CA ASN D 140 -30.90 -23.60 3.09
C ASN D 140 -31.42 -24.99 2.74
N LEU D 141 -32.44 -25.06 1.88
CA LEU D 141 -32.84 -26.36 1.37
C LEU D 141 -31.71 -27.02 0.61
N GLY D 142 -30.89 -26.23 -0.08
CA GLY D 142 -29.70 -26.79 -0.71
C GLY D 142 -28.67 -27.28 0.30
N THR D 143 -28.31 -26.42 1.27
CA THR D 143 -27.29 -26.79 2.24
C THR D 143 -27.70 -28.01 3.08
N TRP D 144 -28.99 -28.10 3.48
CA TRP D 144 -29.45 -29.18 4.33
C TRP D 144 -29.53 -30.50 3.56
N MET D 145 -29.86 -30.45 2.27
CA MET D 145 -29.85 -31.65 1.43
C MET D 145 -28.47 -32.26 1.30
N MET D 146 -27.40 -31.49 1.52
CA MET D 146 -26.04 -32.01 1.45
C MET D 146 -25.44 -32.33 2.81
N ASP D 147 -26.07 -31.90 3.91
CA ASP D 147 -25.69 -32.42 5.21
C ASP D 147 -26.38 -33.73 5.52
N ILE D 148 -27.60 -33.92 5.02
CA ILE D 148 -28.33 -35.17 5.28
C ILE D 148 -27.69 -36.31 4.50
N LEU D 149 -27.35 -36.08 3.22
CA LEU D 149 -26.86 -37.12 2.32
C LEU D 149 -25.35 -37.15 2.26
N GLY D 150 -24.73 -36.01 2.04
CA GLY D 150 -23.28 -35.92 1.94
C GLY D 150 -22.58 -35.52 3.21
N SER D 151 -23.27 -35.54 4.35
CA SER D 151 -22.69 -35.19 5.65
C SER D 151 -22.17 -33.78 5.72
N ARG D 152 -22.11 -33.10 4.57
CA ARG D 152 -21.25 -31.94 4.38
C ARG D 152 -21.70 -31.19 3.14
N ALA D 153 -22.05 -29.91 3.32
CA ALA D 153 -22.34 -29.08 2.16
C ALA D 153 -21.13 -28.96 1.25
N ILE D 154 -19.94 -28.91 1.84
CA ILE D 154 -18.69 -28.71 1.11
C ILE D 154 -17.82 -29.95 1.29
N HIS D 155 -17.48 -30.62 0.16
CA HIS D 155 -16.60 -31.78 0.09
C HIS D 155 -17.19 -33.00 0.80
N GLN D 156 -18.10 -33.68 0.12
CA GLN D 156 -19.02 -34.63 0.76
C GLN D 156 -18.30 -35.93 1.11
N GLU D 157 -18.25 -36.26 2.40
CA GLU D 157 -17.49 -37.43 2.83
C GLU D 157 -18.34 -38.67 3.07
N ASN D 158 -19.66 -38.56 2.94
CA ASN D 158 -20.53 -39.73 3.14
C ASN D 158 -20.58 -40.58 1.88
N ALA D 159 -20.71 -39.93 0.73
CA ALA D 159 -20.71 -40.65 -0.54
C ALA D 159 -19.35 -41.29 -0.74
N VAL D 160 -19.36 -42.61 -0.93
CA VAL D 160 -18.13 -43.37 -1.04
C VAL D 160 -18.32 -44.38 -2.16
N LEU D 161 -17.38 -45.32 -2.26
CA LEU D 161 -17.43 -46.32 -3.33
C LEU D 161 -18.51 -47.33 -3.04
N GLY D 162 -19.43 -47.52 -3.99
CA GLY D 162 -20.50 -48.49 -3.88
C GLY D 162 -21.85 -47.90 -3.52
N GLY D 163 -21.86 -46.73 -2.88
CA GLY D 163 -23.09 -46.07 -2.49
C GLY D 163 -22.84 -44.93 -1.51
N PHE D 164 -23.41 -45.02 -0.31
CA PHE D 164 -23.14 -44.05 0.74
C PHE D 164 -22.50 -44.75 1.93
N GLY D 165 -22.26 -43.99 2.99
CA GLY D 165 -21.76 -44.57 4.22
C GLY D 165 -22.85 -44.84 5.24
N LYS D 166 -23.94 -44.09 5.14
CA LYS D 166 -25.09 -44.25 6.03
C LYS D 166 -26.26 -43.48 5.45
N LEU D 167 -27.39 -44.13 5.33
CA LEU D 167 -28.58 -43.50 4.76
C LEU D 167 -29.46 -42.99 5.89
N PRO D 168 -29.90 -41.72 5.83
CA PRO D 168 -30.80 -41.19 6.86
C PRO D 168 -32.02 -42.06 7.11
N GLU D 169 -32.62 -41.93 8.30
CA GLU D 169 -33.84 -42.63 8.65
C GLU D 169 -34.93 -42.34 7.63
N LYS D 170 -35.97 -43.18 7.60
CA LYS D 170 -37.03 -42.99 6.61
C LYS D 170 -37.75 -41.66 6.82
N SER D 171 -38.16 -41.37 8.06
CA SER D 171 -38.91 -40.15 8.34
C SER D 171 -38.15 -38.90 7.95
N VAL D 172 -36.84 -38.99 7.74
CA VAL D 172 -36.08 -37.84 7.26
C VAL D 172 -36.24 -37.70 5.76
N LEU D 173 -36.42 -38.82 5.05
CA LEU D 173 -36.72 -38.76 3.61
C LEU D 173 -38.13 -38.22 3.34
N GLU D 174 -38.99 -38.20 4.34
CA GLU D 174 -40.35 -37.70 4.19
C GLU D 174 -40.43 -36.21 4.48
N LYS D 175 -39.83 -35.76 5.60
CA LYS D 175 -39.78 -34.33 5.90
C LYS D 175 -39.08 -33.55 4.79
N MET D 176 -38.26 -34.24 3.99
CA MET D 176 -37.56 -33.63 2.87
C MET D 176 -38.51 -33.37 1.70
N LYS D 177 -39.27 -34.39 1.30
CA LYS D 177 -40.36 -34.18 0.36
C LYS D 177 -41.34 -33.11 0.85
N ALA D 178 -41.43 -32.90 2.17
CA ALA D 178 -42.25 -31.85 2.73
C ALA D 178 -41.60 -30.48 2.56
N GLU D 179 -40.27 -30.39 2.68
CA GLU D 179 -39.61 -29.10 2.54
C GLU D 179 -39.35 -28.77 1.08
N LEU D 180 -39.20 -29.80 0.24
CA LEU D 180 -39.14 -29.58 -1.21
C LEU D 180 -40.41 -28.90 -1.71
N ARG D 181 -41.56 -29.52 -1.47
CA ARG D 181 -42.83 -28.86 -1.74
C ARG D 181 -42.90 -27.51 -1.05
N GLU D 182 -42.40 -27.43 0.20
CA GLU D 182 -42.36 -26.13 0.86
C GLU D 182 -41.50 -25.13 0.10
N ALA D 183 -40.51 -25.62 -0.66
CA ALA D 183 -39.57 -24.75 -1.36
C ALA D 183 -40.09 -24.24 -2.70
N LEU D 184 -41.13 -24.85 -3.28
CA LEU D 184 -41.55 -24.53 -4.64
C LEU D 184 -42.07 -23.11 -4.84
N PRO D 185 -42.89 -22.54 -3.95
CA PRO D 185 -43.31 -21.13 -4.16
C PRO D 185 -42.14 -20.16 -4.25
N LEU D 186 -41.16 -20.26 -3.34
CA LEU D 186 -39.92 -19.51 -3.46
C LEU D 186 -39.32 -19.64 -4.86
N ALA D 187 -39.08 -20.89 -5.30
CA ALA D 187 -38.45 -21.12 -6.59
C ALA D 187 -39.24 -20.43 -7.71
N GLU D 188 -40.55 -20.69 -7.74
CA GLU D 188 -41.40 -20.07 -8.75
C GLU D 188 -41.29 -18.55 -8.71
N TYR D 189 -41.17 -17.99 -7.52
CA TYR D 189 -41.03 -16.56 -7.38
C TYR D 189 -39.72 -16.07 -7.98
N THR D 190 -38.60 -16.75 -7.69
CA THR D 190 -37.32 -16.38 -8.26
C THR D 190 -37.37 -16.30 -9.79
N PHE D 191 -37.95 -17.32 -10.43
CA PHE D 191 -38.15 -17.28 -11.87
C PHE D 191 -38.87 -16.01 -12.28
N GLU D 192 -40.02 -15.74 -11.65
CA GLU D 192 -40.75 -14.52 -11.97
C GLU D 192 -39.90 -13.29 -11.71
N LEU D 193 -39.14 -13.29 -10.61
CA LEU D 193 -38.16 -12.24 -10.38
C LEU D 193 -37.27 -12.05 -11.61
N PHE D 194 -36.55 -13.11 -12.01
CA PHE D 194 -35.48 -12.94 -12.99
C PHE D 194 -35.95 -12.87 -14.44
N ALA D 195 -37.21 -13.17 -14.73
CA ALA D 195 -37.69 -12.97 -16.10
C ALA D 195 -37.90 -11.51 -16.44
N LYS D 196 -38.09 -10.64 -15.44
CA LYS D 196 -38.23 -9.22 -15.72
C LYS D 196 -36.90 -8.53 -15.92
N LEU D 197 -35.80 -9.17 -15.51
CA LEU D 197 -34.51 -8.53 -15.66
C LEU D 197 -34.10 -8.45 -17.13
N GLU D 198 -33.38 -7.39 -17.46
CA GLU D 198 -33.07 -7.13 -18.85
C GLU D 198 -32.01 -8.09 -19.36
N GLN D 199 -32.19 -8.49 -20.63
CA GLN D 199 -31.14 -9.15 -21.42
C GLN D 199 -30.61 -8.08 -22.37
N TYR D 200 -29.35 -7.68 -22.15
CA TYR D 200 -28.83 -6.48 -22.79
C TYR D 200 -28.55 -6.77 -24.26
N SER D 201 -29.12 -5.94 -25.14
CA SER D 201 -29.08 -6.19 -26.58
C SER D 201 -27.68 -6.15 -27.17
N GLU D 202 -26.68 -5.71 -26.41
CA GLU D 202 -25.33 -5.63 -26.96
C GLU D 202 -24.71 -7.01 -27.13
N VAL D 203 -25.17 -7.99 -26.36
CA VAL D 203 -24.63 -9.35 -26.40
C VAL D 203 -25.59 -10.27 -27.15
N GLU D 204 -26.25 -9.73 -28.18
CA GLU D 204 -27.03 -10.54 -29.10
C GLU D 204 -26.14 -10.97 -30.27
N GLY D 205 -26.37 -12.19 -30.75
CA GLY D 205 -25.52 -12.85 -31.72
C GLY D 205 -25.60 -14.35 -31.60
N PRO D 206 -24.77 -15.09 -32.35
CA PRO D 206 -24.91 -16.57 -32.40
C PRO D 206 -24.03 -17.41 -31.45
N ILE D 207 -24.67 -18.26 -30.64
CA ILE D 207 -24.00 -19.08 -29.63
C ILE D 207 -24.30 -20.56 -29.86
N THR D 208 -23.27 -21.40 -29.77
CA THR D 208 -23.48 -22.83 -29.82
C THR D 208 -23.53 -23.38 -28.39
N HIS D 209 -24.49 -24.27 -28.14
CA HIS D 209 -24.81 -24.76 -26.80
C HIS D 209 -24.62 -26.27 -26.73
N LEU D 210 -23.68 -26.70 -25.91
CA LEU D 210 -23.54 -28.12 -25.57
C LEU D 210 -24.23 -28.40 -24.26
N ALA D 211 -24.70 -29.64 -24.13
CA ALA D 211 -25.36 -30.13 -22.92
C ALA D 211 -25.38 -31.64 -22.96
N VAL D 212 -25.13 -32.24 -21.81
CA VAL D 212 -25.23 -33.69 -21.70
C VAL D 212 -26.66 -34.11 -21.99
N LYS D 213 -26.86 -34.91 -23.05
CA LYS D 213 -28.16 -35.54 -23.20
C LYS D 213 -28.40 -36.43 -21.99
N PRO D 214 -29.55 -36.31 -21.32
CA PRO D 214 -29.78 -37.11 -20.10
C PRO D 214 -30.40 -38.47 -20.40
N ARG D 215 -29.87 -39.50 -19.74
CA ARG D 215 -30.43 -40.84 -19.91
C ARG D 215 -31.84 -40.89 -19.36
N GLY D 216 -32.71 -41.63 -20.05
CA GLY D 216 -34.09 -41.77 -19.63
C GLY D 216 -35.01 -40.79 -20.33
N ASP D 217 -36.10 -40.39 -19.66
CA ASP D 217 -37.08 -39.50 -20.27
C ASP D 217 -37.23 -38.19 -19.50
N ALA D 218 -36.20 -37.77 -18.76
CA ALA D 218 -36.30 -36.54 -17.99
C ALA D 218 -35.03 -35.69 -18.11
N TYR D 219 -35.25 -34.39 -18.19
CA TYR D 219 -34.23 -33.38 -17.92
C TYR D 219 -33.39 -33.85 -16.73
N GLY D 220 -32.18 -34.31 -17.00
CA GLY D 220 -31.35 -34.88 -15.97
C GLY D 220 -29.95 -34.30 -15.96
N ILE D 221 -29.14 -34.88 -15.07
CA ILE D 221 -27.76 -34.51 -14.87
C ILE D 221 -26.83 -35.53 -15.53
N TYR D 222 -26.99 -36.80 -15.17
CA TYR D 222 -26.24 -37.85 -15.83
C TYR D 222 -26.72 -37.99 -17.28
N GLY D 223 -25.76 -38.45 -18.12
CA GLY D 223 -25.99 -38.72 -19.51
C GLY D 223 -24.73 -39.10 -20.26
N ASP D 224 -24.93 -39.87 -21.32
CA ASP D 224 -23.86 -40.44 -22.12
C ASP D 224 -23.54 -39.81 -23.47
N TYR D 225 -24.32 -38.85 -23.96
CA TYR D 225 -24.23 -38.40 -25.35
C TYR D 225 -24.24 -36.88 -25.33
N ILE D 226 -23.11 -36.26 -25.60
CA ILE D 226 -23.01 -34.81 -25.49
C ILE D 226 -23.58 -34.19 -26.76
N LYS D 227 -24.64 -33.39 -26.61
CA LYS D 227 -25.35 -32.78 -27.71
C LYS D 227 -24.69 -31.44 -28.09
N ALA D 228 -24.99 -30.98 -29.30
CA ALA D 228 -24.66 -29.62 -29.69
C ALA D 228 -25.83 -29.03 -30.47
N SER D 229 -26.13 -27.76 -30.20
CA SER D 229 -27.30 -27.10 -30.77
C SER D 229 -27.23 -26.92 -32.29
N ASP D 230 -26.11 -27.25 -32.94
CA ASP D 230 -26.04 -27.23 -34.40
C ASP D 230 -26.55 -28.51 -35.04
N GLY D 231 -27.27 -29.35 -34.30
CA GLY D 231 -27.77 -30.61 -34.82
C GLY D 231 -26.80 -31.76 -34.72
N GLU D 232 -25.93 -31.77 -33.72
CA GLU D 232 -24.91 -32.79 -33.55
C GLU D 232 -25.14 -33.58 -32.28
N GLU D 233 -24.34 -34.64 -32.13
CA GLU D 233 -24.40 -35.54 -30.97
C GLU D 233 -23.24 -36.51 -31.04
N PHE D 234 -22.44 -36.60 -29.99
CA PHE D 234 -21.33 -37.53 -29.92
C PHE D 234 -21.36 -38.30 -28.60
N PRO D 235 -20.72 -39.46 -28.54
CA PRO D 235 -20.60 -40.17 -27.26
C PRO D 235 -19.79 -39.34 -26.26
N SER D 236 -20.01 -39.64 -24.97
CA SER D 236 -19.39 -38.83 -23.92
C SER D 236 -17.98 -39.25 -23.59
N GLU D 237 -17.58 -40.49 -23.92
CA GLU D 237 -16.18 -40.87 -23.79
C GLU D 237 -15.33 -40.20 -24.87
N LYS D 238 -15.86 -40.10 -26.10
CA LYS D 238 -15.21 -39.39 -27.19
C LYS D 238 -15.36 -37.87 -27.08
N TYR D 239 -15.59 -37.36 -25.87
CA TYR D 239 -15.56 -35.94 -25.57
C TYR D 239 -14.19 -35.34 -25.85
N ARG D 240 -13.40 -35.99 -26.69
CA ARG D 240 -12.08 -35.49 -27.01
C ARG D 240 -11.81 -35.38 -28.50
N ASP D 241 -12.58 -36.06 -29.34
CA ASP D 241 -12.48 -35.87 -30.79
C ASP D 241 -13.21 -34.63 -31.27
N TYR D 242 -14.09 -34.04 -30.44
CA TYR D 242 -14.93 -32.94 -30.89
C TYR D 242 -14.95 -31.74 -29.97
N ILE D 243 -14.24 -31.77 -28.84
CA ILE D 243 -14.02 -30.56 -28.07
C ILE D 243 -12.50 -30.37 -27.94
N LYS D 244 -12.08 -29.11 -27.94
CA LYS D 244 -10.69 -28.70 -28.19
C LYS D 244 -10.24 -27.72 -27.11
N GLU D 245 -9.45 -28.17 -26.14
CA GLU D 245 -8.90 -27.27 -25.13
C GLU D 245 -7.57 -26.71 -25.61
N PHE D 246 -7.21 -25.53 -25.10
CA PHE D 246 -5.87 -25.02 -25.34
C PHE D 246 -5.42 -24.07 -24.25
N VAL D 247 -4.08 -23.92 -24.17
CA VAL D 247 -3.47 -23.05 -23.17
C VAL D 247 -3.17 -21.70 -23.81
N VAL D 248 -3.34 -20.64 -23.03
CA VAL D 248 -2.88 -19.31 -23.41
C VAL D 248 -2.09 -18.74 -22.25
N GLU D 249 -1.28 -17.71 -22.56
CA GLU D 249 -0.28 -17.15 -21.67
C GLU D 249 -0.85 -16.39 -20.50
N HIS D 250 -2.09 -15.91 -20.61
CA HIS D 250 -2.67 -15.03 -19.59
C HIS D 250 -3.65 -15.74 -18.70
N SER D 251 -3.71 -17.07 -18.75
CA SER D 251 -4.77 -17.82 -18.10
C SER D 251 -4.26 -19.20 -17.72
N PHE D 252 -4.35 -19.53 -16.41
CA PHE D 252 -4.02 -20.89 -15.97
C PHE D 252 -5.09 -21.88 -16.40
N ALA D 253 -6.34 -21.45 -16.53
CA ALA D 253 -7.33 -22.30 -17.15
C ALA D 253 -7.05 -22.42 -18.65
N LYS D 254 -7.76 -23.32 -19.30
CA LYS D 254 -7.42 -23.79 -20.63
C LYS D 254 -8.62 -23.57 -21.55
N HIS D 255 -8.52 -22.57 -22.45
CA HIS D 255 -9.66 -22.19 -23.26
C HIS D 255 -10.08 -23.36 -24.15
N SER D 256 -11.38 -23.51 -24.37
CA SER D 256 -11.91 -24.67 -25.07
C SER D 256 -12.49 -24.28 -26.42
N HIS D 257 -12.47 -25.23 -27.36
CA HIS D 257 -13.03 -25.04 -28.69
C HIS D 257 -13.90 -26.22 -29.06
N TYR D 258 -14.92 -25.94 -29.87
CA TYR D 258 -15.78 -26.96 -30.45
C TYR D 258 -15.86 -26.56 -31.92
N LYS D 259 -15.08 -27.26 -32.75
CA LYS D 259 -14.91 -26.92 -34.17
C LYS D 259 -14.24 -25.57 -34.36
N GLY D 260 -13.24 -25.28 -33.53
CA GLY D 260 -12.46 -24.07 -33.65
C GLY D 260 -13.06 -22.83 -33.04
N ARG D 261 -14.39 -22.77 -32.88
CA ARG D 261 -15.03 -21.54 -32.43
C ARG D 261 -15.52 -21.69 -30.99
N PRO D 262 -15.62 -20.60 -30.24
CA PRO D 262 -16.09 -20.70 -28.85
C PRO D 262 -17.53 -21.17 -28.76
N PHE D 263 -17.82 -21.90 -27.69
CA PHE D 263 -19.15 -22.41 -27.35
C PHE D 263 -19.41 -22.13 -25.87
N MET D 264 -20.59 -22.55 -25.40
CA MET D 264 -21.09 -22.18 -24.09
C MET D 264 -21.64 -23.42 -23.40
N VAL D 265 -21.55 -23.45 -22.08
CA VAL D 265 -22.27 -24.42 -21.27
C VAL D 265 -22.82 -23.72 -20.03
N GLY D 266 -23.79 -24.37 -19.39
CA GLY D 266 -24.49 -23.77 -18.27
C GLY D 266 -25.96 -24.16 -18.31
N ALA D 267 -26.78 -23.35 -17.64
CA ALA D 267 -28.20 -23.67 -17.54
C ALA D 267 -28.90 -23.49 -18.88
N ILE D 268 -28.63 -22.38 -19.56
CA ILE D 268 -29.33 -22.13 -20.82
C ILE D 268 -28.95 -23.18 -21.85
N SER D 269 -27.68 -23.58 -21.86
CA SER D 269 -27.19 -24.55 -22.84
C SER D 269 -27.79 -25.94 -22.63
N ARG D 270 -28.35 -26.20 -21.44
CA ARG D 270 -29.17 -27.40 -21.22
C ARG D 270 -30.60 -27.20 -21.70
N VAL D 271 -31.18 -26.03 -21.39
CA VAL D 271 -32.54 -25.74 -21.83
C VAL D 271 -32.63 -25.76 -23.35
N ILE D 272 -31.66 -25.14 -24.03
CA ILE D 272 -31.61 -25.20 -25.48
C ILE D 272 -31.66 -26.66 -25.94
N ASN D 273 -30.73 -27.48 -25.45
CA ASN D 273 -30.57 -28.83 -25.98
C ASN D 273 -31.66 -29.78 -25.51
N ASN D 274 -32.26 -29.55 -24.34
CA ASN D 274 -33.13 -30.55 -23.72
C ASN D 274 -34.44 -30.00 -23.17
N ALA D 275 -34.91 -28.83 -23.63
CA ALA D 275 -36.13 -28.26 -23.04
C ALA D 275 -37.35 -29.13 -23.29
N ASP D 276 -37.26 -30.07 -24.23
CA ASP D 276 -38.40 -30.95 -24.47
C ASP D 276 -38.56 -31.98 -23.38
N LEU D 277 -37.49 -32.30 -22.66
CA LEU D 277 -37.49 -33.25 -21.56
C LEU D 277 -37.94 -32.63 -20.24
N LEU D 278 -38.52 -31.44 -20.28
CA LEU D 278 -38.98 -30.77 -19.08
C LEU D 278 -40.45 -31.11 -18.81
N TYR D 279 -40.81 -31.21 -17.53
CA TYR D 279 -42.21 -31.50 -17.16
C TYR D 279 -42.54 -30.79 -15.86
N GLY D 280 -43.74 -31.04 -15.35
CA GLY D 280 -44.16 -30.33 -14.16
C GLY D 280 -44.28 -28.84 -14.42
N LYS D 281 -44.28 -28.06 -13.33
CA LYS D 281 -44.36 -26.61 -13.45
C LYS D 281 -43.24 -26.02 -14.29
N ALA D 282 -42.13 -26.75 -14.46
CA ALA D 282 -41.03 -26.22 -15.27
C ALA D 282 -41.42 -26.16 -16.74
N LYS D 283 -42.11 -27.18 -17.26
CA LYS D 283 -42.37 -27.25 -18.69
C LYS D 283 -43.32 -26.14 -19.14
N GLU D 284 -44.30 -25.79 -18.29
CA GLU D 284 -45.22 -24.71 -18.63
C GLU D 284 -44.55 -23.36 -18.52
N LEU D 285 -43.77 -23.14 -17.47
CA LEU D 285 -43.02 -21.92 -17.33
C LEU D 285 -42.00 -21.74 -18.45
N TYR D 286 -41.64 -22.83 -19.13
CA TYR D 286 -40.77 -22.72 -20.28
C TYR D 286 -41.56 -22.32 -21.52
N GLU D 287 -42.80 -22.82 -21.65
CA GLU D 287 -43.62 -22.47 -22.80
C GLU D 287 -44.08 -21.02 -22.75
N ALA D 288 -44.60 -20.59 -21.60
CA ALA D 288 -45.00 -19.22 -21.35
C ALA D 288 -43.84 -18.22 -21.44
N ASN D 289 -42.62 -18.67 -21.77
CA ASN D 289 -41.43 -17.84 -21.63
C ASN D 289 -40.33 -18.30 -22.58
N LYS D 290 -40.69 -18.71 -23.81
CA LYS D 290 -39.68 -19.14 -24.78
C LYS D 290 -38.90 -17.93 -25.30
N ASP D 291 -39.57 -16.81 -25.59
CA ASP D 291 -38.83 -15.64 -26.06
C ASP D 291 -37.77 -15.18 -25.06
N LEU D 292 -37.92 -15.56 -23.78
CA LEU D 292 -36.99 -15.18 -22.72
C LEU D 292 -35.93 -16.25 -22.44
N LEU D 293 -36.06 -17.44 -23.04
CA LEU D 293 -35.07 -18.51 -22.89
C LEU D 293 -34.52 -18.92 -24.24
N LYS D 294 -34.15 -17.93 -25.06
CA LYS D 294 -33.53 -18.17 -26.36
C LYS D 294 -32.03 -18.39 -26.17
N GLY D 295 -31.44 -19.11 -27.10
CA GLY D 295 -30.02 -19.39 -26.98
C GLY D 295 -29.06 -18.33 -27.47
N THR D 296 -29.54 -17.11 -27.76
CA THR D 296 -28.70 -16.09 -28.40
C THR D 296 -28.35 -14.93 -27.47
N ASN D 297 -28.52 -15.11 -26.16
CA ASN D 297 -28.14 -14.01 -25.25
C ASN D 297 -27.63 -14.55 -23.92
N PRO D 298 -26.43 -14.14 -23.49
CA PRO D 298 -25.84 -14.77 -22.29
C PRO D 298 -26.64 -14.52 -21.03
N PHE D 299 -27.32 -13.37 -20.94
CA PHE D 299 -28.04 -13.04 -19.72
C PHE D 299 -29.24 -13.94 -19.49
N ALA D 300 -29.69 -14.68 -20.52
CA ALA D 300 -30.71 -15.70 -20.36
C ALA D 300 -30.21 -16.92 -19.59
N ASN D 301 -28.90 -17.01 -19.31
CA ASN D 301 -28.39 -18.07 -18.44
C ASN D 301 -28.81 -17.89 -16.99
N ASN D 302 -29.22 -16.66 -16.59
CA ASN D 302 -29.65 -16.41 -15.22
C ASN D 302 -31.10 -16.82 -14.99
N LEU D 303 -31.97 -16.59 -15.99
CA LEU D 303 -33.37 -17.03 -15.89
C LEU D 303 -33.52 -18.52 -16.16
N ALA D 304 -32.59 -19.12 -16.91
CA ALA D 304 -32.58 -20.57 -17.08
C ALA D 304 -32.17 -21.27 -15.79
N GLN D 305 -31.30 -20.64 -14.99
CA GLN D 305 -30.98 -21.19 -13.68
C GLN D 305 -32.16 -21.02 -12.73
N ALA D 306 -32.99 -20.00 -12.93
CA ALA D 306 -34.23 -19.88 -12.17
C ALA D 306 -35.32 -20.83 -12.67
N LEU D 307 -35.25 -21.28 -13.91
CA LEU D 307 -36.17 -22.30 -14.39
C LEU D 307 -35.84 -23.68 -13.83
N GLU D 308 -34.56 -23.98 -13.62
CA GLU D 308 -34.16 -25.30 -13.16
C GLU D 308 -34.48 -25.50 -11.69
N ILE D 309 -34.38 -24.43 -10.89
CA ILE D 309 -34.75 -24.49 -9.49
C ILE D 309 -36.23 -24.81 -9.33
N VAL D 310 -37.04 -24.51 -10.34
CA VAL D 310 -38.42 -24.97 -10.34
C VAL D 310 -38.48 -26.43 -10.78
N TYR D 311 -37.62 -26.81 -11.74
CA TYR D 311 -37.63 -28.19 -12.20
C TYR D 311 -37.13 -29.14 -11.12
N PHE D 312 -35.89 -28.93 -10.67
CA PHE D 312 -35.26 -29.91 -9.80
C PHE D 312 -35.86 -29.96 -8.40
N ILE D 313 -36.69 -28.98 -8.03
CA ILE D 313 -37.49 -29.16 -6.82
C ILE D 313 -38.55 -30.23 -7.05
N GLU D 314 -39.20 -30.20 -8.23
CA GLU D 314 -40.20 -31.22 -8.54
C GLU D 314 -39.56 -32.54 -8.93
N ARG D 315 -38.50 -32.53 -9.74
CA ARG D 315 -37.88 -33.79 -10.12
C ARG D 315 -37.33 -34.53 -8.90
N ALA D 316 -36.96 -33.80 -7.86
CA ALA D 316 -36.49 -34.43 -6.63
C ALA D 316 -37.61 -34.90 -5.71
N ILE D 317 -38.88 -34.60 -6.01
CA ILE D 317 -39.93 -35.25 -5.21
C ILE D 317 -40.24 -36.62 -5.78
N ASP D 318 -40.19 -36.76 -7.11
CA ASP D 318 -40.42 -38.07 -7.72
C ASP D 318 -39.25 -39.01 -7.45
N LEU D 319 -38.02 -38.48 -7.49
CA LEU D 319 -36.84 -39.29 -7.18
C LEU D 319 -36.84 -39.79 -5.74
N LEU D 320 -37.50 -39.06 -4.83
CA LEU D 320 -37.62 -39.49 -3.42
C LEU D 320 -38.79 -40.42 -3.18
N ASP D 321 -39.71 -40.56 -4.13
CA ASP D 321 -40.74 -41.60 -4.06
C ASP D 321 -40.27 -42.90 -4.69
N GLU D 322 -39.33 -42.82 -5.65
CA GLU D 322 -38.65 -44.00 -6.14
C GLU D 322 -37.85 -44.67 -5.02
N ALA D 323 -36.88 -43.94 -4.46
CA ALA D 323 -35.98 -44.52 -3.46
C ALA D 323 -36.75 -45.05 -2.27
N LEU D 324 -37.80 -44.33 -1.86
CA LEU D 324 -38.59 -44.77 -0.71
C LEU D 324 -39.36 -46.04 -1.01
N ALA D 325 -39.71 -46.26 -2.27
CA ALA D 325 -40.44 -47.48 -2.66
C ALA D 325 -39.56 -48.73 -2.62
N LYS D 326 -38.28 -48.61 -2.27
CA LYS D 326 -37.36 -49.73 -2.18
C LYS D 326 -36.80 -49.88 -0.77
N TRP D 327 -37.47 -49.29 0.22
CA TRP D 327 -36.99 -49.28 1.60
C TRP D 327 -37.18 -50.67 2.23
N PRO D 328 -36.25 -51.07 3.14
CA PRO D 328 -35.01 -50.40 3.55
C PRO D 328 -33.85 -50.53 2.54
N ILE D 329 -32.98 -49.54 2.43
CA ILE D 329 -31.90 -49.52 1.44
C ILE D 329 -30.58 -49.78 2.15
N LYS D 330 -29.78 -50.70 1.58
CA LYS D 330 -28.41 -50.93 2.06
C LYS D 330 -27.49 -49.85 1.51
N PRO D 331 -26.70 -49.17 2.37
CA PRO D 331 -26.04 -47.93 1.94
C PRO D 331 -24.94 -48.10 0.89
N ARG D 332 -24.09 -49.11 1.03
CA ARG D 332 -23.02 -49.29 0.05
C ARG D 332 -22.73 -50.78 -0.12
N ASP D 333 -22.75 -51.23 -1.37
CA ASP D 333 -22.37 -52.60 -1.69
C ASP D 333 -20.87 -52.65 -1.97
N GLU D 334 -20.28 -53.82 -1.72
CA GLU D 334 -18.84 -54.00 -1.92
C GLU D 334 -18.43 -53.71 -3.37
N VAL D 335 -17.46 -52.83 -3.53
CA VAL D 335 -16.85 -52.54 -4.82
C VAL D 335 -15.51 -53.24 -4.90
N GLU D 336 -15.31 -54.02 -5.96
CA GLU D 336 -14.04 -54.67 -6.21
C GLU D 336 -13.26 -53.87 -7.26
N ILE D 337 -12.07 -53.43 -6.89
CA ILE D 337 -11.29 -52.49 -7.70
C ILE D 337 -10.44 -53.33 -8.66
N LYS D 338 -11.02 -53.68 -9.81
CA LYS D 338 -10.24 -54.18 -10.93
C LYS D 338 -9.90 -53.05 -11.90
N ASP D 339 -8.92 -53.34 -12.74
CA ASP D 339 -8.37 -52.35 -13.65
C ASP D 339 -9.33 -52.03 -14.79
N GLY D 340 -9.16 -50.85 -15.36
CA GLY D 340 -9.98 -50.42 -16.48
C GLY D 340 -9.90 -48.91 -16.67
N PHE D 341 -10.90 -48.39 -17.39
CA PHE D 341 -10.99 -47.00 -17.77
C PHE D 341 -12.46 -46.61 -17.86
N GLY D 342 -12.76 -45.35 -17.56
CA GLY D 342 -14.15 -44.93 -17.62
C GLY D 342 -14.33 -43.42 -17.66
N VAL D 343 -15.21 -42.94 -18.52
CA VAL D 343 -15.38 -41.50 -18.74
C VAL D 343 -16.77 -41.11 -18.26
N SER D 344 -16.85 -39.89 -17.74
CA SER D 344 -17.99 -39.44 -16.95
C SER D 344 -18.34 -38.03 -17.39
N THR D 345 -19.58 -37.80 -17.79
CA THR D 345 -20.08 -36.45 -18.05
C THR D 345 -21.47 -36.32 -17.47
N THR D 346 -21.61 -35.53 -16.41
CA THR D 346 -22.91 -35.12 -15.91
C THR D 346 -23.10 -33.63 -16.18
N GLU D 347 -23.80 -32.93 -15.30
CA GLU D 347 -24.10 -31.50 -15.48
C GLU D 347 -23.86 -30.78 -14.15
N ALA D 348 -22.68 -30.18 -13.97
CA ALA D 348 -22.50 -29.33 -12.81
C ALA D 348 -23.31 -28.04 -13.00
N PRO D 349 -23.86 -27.45 -11.92
CA PRO D 349 -24.73 -26.29 -12.08
C PRO D 349 -24.12 -25.16 -12.89
N ARG D 350 -22.85 -25.33 -13.33
CA ARG D 350 -22.27 -24.49 -14.35
C ARG D 350 -22.20 -25.15 -15.71
N GLY D 351 -22.41 -26.47 -15.79
CA GLY D 351 -22.41 -27.16 -17.06
C GLY D 351 -21.71 -28.52 -17.06
N ILE D 352 -21.23 -28.93 -18.22
CA ILE D 352 -20.72 -30.28 -18.45
C ILE D 352 -19.41 -30.47 -17.69
N LEU D 353 -19.45 -31.24 -16.60
CA LEU D 353 -18.24 -31.77 -15.99
C LEU D 353 -17.87 -33.09 -16.66
N VAL D 354 -16.61 -33.19 -17.07
CA VAL D 354 -16.09 -34.42 -17.61
C VAL D 354 -15.07 -35.00 -16.65
N TYR D 355 -15.17 -36.30 -16.43
CA TYR D 355 -14.23 -37.03 -15.60
C TYR D 355 -13.89 -38.30 -16.35
N ALA D 356 -12.60 -38.52 -16.58
CA ALA D 356 -12.08 -39.70 -17.27
C ALA D 356 -11.00 -40.28 -16.37
N LEU D 357 -11.30 -41.43 -15.78
CA LEU D 357 -10.43 -42.09 -14.82
C LEU D 357 -9.94 -43.41 -15.39
N LYS D 358 -8.74 -43.81 -14.96
CA LYS D 358 -8.13 -45.06 -15.35
C LYS D 358 -7.36 -45.61 -14.16
N VAL D 359 -7.44 -46.92 -13.97
CA VAL D 359 -6.84 -47.59 -12.83
C VAL D 359 -5.96 -48.73 -13.33
N GLU D 360 -4.82 -48.94 -12.68
CA GLU D 360 -3.96 -50.10 -12.92
C GLU D 360 -3.38 -50.52 -11.58
N ASN D 361 -3.68 -51.76 -11.14
CA ASN D 361 -3.34 -52.24 -9.80
C ASN D 361 -4.05 -51.43 -8.72
N GLY D 362 -5.33 -51.16 -8.94
CA GLY D 362 -6.07 -50.35 -7.98
C GLY D 362 -5.46 -48.99 -7.73
N ARG D 363 -4.67 -48.49 -8.67
CA ARG D 363 -4.02 -47.19 -8.56
C ARG D 363 -4.53 -46.29 -9.67
N VAL D 364 -4.87 -45.05 -9.33
CA VAL D 364 -5.22 -44.08 -10.34
C VAL D 364 -3.95 -43.83 -11.14
N SER D 365 -3.97 -44.22 -12.41
CA SER D 365 -2.83 -44.04 -13.29
C SER D 365 -3.07 -43.00 -14.37
N TYR D 366 -4.31 -42.59 -14.60
CA TYR D 366 -4.66 -41.56 -15.56
C TYR D 366 -5.80 -40.74 -14.98
N ALA D 367 -5.72 -39.42 -15.15
CA ALA D 367 -6.77 -38.52 -14.70
C ALA D 367 -6.85 -37.31 -15.64
N ASP D 368 -8.07 -36.87 -15.92
CA ASP D 368 -8.30 -35.65 -16.68
C ASP D 368 -9.57 -34.98 -16.18
N ILE D 369 -9.48 -33.69 -15.87
CA ILE D 369 -10.60 -32.95 -15.31
C ILE D 369 -10.82 -31.67 -16.13
N ILE D 370 -11.96 -31.57 -16.79
CA ILE D 370 -12.34 -30.35 -17.49
C ILE D 370 -13.65 -29.83 -16.89
N THR D 371 -13.63 -28.58 -16.44
CA THR D 371 -14.74 -28.00 -15.70
C THR D 371 -15.51 -27.01 -16.56
N PRO D 372 -16.80 -26.77 -16.27
CA PRO D 372 -17.67 -26.18 -17.27
C PRO D 372 -17.41 -24.70 -17.50
N THR D 373 -16.83 -24.01 -16.51
CA THR D 373 -16.33 -22.66 -16.74
C THR D 373 -15.00 -22.65 -17.51
N ALA D 374 -14.23 -23.74 -17.48
CA ALA D 374 -13.09 -23.83 -18.38
C ALA D 374 -13.57 -23.95 -19.83
N PHE D 375 -14.61 -24.73 -20.06
CA PHE D 375 -15.34 -24.72 -21.32
C PHE D 375 -15.82 -23.33 -21.72
N ASN D 376 -15.89 -22.38 -20.77
CA ASN D 376 -16.63 -21.13 -20.94
C ASN D 376 -15.77 -19.91 -21.24
N LEU D 377 -14.49 -19.90 -20.91
CA LEU D 377 -13.72 -18.66 -21.02
C LEU D 377 -13.52 -18.16 -22.46
N ALA D 378 -13.68 -19.01 -23.48
CA ALA D 378 -13.50 -18.58 -24.86
C ALA D 378 -14.72 -17.87 -25.41
N MET D 379 -15.92 -18.33 -25.02
CA MET D 379 -17.12 -17.60 -25.36
C MET D 379 -17.39 -16.45 -24.38
N MET D 380 -16.87 -16.56 -23.14
CA MET D 380 -16.89 -15.45 -22.22
C MET D 380 -16.14 -14.25 -22.79
N GLU D 381 -14.88 -14.48 -23.17
CA GLU D 381 -14.04 -13.44 -23.75
C GLU D 381 -14.73 -12.78 -24.94
N GLU D 382 -15.45 -13.56 -25.74
CA GLU D 382 -16.10 -13.02 -26.92
C GLU D 382 -17.32 -12.18 -26.57
N HIS D 383 -18.03 -12.53 -25.49
CA HIS D 383 -19.20 -11.74 -25.08
C HIS D 383 -18.77 -10.43 -24.44
N VAL D 384 -17.75 -10.47 -23.57
CA VAL D 384 -17.19 -9.26 -22.99
C VAL D 384 -16.70 -8.30 -24.07
N ARG D 385 -16.25 -8.83 -25.22
CA ARG D 385 -15.79 -7.96 -26.30
C ARG D 385 -16.94 -7.23 -26.96
N MET D 386 -18.09 -7.89 -27.11
CA MET D 386 -19.27 -7.22 -27.67
C MET D 386 -19.70 -6.07 -26.76
N MET D 387 -19.66 -6.28 -25.46
CA MET D 387 -20.04 -5.23 -24.51
C MET D 387 -19.05 -4.07 -24.55
N ALA D 388 -17.76 -4.38 -24.63
CA ALA D 388 -16.73 -3.35 -24.60
C ALA D 388 -16.74 -2.51 -25.86
N GLU D 389 -16.96 -3.15 -27.02
CA GLU D 389 -16.97 -2.44 -28.29
C GLU D 389 -18.04 -1.36 -28.32
N LYS D 390 -19.19 -1.64 -27.73
CA LYS D 390 -20.31 -0.70 -27.76
C LYS D 390 -20.24 0.34 -26.65
N HIS D 391 -19.32 0.20 -25.69
CA HIS D 391 -19.25 1.16 -24.58
C HIS D 391 -17.84 1.68 -24.32
N TYR D 392 -16.85 1.33 -25.15
CA TYR D 392 -15.48 1.74 -24.85
C TYR D 392 -15.26 3.24 -24.97
N ASN D 393 -16.28 4.02 -25.37
CA ASN D 393 -16.19 5.47 -25.40
C ASN D 393 -17.11 6.12 -24.38
N ASP D 394 -17.37 5.42 -23.28
CA ASP D 394 -18.19 5.91 -22.19
C ASP D 394 -17.32 6.12 -20.95
N ASP D 395 -17.97 6.41 -19.83
CA ASP D 395 -17.28 6.57 -18.56
C ASP D 395 -16.63 5.26 -18.13
N PRO D 396 -15.32 5.24 -17.82
CA PRO D 396 -14.62 3.97 -17.59
C PRO D 396 -15.26 3.08 -16.51
N GLU D 397 -15.75 3.66 -15.43
CA GLU D 397 -16.46 2.86 -14.45
C GLU D 397 -17.88 2.51 -14.90
N ARG D 398 -18.37 3.10 -15.99
CA ARG D 398 -19.59 2.59 -16.62
C ARG D 398 -19.27 1.48 -17.61
N LEU D 399 -18.04 1.44 -18.13
CA LEU D 399 -17.64 0.34 -18.98
C LEU D 399 -17.46 -0.94 -18.18
N LYS D 400 -16.89 -0.83 -16.97
CA LYS D 400 -16.59 -2.02 -16.16
C LYS D 400 -17.87 -2.67 -15.64
N ILE D 401 -18.78 -1.86 -15.10
CA ILE D 401 -19.97 -2.38 -14.42
C ILE D 401 -20.74 -3.33 -15.32
N LEU D 402 -20.72 -3.08 -16.63
CA LEU D 402 -21.43 -3.88 -17.61
C LEU D 402 -20.64 -5.12 -18.04
N ALA D 403 -19.33 -4.96 -18.29
CA ALA D 403 -18.47 -6.08 -18.60
C ALA D 403 -18.69 -7.23 -17.61
N GLU D 404 -18.57 -6.93 -16.30
CA GLU D 404 -18.52 -7.96 -15.26
C GLU D 404 -19.85 -8.69 -15.11
N MET D 405 -20.98 -7.99 -15.28
CA MET D 405 -22.28 -8.65 -15.32
C MET D 405 -22.30 -9.77 -16.39
N VAL D 406 -21.68 -9.55 -17.55
CA VAL D 406 -21.58 -10.59 -18.58
C VAL D 406 -20.64 -11.71 -18.12
N VAL D 407 -19.56 -11.34 -17.42
CA VAL D 407 -18.72 -12.31 -16.73
C VAL D 407 -19.52 -13.05 -15.67
N ARG D 408 -20.37 -12.32 -14.95
CA ARG D 408 -21.15 -12.87 -13.84
C ARG D 408 -22.34 -13.69 -14.31
N ALA D 409 -22.86 -13.43 -15.51
CA ALA D 409 -23.97 -14.23 -16.04
C ALA D 409 -23.54 -15.63 -16.49
N TYR D 410 -22.24 -15.93 -16.47
CA TYR D 410 -21.73 -17.28 -16.72
C TYR D 410 -21.55 -18.08 -15.45
N ASP D 411 -21.67 -17.44 -14.29
CA ASP D 411 -21.32 -18.05 -13.00
C ASP D 411 -19.97 -18.77 -13.05
N PRO D 412 -18.90 -18.08 -13.47
CA PRO D 412 -17.66 -18.80 -13.74
C PRO D 412 -17.08 -19.30 -12.44
N CYS D 413 -16.64 -20.56 -12.44
CA CYS D 413 -16.02 -21.18 -11.27
C CYS D 413 -14.53 -21.34 -11.56
N ILE D 414 -13.82 -20.23 -11.50
CA ILE D 414 -12.44 -20.19 -12.01
C ILE D 414 -11.54 -21.08 -11.17
N SER D 415 -11.79 -21.14 -9.85
CA SER D 415 -11.06 -22.07 -9.01
C SER D 415 -11.13 -23.46 -9.58
N CYS D 416 -12.33 -23.93 -9.91
CA CYS D 416 -12.45 -25.24 -10.52
C CYS D 416 -12.20 -25.19 -12.01
N SER D 417 -12.13 -23.99 -12.60
CA SER D 417 -11.70 -23.87 -13.98
C SER D 417 -10.24 -24.27 -14.16
N VAL D 418 -9.40 -24.01 -13.17
CA VAL D 418 -7.97 -24.33 -13.28
C VAL D 418 -7.80 -25.84 -13.17
N HIS D 419 -7.12 -26.41 -14.17
CA HIS D 419 -6.63 -27.81 -14.24
C HIS D 419 -5.67 -27.97 -15.42
#